data_5QH5
# 
_entry.id   5QH5 
# 
_audit_conform.dict_name       mmcif_pdbx.dic 
_audit_conform.dict_version    5.381 
_audit_conform.dict_location   http://mmcif.pdb.org/dictionaries/ascii/mmcif_pdbx.dic 
# 
loop_
_database_2.database_id 
_database_2.database_code 
_database_2.pdbx_database_accession 
_database_2.pdbx_DOI 
PDB   5QH5         pdb_00005qh5 10.2210/pdb5qh5/pdb 
WWPDB D_1001401942 ?            ?                   
# 
_pdbx_database_status.entry_id                        5QH5 
_pdbx_database_status.status_code                     REL 
_pdbx_database_status.status_code_sf                  REL 
_pdbx_database_status.status_code_mr                  ? 
_pdbx_database_status.status_code_cs                  ? 
_pdbx_database_status.recvd_initial_deposition_date   2018-05-15 
_pdbx_database_status.deposit_site                    RCSB 
_pdbx_database_status.process_site                    RCSB 
_pdbx_database_status.SG_entry                        ? 
_pdbx_database_status.pdb_format_compatible           Y 
_pdbx_database_status.methods_development_category    ? 
_pdbx_database_status.status_code_nmr_data            ? 
# 
loop_
_audit_author.name 
_audit_author.pdbx_ordinal 
_audit_author.identifier_ORCID 
'Krojer, T.'         1  ? 
'Talon, R.'          2  ? 
'Fairhead, M.'       3  ? 
'Diaz Saez, L.'      4  ? 
'Bradley, A.R.'      5  ? 
'Aimon, A.'          6  ? 
'Collins, P.'        7  ? 
'Brandao-Neto, J.'   8  ? 
'Douangamath, A.'    9  ? 
'Ruda, G.F.'         10 ? 
'Szommer, T.'        11 ? 
'Srikannathasan, V.' 12 ? 
'Elkins, J.'         13 ? 
'Spencer, J.'        14 ? 
'London, N.'         15 ? 
'Nelson, A.'         16 ? 
'Brennan, P.E.'      17 ? 
'Huber, K.'          18 ? 
'Bountra, C.'        19 ? 
'Arrowsmith, C.H.'   20 ? 
'Edwards, A.'        21 ? 
'von Delft, F.'      22 ? 
# 
_citation.id                        primary 
_citation.title                     'PanDDA analysis group deposition of models with modelled events (e.g. bound ligands)' 
_citation.journal_abbrev            'To Be Published' 
_citation.journal_volume            ? 
_citation.page_first                ? 
_citation.page_last                 ? 
_citation.year                      ? 
_citation.journal_id_ASTM           ? 
_citation.country                   ? 
_citation.journal_id_ISSN           ? 
_citation.journal_id_CSD            0353 
_citation.book_publisher            ? 
_citation.pdbx_database_id_PubMed   ? 
_citation.pdbx_database_id_DOI      ? 
# 
loop_
_citation_author.citation_id 
_citation_author.name 
_citation_author.identifier_ORCID 
_citation_author.ordinal 
primary 'Krojer, T.'         ? 1  
primary 'Talon, R.'          ? 2  
primary 'Fairhead, M.'       ? 3  
primary 'Diaz Saez, L.'      ? 4  
primary 'Bradley, A.R.'      ? 5  
primary 'Aimon, A.'          ? 6  
primary 'Collins, P.'        ? 7  
primary 'Brandao-Neto, J.'   ? 8  
primary 'Douangamath, A.'    ? 9  
primary 'Ruda, G.F.'         ? 10 
primary 'Szommer, T.'        ? 11 
primary 'Srikannathasan, V.' ? 12 
primary 'Elkins, J.'         ? 13 
primary 'Spencer, J.'        ? 14 
primary 'London, N.'         ? 15 
primary 'Nelson, A.'         ? 16 
primary 'Brennan, P.E.'      ? 17 
primary 'Huber, K.'          ? 18 
primary 'Bountra, C.'        ? 19 
primary 'Arrowsmith, C.H.'   ? 20 
primary 'Edwards, A.'        ? 21 
primary 'von Delft, F.'      ? 22 
# 
_cell.entry_id           5QH5 
_cell.length_a           125.210 
_cell.length_b           125.210 
_cell.length_c           41.275 
_cell.angle_alpha        90.000 
_cell.angle_beta         90.000 
_cell.angle_gamma        120.000 
_cell.Z_PDB              6 
_cell.pdbx_unique_axis   ? 
# 
_symmetry.entry_id                         5QH5 
_symmetry.Int_Tables_number                150 
_symmetry.space_group_name_H-M             'P 3 2 1' 
_symmetry.pdbx_full_space_group_name_H-M   ? 
_symmetry.cell_setting                     ? 
# 
loop_
_entity.id 
_entity.type 
_entity.src_method 
_entity.pdbx_description 
_entity.formula_weight 
_entity.pdbx_number_of_molecules 
_entity.pdbx_ec 
_entity.pdbx_mutation 
_entity.pdbx_fragment 
_entity.details 
1 polymer     man 'Peroxisomal coenzyme A diphosphatase NUDT7' 22197.600 1   3.6.1.- ? ? ? 
2 non-polymer syn 'ACETATE ION'                                59.044    2   ?       ? ? ? 
3 non-polymer syn 'DIMETHYL SULFOXIDE'                         78.133    2   ?       ? ? ? 
4 non-polymer syn 'N-(1,2-oxazol-3-yl)-2-phenylacetamide'      202.209   1   ?       ? ? ? 
5 water       nat water                                        18.015    161 ?       ? ? ? 
# 
_entity_name_com.entity_id   1 
_entity_name_com.name        'Nucleoside diphosphate-linked moiety X motif 7,Nudix motif 7' 
# 
_entity_poly.entity_id                      1 
_entity_poly.type                           'polypeptide(L)' 
_entity_poly.nstd_linkage                   no 
_entity_poly.nstd_monomer                   yes 
_entity_poly.pdbx_seq_one_letter_code       
;SMLDDAKARLRKYDIGGKYSHLPYNKYSVLLPLVAKEGKLHLLFTVRSEKLRRAPGEVCFPGGKRDPTDMDDAATALREA
QEEVGLR(HYP)HQVEVV(CSO)CLVPCLIDTDTLITPFVGLIDHNFQAQPNPAEVKDVFLVPLAYFLHPQVHDQHYVTR
LGHRFINHIFEYTNPEDGVTYQIKGMTANLAVLVAFIILEKKPT
;
_entity_poly.pdbx_seq_one_letter_code_can   
;SMLDDAKARLRKYDIGGKYSHLPYNKYSVLLPLVAKEGKLHLLFTVRSEKLRRAPGEVCFPGGKRDPTDMDDAATALREA
QEEVGLRPHQVEVVCCLVPCLIDTDTLITPFVGLIDHNFQAQPNPAEVKDVFLVPLAYFLHPQVHDQHYVTRLGHRFINH
IFEYTNPEDGVTYQIKGMTANLAVLVAFIILEKKPT
;
_entity_poly.pdbx_strand_id                 A 
_entity_poly.pdbx_target_identifier         ? 
# 
loop_
_entity_poly_seq.entity_id 
_entity_poly_seq.num 
_entity_poly_seq.mon_id 
_entity_poly_seq.hetero 
1 1   SER n 
1 2   MET n 
1 3   LEU n 
1 4   ASP n 
1 5   ASP n 
1 6   ALA n 
1 7   LYS n 
1 8   ALA n 
1 9   ARG n 
1 10  LEU n 
1 11  ARG n 
1 12  LYS n 
1 13  TYR n 
1 14  ASP n 
1 15  ILE n 
1 16  GLY n 
1 17  GLY n 
1 18  LYS n 
1 19  TYR n 
1 20  SER n 
1 21  HIS n 
1 22  LEU n 
1 23  PRO n 
1 24  TYR n 
1 25  ASN n 
1 26  LYS n 
1 27  TYR n 
1 28  SER n 
1 29  VAL n 
1 30  LEU n 
1 31  LEU n 
1 32  PRO n 
1 33  LEU n 
1 34  VAL n 
1 35  ALA n 
1 36  LYS n 
1 37  GLU n 
1 38  GLY n 
1 39  LYS n 
1 40  LEU n 
1 41  HIS n 
1 42  LEU n 
1 43  LEU n 
1 44  PHE n 
1 45  THR n 
1 46  VAL n 
1 47  ARG n 
1 48  SER n 
1 49  GLU n 
1 50  LYS n 
1 51  LEU n 
1 52  ARG n 
1 53  ARG n 
1 54  ALA n 
1 55  PRO n 
1 56  GLY n 
1 57  GLU n 
1 58  VAL n 
1 59  CYS n 
1 60  PHE n 
1 61  PRO n 
1 62  GLY n 
1 63  GLY n 
1 64  LYS n 
1 65  ARG n 
1 66  ASP n 
1 67  PRO n 
1 68  THR n 
1 69  ASP n 
1 70  MET n 
1 71  ASP n 
1 72  ASP n 
1 73  ALA n 
1 74  ALA n 
1 75  THR n 
1 76  ALA n 
1 77  LEU n 
1 78  ARG n 
1 79  GLU n 
1 80  ALA n 
1 81  GLN n 
1 82  GLU n 
1 83  GLU n 
1 84  VAL n 
1 85  GLY n 
1 86  LEU n 
1 87  ARG n 
1 88  HYP n 
1 89  HIS n 
1 90  GLN n 
1 91  VAL n 
1 92  GLU n 
1 93  VAL n 
1 94  VAL n 
1 95  CSO n 
1 96  CYS n 
1 97  LEU n 
1 98  VAL n 
1 99  PRO n 
1 100 CYS n 
1 101 LEU n 
1 102 ILE n 
1 103 ASP n 
1 104 THR n 
1 105 ASP n 
1 106 THR n 
1 107 LEU n 
1 108 ILE n 
1 109 THR n 
1 110 PRO n 
1 111 PHE n 
1 112 VAL n 
1 113 GLY n 
1 114 LEU n 
1 115 ILE n 
1 116 ASP n 
1 117 HIS n 
1 118 ASN n 
1 119 PHE n 
1 120 GLN n 
1 121 ALA n 
1 122 GLN n 
1 123 PRO n 
1 124 ASN n 
1 125 PRO n 
1 126 ALA n 
1 127 GLU n 
1 128 VAL n 
1 129 LYS n 
1 130 ASP n 
1 131 VAL n 
1 132 PHE n 
1 133 LEU n 
1 134 VAL n 
1 135 PRO n 
1 136 LEU n 
1 137 ALA n 
1 138 TYR n 
1 139 PHE n 
1 140 LEU n 
1 141 HIS n 
1 142 PRO n 
1 143 GLN n 
1 144 VAL n 
1 145 HIS n 
1 146 ASP n 
1 147 GLN n 
1 148 HIS n 
1 149 TYR n 
1 150 VAL n 
1 151 THR n 
1 152 ARG n 
1 153 LEU n 
1 154 GLY n 
1 155 HIS n 
1 156 ARG n 
1 157 PHE n 
1 158 ILE n 
1 159 ASN n 
1 160 HIS n 
1 161 ILE n 
1 162 PHE n 
1 163 GLU n 
1 164 TYR n 
1 165 THR n 
1 166 ASN n 
1 167 PRO n 
1 168 GLU n 
1 169 ASP n 
1 170 GLY n 
1 171 VAL n 
1 172 THR n 
1 173 TYR n 
1 174 GLN n 
1 175 ILE n 
1 176 LYS n 
1 177 GLY n 
1 178 MET n 
1 179 THR n 
1 180 ALA n 
1 181 ASN n 
1 182 LEU n 
1 183 ALA n 
1 184 VAL n 
1 185 LEU n 
1 186 VAL n 
1 187 ALA n 
1 188 PHE n 
1 189 ILE n 
1 190 ILE n 
1 191 LEU n 
1 192 GLU n 
1 193 LYS n 
1 194 LYS n 
1 195 PRO n 
1 196 THR n 
# 
_entity_src_gen.entity_id                          1 
_entity_src_gen.pdbx_src_id                        1 
_entity_src_gen.pdbx_alt_source_flag               sample 
_entity_src_gen.pdbx_seq_type                      'Biological sequence' 
_entity_src_gen.pdbx_beg_seq_num                   1 
_entity_src_gen.pdbx_end_seq_num                   196 
_entity_src_gen.gene_src_common_name               Human 
_entity_src_gen.gene_src_genus                     ? 
_entity_src_gen.pdbx_gene_src_gene                 NUDT7 
_entity_src_gen.gene_src_species                   ? 
_entity_src_gen.gene_src_strain                    ? 
_entity_src_gen.gene_src_tissue                    ? 
_entity_src_gen.gene_src_tissue_fraction           ? 
_entity_src_gen.gene_src_details                   ? 
_entity_src_gen.pdbx_gene_src_fragment             ? 
_entity_src_gen.pdbx_gene_src_scientific_name      'Homo sapiens' 
_entity_src_gen.pdbx_gene_src_ncbi_taxonomy_id     9606 
_entity_src_gen.pdbx_gene_src_variant              ? 
_entity_src_gen.pdbx_gene_src_cell_line            ? 
_entity_src_gen.pdbx_gene_src_atcc                 ? 
_entity_src_gen.pdbx_gene_src_organ                ? 
_entity_src_gen.pdbx_gene_src_organelle            ? 
_entity_src_gen.pdbx_gene_src_cell                 ? 
_entity_src_gen.pdbx_gene_src_cellular_location    ? 
_entity_src_gen.host_org_common_name               ? 
_entity_src_gen.pdbx_host_org_scientific_name      'Escherichia coli' 
_entity_src_gen.pdbx_host_org_ncbi_taxonomy_id     562 
_entity_src_gen.host_org_genus                     ? 
_entity_src_gen.pdbx_host_org_gene                 ? 
_entity_src_gen.pdbx_host_org_organ                ? 
_entity_src_gen.host_org_species                   ? 
_entity_src_gen.pdbx_host_org_tissue               ? 
_entity_src_gen.pdbx_host_org_tissue_fraction      ? 
_entity_src_gen.pdbx_host_org_strain               ? 
_entity_src_gen.pdbx_host_org_variant              ? 
_entity_src_gen.pdbx_host_org_cell_line            ? 
_entity_src_gen.pdbx_host_org_atcc                 ? 
_entity_src_gen.pdbx_host_org_culture_collection   ? 
_entity_src_gen.pdbx_host_org_cell                 ? 
_entity_src_gen.pdbx_host_org_organelle            ? 
_entity_src_gen.pdbx_host_org_cellular_location    ? 
_entity_src_gen.pdbx_host_org_vector_type          ? 
_entity_src_gen.pdbx_host_org_vector               ? 
_entity_src_gen.host_org_details                   ? 
_entity_src_gen.expression_system_id               ? 
_entity_src_gen.plasmid_name                       ? 
_entity_src_gen.plasmid_details                    ? 
_entity_src_gen.pdbx_description                   ? 
# 
_struct_ref.id                         1 
_struct_ref.db_name                    UNP 
_struct_ref.db_code                    NUDT7_HUMAN 
_struct_ref.pdbx_db_accession          P0C024 
_struct_ref.pdbx_db_isoform            ? 
_struct_ref.entity_id                  1 
_struct_ref.pdbx_seq_one_letter_code   
;SLLDDAKARLRKYDIGGKYSHLPYNKYSVLLPLVAKEGKLHLLFTVRSEKLRRAPGEVCFPGGKRDPTDMDDAATALREA
QEEVGLRPHQVEVVCCLVPCLIDTDTLITPFVGLIDHNFQAQPNPAEVKDVFLVPLAYFLHPQVHDQHYVTRLGHRFINH
IFEYTNPEDGVTYQIKGMTANLAVLVAFIILEKKPT
;
_struct_ref.pdbx_align_begin           14 
# 
_struct_ref_seq.align_id                      1 
_struct_ref_seq.ref_id                        1 
_struct_ref_seq.pdbx_PDB_id_code              5QH5 
_struct_ref_seq.pdbx_strand_id                A 
_struct_ref_seq.seq_align_beg                 1 
_struct_ref_seq.pdbx_seq_align_beg_ins_code   ? 
_struct_ref_seq.seq_align_end                 196 
_struct_ref_seq.pdbx_seq_align_end_ins_code   ? 
_struct_ref_seq.pdbx_db_accession             P0C024 
_struct_ref_seq.db_align_beg                  14 
_struct_ref_seq.pdbx_db_align_beg_ins_code    ? 
_struct_ref_seq.db_align_end                  209 
_struct_ref_seq.pdbx_db_align_end_ins_code    ? 
_struct_ref_seq.pdbx_auth_seq_align_beg       15 
_struct_ref_seq.pdbx_auth_seq_align_end       210 
# 
_struct_ref_seq_dif.align_id                     1 
_struct_ref_seq_dif.pdbx_pdb_id_code             5QH5 
_struct_ref_seq_dif.mon_id                       MET 
_struct_ref_seq_dif.pdbx_pdb_strand_id           A 
_struct_ref_seq_dif.seq_num                      2 
_struct_ref_seq_dif.pdbx_pdb_ins_code            ? 
_struct_ref_seq_dif.pdbx_seq_db_name             UNP 
_struct_ref_seq_dif.pdbx_seq_db_accession_code   P0C024 
_struct_ref_seq_dif.db_mon_id                    LEU 
_struct_ref_seq_dif.pdbx_seq_db_seq_num          15 
_struct_ref_seq_dif.details                      conflict 
_struct_ref_seq_dif.pdbx_auth_seq_num            16 
_struct_ref_seq_dif.pdbx_ordinal                 1 
# 
loop_
_chem_comp.id 
_chem_comp.type 
_chem_comp.mon_nstd_flag 
_chem_comp.name 
_chem_comp.pdbx_synonyms 
_chem_comp.formula 
_chem_comp.formula_weight 
ACT non-polymer         . 'ACETATE ION'                           ?              'C2 H3 O2 -1'    59.044  
ALA 'L-peptide linking' y ALANINE                                 ?              'C3 H7 N O2'     89.093  
ARG 'L-peptide linking' y ARGININE                                ?              'C6 H15 N4 O2 1' 175.209 
ASN 'L-peptide linking' y ASPARAGINE                              ?              'C4 H8 N2 O3'    132.118 
ASP 'L-peptide linking' y 'ASPARTIC ACID'                         ?              'C4 H7 N O4'     133.103 
CSO 'L-peptide linking' n S-HYDROXYCYSTEINE                       ?              'C3 H7 N O3 S'   137.158 
CYS 'L-peptide linking' y CYSTEINE                                ?              'C3 H7 N O2 S'   121.158 
DMS non-polymer         . 'DIMETHYL SULFOXIDE'                    ?              'C2 H6 O S'      78.133  
GLN 'L-peptide linking' y GLUTAMINE                               ?              'C5 H10 N2 O3'   146.144 
GLU 'L-peptide linking' y 'GLUTAMIC ACID'                         ?              'C5 H9 N O4'     147.129 
GLY 'peptide linking'   y GLYCINE                                 ?              'C2 H5 N O2'     75.067  
H3V non-polymer         . 'N-(1,2-oxazol-3-yl)-2-phenylacetamide' ?              'C11 H10 N2 O2'  202.209 
HIS 'L-peptide linking' y HISTIDINE                               ?              'C6 H10 N3 O2 1' 156.162 
HOH non-polymer         . WATER                                   ?              'H2 O'           18.015  
HYP 'L-peptide linking' n 4-HYDROXYPROLINE                        HYDROXYPROLINE 'C5 H9 N O3'     131.130 
ILE 'L-peptide linking' y ISOLEUCINE                              ?              'C6 H13 N O2'    131.173 
LEU 'L-peptide linking' y LEUCINE                                 ?              'C6 H13 N O2'    131.173 
LYS 'L-peptide linking' y LYSINE                                  ?              'C6 H15 N2 O2 1' 147.195 
MET 'L-peptide linking' y METHIONINE                              ?              'C5 H11 N O2 S'  149.211 
PHE 'L-peptide linking' y PHENYLALANINE                           ?              'C9 H11 N O2'    165.189 
PRO 'L-peptide linking' y PROLINE                                 ?              'C5 H9 N O2'     115.130 
SER 'L-peptide linking' y SERINE                                  ?              'C3 H7 N O3'     105.093 
THR 'L-peptide linking' y THREONINE                               ?              'C4 H9 N O3'     119.119 
TYR 'L-peptide linking' y TYROSINE                                ?              'C9 H11 N O3'    181.189 
VAL 'L-peptide linking' y VALINE                                  ?              'C5 H11 N O2'    117.146 
# 
_exptl.crystals_number   1 
_exptl.entry_id          5QH5 
_exptl.method            'X-RAY DIFFRACTION' 
# 
_exptl_crystal.id                    1 
_exptl_crystal.pdbx_mosaicity        0.090 
_exptl_crystal.pdbx_mosaicity_esd    ? 
_exptl_crystal.density_Matthews      4.21 
_exptl_crystal.density_diffrn        ? 
_exptl_crystal.density_meas          ? 
_exptl_crystal.density_meas_temp     ? 
_exptl_crystal.density_percent_sol   70.77 
_exptl_crystal.size_max              ? 
_exptl_crystal.size_mid              ? 
_exptl_crystal.size_min              ? 
_exptl_crystal.size_rad              ? 
_exptl_crystal.description           ? 
# 
_exptl_crystal_grow.crystal_id      1 
_exptl_crystal_grow.method          'VAPOR DIFFUSION, SITTING DROP' 
_exptl_crystal_grow.pH              5.5 
_exptl_crystal_grow.temp            293 
_exptl_crystal_grow.pdbx_details    '0.1M bis-tris pH 5.5 -- 0.1M ammonium acetate -- 5%(w/v) PEG10K' 
_exptl_crystal_grow.temp_details    ? 
_exptl_crystal_grow.pdbx_pH_range   ? 
# 
_diffrn.id                     1 
_diffrn.ambient_temp           100 
_diffrn.crystal_id             1 
_diffrn.ambient_temp_details   ? 
# 
_diffrn_detector.detector               PIXEL 
_diffrn_detector.type                   'DECTRIS PILATUS 6M' 
_diffrn_detector.pdbx_collection_date   2017-09-07 
_diffrn_detector.diffrn_id              1 
_diffrn_detector.details                ? 
# 
_diffrn_radiation.diffrn_id                        1 
_diffrn_radiation.wavelength_id                    1 
_diffrn_radiation.pdbx_diffrn_protocol             'SINGLE WAVELENGTH' 
_diffrn_radiation.pdbx_monochromatic_or_laue_m_l   ? 
_diffrn_radiation.monochromator                    ? 
_diffrn_radiation.pdbx_scattering_type             x-ray 
# 
_diffrn_radiation_wavelength.id           1 
_diffrn_radiation_wavelength.wavelength   0.91587 
_diffrn_radiation_wavelength.wt           1.0 
# 
_diffrn_source.diffrn_id                   1 
_diffrn_source.source                      SYNCHROTRON 
_diffrn_source.type                        'DIAMOND BEAMLINE I04-1' 
_diffrn_source.pdbx_wavelength_list        0.91587 
_diffrn_source.pdbx_synchrotron_site       Diamond 
_diffrn_source.pdbx_synchrotron_beamline   I04-1 
_diffrn_source.pdbx_wavelength             ? 
# 
_reflns.entry_id                     5QH5 
_reflns.pdbx_diffrn_id               1 
_reflns.pdbx_ordinal                 1 
_reflns.observed_criterion_sigma_I   ? 
_reflns.observed_criterion_sigma_F   ? 
_reflns.d_resolution_low             29.080 
_reflns.d_resolution_high            1.850 
_reflns.number_obs                   31944 
_reflns.number_all                   ? 
_reflns.percent_possible_obs         99.800 
_reflns.pdbx_Rmerge_I_obs            0.052 
_reflns.pdbx_Rsym_value              ? 
_reflns.pdbx_netI_over_sigmaI        25.500 
_reflns.B_iso_Wilson_estimate        ? 
_reflns.pdbx_redundancy              10.100 
_reflns.pdbx_Rrim_I_all              0.055 
_reflns.pdbx_Rpim_I_all              0.017 
_reflns.pdbx_CC_half                 1.000 
_reflns.pdbx_netI_over_av_sigmaI     ? 
_reflns.pdbx_number_measured_all     322350 
_reflns.pdbx_scaling_rejects         0 
_reflns.pdbx_chi_squared             ? 
_reflns.Rmerge_F_all                 ? 
_reflns.Rmerge_F_obs                 ? 
_reflns.observed_criterion_F_max     ? 
_reflns.observed_criterion_F_min     ? 
_reflns.observed_criterion_I_max     ? 
_reflns.observed_criterion_I_min     ? 
_reflns.pdbx_d_res_high_opt          ? 
_reflns.pdbx_d_res_low_opt           ? 
_reflns.details                      ? 
# 
loop_
_reflns_shell.pdbx_diffrn_id 
_reflns_shell.pdbx_ordinal 
_reflns_shell.d_res_high 
_reflns_shell.d_res_low 
_reflns_shell.number_measured_obs 
_reflns_shell.number_measured_all 
_reflns_shell.number_unique_obs 
_reflns_shell.pdbx_rejects 
_reflns_shell.Rmerge_I_obs 
_reflns_shell.meanI_over_sigI_obs 
_reflns_shell.pdbx_Rsym_value 
_reflns_shell.pdbx_chi_squared 
_reflns_shell.pdbx_redundancy 
_reflns_shell.percent_possible_obs 
_reflns_shell.pdbx_netI_over_sigmaI_obs 
_reflns_shell.number_possible 
_reflns_shell.number_unique_all 
_reflns_shell.Rmerge_F_all 
_reflns_shell.Rmerge_F_obs 
_reflns_shell.Rmerge_I_all 
_reflns_shell.meanI_over_sigI_all 
_reflns_shell.percent_possible_all 
_reflns_shell.pdbx_Rrim_I_all 
_reflns_shell.pdbx_Rpim_I_all 
_reflns_shell.pdbx_CC_half 
1 1 1.850 1.900  ? 23237 ? ? 0.901 ? ? ? 10.100 ? 2.500  ? 2311 ? ? ? ? 98.200 0.950 0.297 0.819 
1 2 8.270 29.080 ? 3698  ? ? 0.026 ? ? ? 9.700  ? 80.200 ? 382  ? ? ? ? 97.700 0.027 0.009 1.000 
# 
_refine.entry_id                                 5QH5 
_refine.pdbx_refine_id                           'X-RAY DIFFRACTION' 
_refine.ls_d_res_high                            1.8500 
_refine.ls_d_res_low                             108.4400 
_refine.pdbx_ls_sigma_F                          0.000 
_refine.pdbx_data_cutoff_high_absF               ? 
_refine.pdbx_data_cutoff_low_absF                ? 
_refine.ls_percent_reflns_obs                    99.8300 
_refine.ls_number_reflns_obs                     30349 
_refine.ls_number_reflns_all                     ? 
_refine.pdbx_ls_cross_valid_method               THROUGHOUT 
_refine.ls_matrix_type                           ? 
_refine.pdbx_R_Free_selection_details            RANDOM 
_refine.details                                  
'HYDROGENS HAVE BEEN ADDED IN THE RIDING POSITIONS U VALUES      : REFINED INDIVIDUALLY' 
_refine.ls_R_factor_all                          ? 
_refine.ls_R_factor_obs                          0.1916 
_refine.ls_R_factor_R_work                       0.1905 
_refine.ls_wR_factor_R_work                      ? 
_refine.ls_R_factor_R_free                       0.2110 
_refine.ls_wR_factor_R_free                      ? 
_refine.ls_percent_reflns_R_free                 5.0000 
_refine.ls_number_reflns_R_free                  1594 
_refine.ls_number_reflns_R_work                  ? 
_refine.ls_R_factor_R_free_error                 ? 
_refine.B_iso_mean                               38.0760 
_refine.solvent_model_param_bsol                 ? 
_refine.solvent_model_param_ksol                 ? 
_refine.pdbx_isotropic_thermal_model             ? 
_refine.aniso_B[1][1]                            -0.0100 
_refine.aniso_B[2][2]                            -0.0100 
_refine.aniso_B[3][3]                            0.0300 
_refine.aniso_B[1][2]                            -0.0000 
_refine.aniso_B[1][3]                            -0.0000 
_refine.aniso_B[2][3]                            0.0000 
_refine.correlation_coeff_Fo_to_Fc               0.9610 
_refine.correlation_coeff_Fo_to_Fc_free          0.9560 
_refine.overall_SU_R_Cruickshank_DPI             ? 
_refine.pdbx_overall_SU_R_free_Cruickshank_DPI   ? 
_refine.pdbx_overall_SU_R_Blow_DPI               ? 
_refine.pdbx_overall_SU_R_free_Blow_DPI          ? 
_refine.overall_SU_R_free                        ? 
_refine.pdbx_overall_ESU_R                       0.0950 
_refine.pdbx_overall_ESU_R_Free                  0.0930 
_refine.overall_SU_ML                            0.0690 
_refine.overall_SU_B                             2.3210 
_refine.solvent_model_details                    MASK 
_refine.pdbx_solvent_vdw_probe_radii             1.2000 
_refine.pdbx_solvent_ion_probe_radii             0.8000 
_refine.pdbx_solvent_shrinkage_radii             0.8000 
_refine.ls_number_parameters                     ? 
_refine.ls_number_restraints                     ? 
_refine.pdbx_starting_model                      5T3P 
_refine.pdbx_method_to_determine_struct          'FOURIER SYNTHESIS' 
_refine.pdbx_stereochemistry_target_values       'MAXIMUM LIKELIHOOD' 
_refine.pdbx_stereochem_target_val_spec_case     ? 
_refine.overall_FOM_work_R_set                   ? 
_refine.B_iso_max                                152.740 
_refine.B_iso_min                                20.030 
_refine.pdbx_overall_phase_error                 ? 
_refine.occupancy_max                            ? 
_refine.occupancy_min                            ? 
_refine.pdbx_diffrn_id                           1 
_refine.pdbx_TLS_residual_ADP_flag               ? 
_refine.pdbx_ls_sigma_I                          ? 
_refine.pdbx_data_cutoff_high_rms_absF           ? 
_refine.ls_R_factor_R_free_error_details         ? 
# 
_refine_hist.cycle_id                         final 
_refine_hist.pdbx_refine_id                   'X-RAY DIFFRACTION' 
_refine_hist.d_res_high                       1.8500 
_refine_hist.d_res_low                        108.4400 
_refine_hist.pdbx_number_atoms_ligand         31 
_refine_hist.number_atoms_solvent             161 
_refine_hist.number_atoms_total               1659 
_refine_hist.pdbx_number_residues_total       186 
_refine_hist.pdbx_B_iso_mean_ligand           52.65 
_refine_hist.pdbx_B_iso_mean_solvent          49.62 
_refine_hist.pdbx_number_atoms_protein        1467 
_refine_hist.pdbx_number_atoms_nucleic_acid   0 
# 
loop_
_refine_ls_restr.pdbx_refine_id 
_refine_ls_restr.type 
_refine_ls_restr.number 
_refine_ls_restr.dev_ideal 
_refine_ls_restr.dev_ideal_target 
_refine_ls_restr.weight 
_refine_ls_restr.pdbx_restraint_function 
'X-RAY DIFFRACTION' r_bond_refined_d       1548 0.011  0.019  ? ? 
'X-RAY DIFFRACTION' r_bond_other_d         1461 0.002  0.020  ? ? 
'X-RAY DIFFRACTION' r_angle_refined_deg    2102 1.451  1.991  ? ? 
'X-RAY DIFFRACTION' r_angle_other_deg      3389 0.916  2.992  ? ? 
'X-RAY DIFFRACTION' r_dihedral_angle_1_deg 188  5.783  5.000  ? ? 
'X-RAY DIFFRACTION' r_dihedral_angle_2_deg 67   33.141 24.179 ? ? 
'X-RAY DIFFRACTION' r_dihedral_angle_3_deg 254  13.311 15.000 ? ? 
'X-RAY DIFFRACTION' r_dihedral_angle_4_deg 8    18.652 15.000 ? ? 
'X-RAY DIFFRACTION' r_chiral_restr         239  0.092  0.200  ? ? 
'X-RAY DIFFRACTION' r_gen_planes_refined   1702 0.006  0.021  ? ? 
'X-RAY DIFFRACTION' r_gen_planes_other     298  0.001  0.020  ? ? 
'X-RAY DIFFRACTION' r_mcbond_it            754  2.449  3.451  ? ? 
'X-RAY DIFFRACTION' r_mcbond_other         751  2.400  3.438  ? ? 
'X-RAY DIFFRACTION' r_mcangle_it           940  3.737  5.124  ? ? 
# 
_refine_ls_shell.d_res_high                       1.8490 
_refine_ls_shell.d_res_low                        1.8970 
_refine_ls_shell.pdbx_total_number_of_bins_used   20 
_refine_ls_shell.percent_reflns_obs               98.5500 
_refine_ls_shell.number_reflns_R_work             2199 
_refine_ls_shell.R_factor_all                     ? 
_refine_ls_shell.R_factor_R_work                  0.3050 
_refine_ls_shell.R_factor_R_free                  0.2880 
_refine_ls_shell.percent_reflns_R_free            ? 
_refine_ls_shell.number_reflns_R_free             116 
_refine_ls_shell.R_factor_R_free_error            ? 
_refine_ls_shell.number_reflns_all                2315 
_refine_ls_shell.number_reflns_obs                ? 
_refine_ls_shell.pdbx_refine_id                   'X-RAY DIFFRACTION' 
# 
_struct.entry_id                  5QH5 
_struct.title                     
;PanDDA analysis group deposition of models with modelled events (e.g. bound ligands) -- Crystal Structure of NUDT7 in complex with NUOOA000224a
;
_struct.pdbx_model_details        ? 
_struct.pdbx_CASP_flag            ? 
_struct.pdbx_model_type_details   ? 
# 
_struct_keywords.entry_id        5QH5 
_struct_keywords.text            'PanDDA, SGC - Diamond I04-1 fragment screening, NUDIX domain, XChemExplorer, HYDROLASE' 
_struct_keywords.pdbx_keywords   HYDROLASE 
# 
loop_
_struct_asym.id 
_struct_asym.pdbx_blank_PDB_chainid_flag 
_struct_asym.pdbx_modified 
_struct_asym.entity_id 
_struct_asym.details 
A N N 1 ? 
B N N 2 ? 
C N N 2 ? 
D N N 3 ? 
E N N 3 ? 
F N N 4 ? 
G N N 5 ? 
# 
loop_
_struct_conf.conf_type_id 
_struct_conf.id 
_struct_conf.pdbx_PDB_helix_id 
_struct_conf.beg_label_comp_id 
_struct_conf.beg_label_asym_id 
_struct_conf.beg_label_seq_id 
_struct_conf.pdbx_beg_PDB_ins_code 
_struct_conf.end_label_comp_id 
_struct_conf.end_label_asym_id 
_struct_conf.end_label_seq_id 
_struct_conf.pdbx_end_PDB_ins_code 
_struct_conf.beg_auth_comp_id 
_struct_conf.beg_auth_asym_id 
_struct_conf.beg_auth_seq_id 
_struct_conf.end_auth_comp_id 
_struct_conf.end_auth_asym_id 
_struct_conf.end_auth_seq_id 
_struct_conf.pdbx_PDB_helix_class 
_struct_conf.details 
_struct_conf.pdbx_PDB_helix_length 
HELX_P HELX_P1 AA1 SER A 1   ? LYS A 12  ? SER A 15  LYS A 26  1 ? 12 
HELX_P HELX_P2 AA2 ASP A 71  ? GLY A 85  ? ASP A 85  GLY A 99  1 ? 15 
HELX_P HELX_P3 AA3 ARG A 87  ? HIS A 89  ? ARG A 101 HIS A 103 5 ? 3  
HELX_P HELX_P4 AA4 ALA A 137 ? HIS A 141 ? ALA A 151 HIS A 155 5 ? 5  
HELX_P HELX_P5 AA5 LYS A 176 ? GLU A 192 ? LYS A 190 GLU A 206 1 ? 17 
# 
_struct_conf_type.id          HELX_P 
_struct_conf_type.criteria    ? 
_struct_conf_type.reference   ? 
# 
loop_
_struct_conn.id 
_struct_conn.conn_type_id 
_struct_conn.pdbx_leaving_atom_flag 
_struct_conn.pdbx_PDB_id 
_struct_conn.ptnr1_label_asym_id 
_struct_conn.ptnr1_label_comp_id 
_struct_conn.ptnr1_label_seq_id 
_struct_conn.ptnr1_label_atom_id 
_struct_conn.pdbx_ptnr1_label_alt_id 
_struct_conn.pdbx_ptnr1_PDB_ins_code 
_struct_conn.pdbx_ptnr1_standard_comp_id 
_struct_conn.ptnr1_symmetry 
_struct_conn.ptnr2_label_asym_id 
_struct_conn.ptnr2_label_comp_id 
_struct_conn.ptnr2_label_seq_id 
_struct_conn.ptnr2_label_atom_id 
_struct_conn.pdbx_ptnr2_label_alt_id 
_struct_conn.pdbx_ptnr2_PDB_ins_code 
_struct_conn.ptnr1_auth_asym_id 
_struct_conn.ptnr1_auth_comp_id 
_struct_conn.ptnr1_auth_seq_id 
_struct_conn.ptnr2_auth_asym_id 
_struct_conn.ptnr2_auth_comp_id 
_struct_conn.ptnr2_auth_seq_id 
_struct_conn.ptnr2_symmetry 
_struct_conn.pdbx_ptnr3_label_atom_id 
_struct_conn.pdbx_ptnr3_label_seq_id 
_struct_conn.pdbx_ptnr3_label_comp_id 
_struct_conn.pdbx_ptnr3_label_asym_id 
_struct_conn.pdbx_ptnr3_label_alt_id 
_struct_conn.pdbx_ptnr3_PDB_ins_code 
_struct_conn.details 
_struct_conn.pdbx_dist_value 
_struct_conn.pdbx_value_order 
_struct_conn.pdbx_role 
covale1 covale both ? A ARG 87 C ? ? ? 1_555 A HYP 88 N ? ? A ARG 101 A HYP 102 1_555 ? ? ? ? ? ? ? 1.348 ? ? 
covale2 covale both ? A HYP 88 C ? ? ? 1_555 A HIS 89 N ? ? A HYP 102 A HIS 103 1_555 ? ? ? ? ? ? ? 1.332 ? ? 
covale3 covale both ? A VAL 94 C ? ? ? 1_555 A CSO 95 N ? ? A VAL 108 A CSO 109 1_555 ? ? ? ? ? ? ? 1.331 ? ? 
covale4 covale both ? A CSO 95 C ? ? ? 1_555 A CYS 96 N ? ? A CSO 109 A CYS 110 1_555 ? ? ? ? ? ? ? 1.319 ? ? 
# 
_struct_conn_type.id          covale 
_struct_conn_type.criteria    ? 
_struct_conn_type.reference   ? 
# 
loop_
_struct_sheet.id 
_struct_sheet.type 
_struct_sheet.number_strands 
_struct_sheet.details 
AA1 ? 4 ? 
AA2 ? 4 ? 
AA3 ? 3 ? 
AA4 ? 3 ? 
# 
loop_
_struct_sheet_order.sheet_id 
_struct_sheet_order.range_id_1 
_struct_sheet_order.range_id_2 
_struct_sheet_order.offset 
_struct_sheet_order.sense 
AA1 1 2 ? anti-parallel 
AA1 2 3 ? parallel      
AA1 3 4 ? anti-parallel 
AA2 1 2 ? anti-parallel 
AA2 2 3 ? parallel      
AA2 3 4 ? anti-parallel 
AA3 1 2 ? anti-parallel 
AA3 2 3 ? anti-parallel 
AA4 1 2 ? anti-parallel 
AA4 2 3 ? anti-parallel 
# 
loop_
_struct_sheet_range.sheet_id 
_struct_sheet_range.id 
_struct_sheet_range.beg_label_comp_id 
_struct_sheet_range.beg_label_asym_id 
_struct_sheet_range.beg_label_seq_id 
_struct_sheet_range.pdbx_beg_PDB_ins_code 
_struct_sheet_range.end_label_comp_id 
_struct_sheet_range.end_label_asym_id 
_struct_sheet_range.end_label_seq_id 
_struct_sheet_range.pdbx_end_PDB_ins_code 
_struct_sheet_range.beg_auth_comp_id 
_struct_sheet_range.beg_auth_asym_id 
_struct_sheet_range.beg_auth_seq_id 
_struct_sheet_range.end_auth_comp_id 
_struct_sheet_range.end_auth_asym_id 
_struct_sheet_range.end_auth_seq_id 
AA1 1 VAL A 91  ? CYS A 96  ? VAL A 105 CYS A 110 
AA1 2 THR A 106 ? ILE A 115 ? THR A 120 ILE A 129 
AA1 3 ASN A 25  ? LYS A 36  ? ASN A 39  LYS A 50  
AA1 4 LYS A 39  ? ARG A 47  ? LYS A 53  ARG A 61  
AA2 1 CYS A 100 ? ILE A 102 ? CYS A 114 ILE A 116 
AA2 2 THR A 106 ? ILE A 115 ? THR A 120 ILE A 129 
AA2 3 ASN A 25  ? LYS A 36  ? ASN A 39  LYS A 50  
AA2 4 GLY A 62  ? LYS A 64  ? GLY A 76  LYS A 78  
AA3 1 VAL A 128 ? PRO A 135 ? VAL A 142 PRO A 149 
AA3 2 LYS A 39  ? ARG A 47  ? LYS A 53  ARG A 61  
AA3 3 VAL A 58  ? CYS A 59  ? VAL A 72  CYS A 73  
AA4 1 GLN A 143 ? ASP A 146 ? GLN A 157 ASP A 160 
AA4 2 HIS A 160 ? THR A 165 ? HIS A 174 THR A 179 
AA4 3 THR A 172 ? ILE A 175 ? THR A 186 ILE A 189 
# 
loop_
_pdbx_struct_sheet_hbond.sheet_id 
_pdbx_struct_sheet_hbond.range_id_1 
_pdbx_struct_sheet_hbond.range_id_2 
_pdbx_struct_sheet_hbond.range_1_label_atom_id 
_pdbx_struct_sheet_hbond.range_1_label_comp_id 
_pdbx_struct_sheet_hbond.range_1_label_asym_id 
_pdbx_struct_sheet_hbond.range_1_label_seq_id 
_pdbx_struct_sheet_hbond.range_1_PDB_ins_code 
_pdbx_struct_sheet_hbond.range_1_auth_atom_id 
_pdbx_struct_sheet_hbond.range_1_auth_comp_id 
_pdbx_struct_sheet_hbond.range_1_auth_asym_id 
_pdbx_struct_sheet_hbond.range_1_auth_seq_id 
_pdbx_struct_sheet_hbond.range_2_label_atom_id 
_pdbx_struct_sheet_hbond.range_2_label_comp_id 
_pdbx_struct_sheet_hbond.range_2_label_asym_id 
_pdbx_struct_sheet_hbond.range_2_label_seq_id 
_pdbx_struct_sheet_hbond.range_2_PDB_ins_code 
_pdbx_struct_sheet_hbond.range_2_auth_atom_id 
_pdbx_struct_sheet_hbond.range_2_auth_comp_id 
_pdbx_struct_sheet_hbond.range_2_auth_asym_id 
_pdbx_struct_sheet_hbond.range_2_auth_seq_id 
AA1 1 2 N VAL A 94  ? N VAL A 108 O VAL A 112 ? O VAL A 126 
AA1 2 3 O PHE A 111 ? O PHE A 125 N LEU A 31  ? N LEU A 45  
AA1 3 4 N VAL A 34  ? N VAL A 48  O HIS A 41  ? O HIS A 55  
AA2 1 2 N CYS A 100 ? N CYS A 114 O ILE A 108 ? O ILE A 122 
AA2 2 3 O PHE A 111 ? O PHE A 125 N LEU A 31  ? N LEU A 45  
AA2 3 4 N SER A 28  ? N SER A 42  O GLY A 63  ? O GLY A 77  
AA3 1 2 O PHE A 132 ? O PHE A 146 N PHE A 44  ? N PHE A 58  
AA3 2 3 N THR A 45  ? N THR A 59  O CYS A 59  ? O CYS A 73  
AA4 1 2 N HIS A 145 ? N HIS A 159 O ILE A 161 ? O ILE A 175 
AA4 2 3 N TYR A 164 ? N TYR A 178 O TYR A 173 ? O TYR A 187 
# 
loop_
_struct_site.id 
_struct_site.pdbx_evidence_code 
_struct_site.pdbx_auth_asym_id 
_struct_site.pdbx_auth_comp_id 
_struct_site.pdbx_auth_seq_id 
_struct_site.pdbx_auth_ins_code 
_struct_site.pdbx_num_residues 
_struct_site.details 
AC1 Software A ACT 301 ? 3  'binding site for residue ACT A 301' 
AC2 Software A ACT 302 ? 2  'binding site for residue ACT A 302' 
AC3 Software A DMS 303 ? 6  'binding site for residue DMS A 303' 
AC4 Software A DMS 304 ? 5  'binding site for residue DMS A 304' 
AC5 Software A H3V 305 ? 11 'binding site for residue H3V A 305' 
# 
loop_
_struct_site_gen.id 
_struct_site_gen.site_id 
_struct_site_gen.pdbx_num_res 
_struct_site_gen.label_comp_id 
_struct_site_gen.label_asym_id 
_struct_site_gen.label_seq_id 
_struct_site_gen.pdbx_auth_ins_code 
_struct_site_gen.auth_comp_id 
_struct_site_gen.auth_asym_id 
_struct_site_gen.auth_seq_id 
_struct_site_gen.label_atom_id 
_struct_site_gen.label_alt_id 
_struct_site_gen.symmetry 
_struct_site_gen.details 
1  AC1 3  GLY A 56  ? GLY A 70  . ? 1_555 ? 
2  AC1 3  TYR A 173 ? TYR A 187 . ? 1_555 ? 
3  AC1 3  GLN A 174 ? GLN A 188 . ? 1_555 ? 
4  AC2 2  HYP A 88  ? HYP A 102 . ? 1_555 ? 
5  AC2 2  VAL A 91  ? VAL A 105 . ? 1_555 ? 
6  AC3 6  GLY A 85  ? GLY A 99  . ? 1_555 ? 
7  AC3 6  ARG A 87  ? ARG A 101 . ? 1_555 ? 
8  AC3 6  GLN A 90  ? GLN A 104 . ? 1_555 ? 
9  AC3 6  PHE A 119 ? PHE A 133 . ? 1_555 ? 
10 AC3 6  GLN A 120 ? GLN A 134 . ? 1_555 ? 
11 AC3 6  GLN A 122 ? GLN A 136 . ? 1_555 ? 
12 AC4 5  ASP A 116 ? ASP A 130 . ? 1_555 ? 
13 AC4 5  HIS A 117 ? HIS A 131 . ? 1_555 ? 
14 AC4 5  ASP A 130 ? ASP A 144 . ? 2_545 ? 
15 AC4 5  TYR A 173 ? TYR A 187 . ? 2_545 ? 
16 AC4 5  HOH G .   ? HOH A 442 . ? 2_545 ? 
17 AC5 11 TYR A 27  ? TYR A 41  . ? 1_555 ? 
18 AC5 11 VAL A 29  ? VAL A 43  . ? 1_555 ? 
19 AC5 11 THR A 45  ? THR A 59  . ? 1_555 ? 
20 AC5 11 ARG A 47  ? ARG A 61  . ? 1_555 ? 
21 AC5 11 ARG A 53  ? ARG A 67  . ? 1_555 ? 
22 AC5 11 CYS A 59  ? CYS A 73  . ? 1_555 ? 
23 AC5 11 PHE A 60  ? PHE A 74  . ? 1_555 ? 
24 AC5 11 GLY A 62  ? GLY A 76  . ? 1_555 ? 
25 AC5 11 GLU A 83  ? GLU A 97  . ? 1_555 ? 
26 AC5 11 GLU A 127 ? GLU A 141 . ? 1_555 ? 
27 AC5 11 VAL A 128 ? VAL A 142 . ? 1_555 ? 
# 
_atom_sites.entry_id                    5QH5 
_atom_sites.fract_transf_matrix[1][1]   0.00313165 
_atom_sites.fract_transf_matrix[1][2]   0.00780130 
_atom_sites.fract_transf_matrix[1][3]   0.00379289 
_atom_sites.fract_transf_matrix[2][1]   0.00815757 
_atom_sites.fract_transf_matrix[2][2]   0.00008532 
_atom_sites.fract_transf_matrix[2][3]   0.00430024 
_atom_sites.fract_transf_matrix[3][1]   0.01092844 
_atom_sites.fract_transf_matrix[3][2]   0.00574776 
_atom_sites.fract_transf_matrix[3][3]   -0.02084535 
_atom_sites.fract_transf_vector[1]      0.136434 
_atom_sites.fract_transf_vector[2]      -0.432301 
_atom_sites.fract_transf_vector[3]      1.982516 
# 
loop_
_atom_type.symbol 
C 
N 
O 
S 
# 
loop_
_atom_site.group_PDB 
_atom_site.id 
_atom_site.type_symbol 
_atom_site.label_atom_id 
_atom_site.label_alt_id 
_atom_site.label_comp_id 
_atom_site.label_asym_id 
_atom_site.label_entity_id 
_atom_site.label_seq_id 
_atom_site.pdbx_PDB_ins_code 
_atom_site.Cartn_x 
_atom_site.Cartn_y 
_atom_site.Cartn_z 
_atom_site.occupancy 
_atom_site.B_iso_or_equiv 
_atom_site.pdbx_formal_charge 
_atom_site.auth_seq_id 
_atom_site.auth_comp_id 
_atom_site.auth_asym_id 
_atom_site.auth_atom_id 
_atom_site.pdbx_PDB_model_num 
ATOM   1    N N   . SER A 1 1   ? -7.162  17.744  -13.178 1.00 46.22  ? 15  SER A N   1 
ATOM   2    C CA  . SER A 1 1   ? -5.937  17.881  -12.337 1.00 45.46  ? 15  SER A CA  1 
ATOM   3    C C   . SER A 1 1   ? -5.298  16.501  -12.123 1.00 44.45  ? 15  SER A C   1 
ATOM   4    O O   . SER A 1 1   ? -5.929  15.485  -12.426 1.00 44.72  ? 15  SER A O   1 
ATOM   5    C CB  . SER A 1 1   ? -6.287  18.551  -10.997 1.00 46.99  ? 15  SER A CB  1 
ATOM   6    O OG  . SER A 1 1   ? -7.039  17.687  -10.141 1.00 44.50  ? 15  SER A OG  1 
ATOM   7    N N   . MET A 1 2   ? -4.055  16.486  -11.634 1.00 40.21  ? 16  MET A N   1 
ATOM   8    C CA  . MET A 1 2   ? -3.311  15.244  -11.363 1.00 41.64  ? 16  MET A CA  1 
ATOM   9    C C   . MET A 1 2   ? -4.097  14.290  -10.447 1.00 42.65  ? 16  MET A C   1 
ATOM   10   O O   . MET A 1 2   ? -4.195  13.086  -10.731 1.00 37.27  ? 16  MET A O   1 
ATOM   11   C CB  . MET A 1 2   ? -1.944  15.546  -10.736 1.00 40.63  ? 16  MET A CB  1 
ATOM   12   C CG  . MET A 1 2   ? -1.179  14.332  -10.228 1.00 42.14  ? 16  MET A CG  1 
ATOM   13   S SD  . MET A 1 2   ? 0.564   14.634  -9.852  1.00 48.02  ? 16  MET A SD  1 
ATOM   14   C CE  . MET A 1 2   ? 0.466   15.399  -8.237  1.00 42.95  ? 16  MET A CE  1 
ATOM   15   N N   . LEU A 1 3   ? -4.654  14.829  -9.366  1.00 40.04  ? 17  LEU A N   1 
ATOM   16   C CA  . LEU A 1 3   ? -5.380  13.997  -8.406  1.00 41.30  ? 17  LEU A CA  1 
ATOM   17   C C   . LEU A 1 3   ? -6.753  13.561  -8.904  1.00 41.55  ? 17  LEU A C   1 
ATOM   18   O O   . LEU A 1 3   ? -7.150  12.426  -8.640  1.00 40.63  ? 17  LEU A O   1 
ATOM   19   C CB  . LEU A 1 3   ? -5.507  14.697  -7.054  1.00 41.74  ? 17  LEU A CB  1 
ATOM   20   C CG  . LEU A 1 3   ? -4.197  14.786  -6.279  1.00 42.95  ? 17  LEU A CG  1 
ATOM   21   C CD1 . LEU A 1 3   ? -4.394  15.661  -5.044  1.00 42.32  ? 17  LEU A CD1 1 
ATOM   22   C CD2 . LEU A 1 3   ? -3.691  13.402  -5.887  1.00 46.70  ? 17  LEU A CD2 1 
ATOM   23   N N   . ASP A 1 4   ? -7.477  14.443  -9.601  1.00 40.26  ? 18  ASP A N   1 
ATOM   24   C CA  . ASP A 1 4   ? -8.751  14.059  -10.211 1.00 43.03  ? 18  ASP A CA  1 
ATOM   25   C C   . ASP A 1 4   ? -8.553  12.986  -11.282 1.00 41.46  ? 18  ASP A C   1 
ATOM   26   O O   . ASP A 1 4   ? -9.376  12.086  -11.426 1.00 38.13  ? 18  ASP A O   1 
ATOM   27   C CB  . ASP A 1 4   ? -9.479  15.266  -10.827 1.00 46.72  ? 18  ASP A CB  1 
ATOM   28   C CG  . ASP A 1 4   ? -10.132 16.175  -9.781  1.00 52.21  ? 18  ASP A CG  1 
ATOM   29   O OD1 . ASP A 1 4   ? -10.037 15.914  -8.554  1.00 54.04  ? 18  ASP A OD1 1 
ATOM   30   O OD2 . ASP A 1 4   ? -10.746 17.171  -10.207 1.00 57.00  ? 18  ASP A OD2 1 
ATOM   31   N N   . ASP A 1 5   ? -7.470  13.105  -12.039 1.00 38.96  ? 19  ASP A N   1 
ATOM   32   C CA  . ASP A 1 5   ? -7.121  12.125  -13.052 1.00 39.98  ? 19  ASP A CA  1 
ATOM   33   C C   . ASP A 1 5   ? -6.799  10.748  -12.415 1.00 34.26  ? 19  ASP A C   1 
ATOM   34   O O   . ASP A 1 5   ? -7.248  9.718   -12.918 1.00 33.50  ? 19  ASP A O   1 
ATOM   35   C CB  . ASP A 1 5   ? -5.927  12.628  -13.886 1.00 43.33  ? 19  ASP A CB  1 
ATOM   36   C CG  . ASP A 1 5   ? -6.300  13.783  -14.857 1.00 48.57  ? 19  ASP A CG  1 
ATOM   37   O OD1 . ASP A 1 5   ? -7.500  14.081  -15.067 1.00 47.44  ? 19  ASP A OD1 1 
ATOM   38   O OD2 . ASP A 1 5   ? -5.357  14.387  -15.418 1.00 53.84  ? 19  ASP A OD2 1 
ATOM   39   N N   . ALA A 1 6   ? -6.049  10.748  -11.324 1.00 30.95  ? 20  ALA A N   1 
ATOM   40   C CA  . ALA A 1 6   ? -5.695  9.501   -10.620 1.00 31.22  ? 20  ALA A CA  1 
ATOM   41   C C   . ALA A 1 6   ? -6.926  8.786   -10.052 1.00 32.44  ? 20  ALA A C   1 
ATOM   42   O O   . ALA A 1 6   ? -7.114  7.574   -10.257 1.00 27.26  ? 20  ALA A O   1 
ATOM   43   C CB  . ALA A 1 6   ? -4.708  9.789   -9.522  1.00 32.23  ? 20  ALA A CB  1 
ATOM   44   N N   . LYS A 1 7   ? -7.779  9.539   -9.351  1.00 31.40  ? 21  LYS A N   1 
ATOM   45   C CA  . LYS A 1 7   ? -9.039  8.981   -8.829  1.00 33.80  ? 21  LYS A CA  1 
ATOM   46   C C   . LYS A 1 7   ? -9.935  8.410   -9.947  1.00 31.76  ? 21  LYS A C   1 
ATOM   47   O O   . LYS A 1 7   ? -10.474 7.307   -9.815  1.00 29.45  ? 21  LYS A O   1 
ATOM   48   C CB  . LYS A 1 7   ? -9.852  10.036  -8.092  1.00 35.68  ? 21  LYS A CB  1 
ATOM   49   C CG  . LYS A 1 7   ? -9.222  10.635  -6.867  1.00 40.15  ? 21  LYS A CG  1 
ATOM   50   C CD  . LYS A 1 7   ? -10.229 11.563  -6.167  1.00 46.91  ? 21  LYS A CD  1 
ATOM   51   C CE  . LYS A 1 7   ? -9.661  12.930  -5.791  1.00 50.31  ? 21  LYS A CE  1 
ATOM   52   N NZ  . LYS A 1 7   ? -10.420 13.539  -4.645  1.00 53.08  ? 21  LYS A NZ  1 
ATOM   53   N N   . ALA A 1 8   ? -10.088 9.152   -11.039 1.00 32.07  ? 22  ALA A N   1 
ATOM   54   C CA  . ALA A 1 8   ? -10.899 8.681   -12.173 1.00 31.87  ? 22  ALA A CA  1 
ATOM   55   C C   . ALA A 1 8   ? -10.339 7.366   -12.782 1.00 30.78  ? 22  ALA A C   1 
ATOM   56   O O   . ALA A 1 8   ? -11.115 6.457   -13.088 1.00 31.74  ? 22  ALA A O   1 
ATOM   57   C CB  . ALA A 1 8   ? -11.047 9.764   -13.247 1.00 32.90  ? 22  ALA A CB  1 
ATOM   58   N N   . ARG A 1 9   ? -9.015  7.262   -12.921 1.00 28.27  ? 23  ARG A N   1 
ATOM   59   C CA  . ARG A 1 9   ? -8.380  6.010   -13.381 1.00 28.25  ? 23  ARG A CA  1 
ATOM   60   C C   . ARG A 1 9   ? -8.644  4.867   -12.404 1.00 28.28  ? 23  ARG A C   1 
ATOM   61   O O   . ARG A 1 9   ? -9.033  3.784   -12.808 1.00 27.32  ? 23  ARG A O   1 
ATOM   62   C CB  . ARG A 1 9   ? -6.858  6.145   -13.533 1.00 30.42  ? 23  ARG A CB  1 
ATOM   63   C CG  . ARG A 1 9   ? -6.354  7.012   -14.698 1.00 33.82  ? 23  ARG A CG  1 
ATOM   64   C CD  . ARG A 1 9   ? -6.557  6.339   -16.036 1.00 38.49  ? 23  ARG A CD  1 
ATOM   65   N NE  . ARG A 1 9   ? -5.871  7.068   -17.127 1.00 41.65  ? 23  ARG A NE  1 
ATOM   66   C CZ  . ARG A 1 9   ? -4.574  6.951   -17.458 1.00 41.19  ? 23  ARG A CZ  1 
ATOM   67   N NH1 . ARG A 1 9   ? -3.757  6.106   -16.829 1.00 33.75  ? 23  ARG A NH1 1 
ATOM   68   N NH2 . ARG A 1 9   ? -4.089  7.668   -18.488 1.00 44.22  ? 23  ARG A NH2 1 
ATOM   69   N N   . LEU A 1 10  ? -8.396  5.120   -11.125 1.00 24.33  ? 24  LEU A N   1 
ATOM   70   C CA  . LEU A 1 10  ? -8.557  4.102   -10.085 1.00 27.37  ? 24  LEU A CA  1 
ATOM   71   C C   . LEU A 1 10  ? -9.982  3.557   -10.000 1.00 27.91  ? 24  LEU A C   1 
ATOM   72   O O   . LEU A 1 10  ? -10.164 2.345   -9.799  1.00 27.68  ? 24  LEU A O   1 
ATOM   73   C CB  . LEU A 1 10  ? -8.126  4.641   -8.734  1.00 26.38  ? 24  LEU A CB  1 
ATOM   74   C CG  . LEU A 1 10  ? -6.622  4.851   -8.504  1.00 26.77  ? 24  LEU A CG  1 
ATOM   75   C CD1 . LEU A 1 10  ? -6.371  5.786   -7.314  1.00 27.76  ? 24  LEU A CD1 1 
ATOM   76   C CD2 . LEU A 1 10  ? -5.917  3.536   -8.280  1.00 29.12  ? 24  LEU A CD2 1 
ATOM   77   N N   . ARG A 1 11  ? -10.977 4.428   -10.150 1.00 27.54  ? 25  ARG A N   1 
ATOM   78   C CA  . ARG A 1 11  ? -12.385 3.999   -10.050 1.00 31.20  ? 25  ARG A CA  1 
ATOM   79   C C   . ARG A 1 11  ? -12.783 2.950   -11.110 1.00 31.26  ? 25  ARG A C   1 
ATOM   80   O O   . ARG A 1 11  ? -13.648 2.106   -10.846 1.00 29.52  ? 25  ARG A O   1 
ATOM   81   C CB  . ARG A 1 11  ? -13.329 5.203   -10.055 1.00 35.71  ? 25  ARG A CB  1 
ATOM   82   C CG  . ARG A 1 11  ? -13.274 5.988   -8.742  1.00 40.31  ? 25  ARG A CG  1 
ATOM   83   C CD  . ARG A 1 11  ? -14.164 7.228   -8.770  1.00 46.29  ? 25  ARG A CD  1 
ATOM   84   N NE  . ARG A 1 11  ? -13.863 8.140   -7.655  1.00 49.59  ? 25  ARG A NE  1 
ATOM   85   C CZ  . ARG A 1 11  ? -13.620 9.455   -7.754  1.00 56.18  ? 25  ARG A CZ  1 
ATOM   86   N NH1 . ARG A 1 11  ? -13.648 10.097  -8.936  1.00 58.51  ? 25  ARG A NH1 1 
ATOM   87   N NH2 . ARG A 1 11  ? -13.344 10.149  -6.647  1.00 54.59  ? 25  ARG A NH2 1 
ATOM   88   N N   . LYS A 1 12  ? -12.114 2.957   -12.259 1.00 29.84  ? 26  LYS A N   1 
ATOM   89   C CA  . LYS A 1 12  ? -12.360 1.962   -13.302 1.00 32.53  ? 26  LYS A CA  1 
ATOM   90   C C   . LYS A 1 12  ? -11.948 0.518   -12.940 1.00 31.86  ? 26  LYS A C   1 
ATOM   91   O O   . LYS A 1 12  ? -12.387 -0.425  -13.607 1.00 31.11  ? 26  LYS A O   1 
ATOM   92   C CB  . LYS A 1 12  ? -11.671 2.387   -14.602 1.00 37.83  ? 26  LYS A CB  1 
ATOM   93   C CG  . LYS A 1 12  ? -12.210 3.697   -15.191 1.00 41.81  ? 26  LYS A CG  1 
ATOM   94   C CD  . LYS A 1 12  ? -11.477 4.059   -16.479 1.00 48.73  ? 26  LYS A CD  1 
ATOM   95   C CE  . LYS A 1 12  ? -11.871 5.432   -17.001 1.00 56.92  ? 26  LYS A CE  1 
ATOM   96   N NZ  . LYS A 1 12  ? -13.141 5.366   -17.769 1.00 61.97  ? 26  LYS A NZ  1 
ATOM   97   N N   . TYR A 1 13  ? -11.092 0.350   -11.922 1.00 26.02  ? 27  TYR A N   1 
ATOM   98   C CA  . TYR A 1 13  ? -10.618 -0.927  -11.489 1.00 25.16  ? 27  TYR A CA  1 
ATOM   99   C C   . TYR A 1 13  ? -11.218 -1.355  -10.142 1.00 25.83  ? 27  TYR A C   1 
ATOM   100  O O   . TYR A 1 13  ? -10.818 -2.383  -9.604  1.00 27.58  ? 27  TYR A O   1 
ATOM   101  C CB  . TYR A 1 13  ? -9.088  -0.910  -11.401 1.00 24.74  ? 27  TYR A CB  1 
ATOM   102  C CG  . TYR A 1 13  ? -8.415  -0.640  -12.727 1.00 26.25  ? 27  TYR A CG  1 
ATOM   103  C CD1 . TYR A 1 13  ? -8.267  0.669   -13.202 1.00 27.54  ? 27  TYR A CD1 1 
ATOM   104  C CD2 . TYR A 1 13  ? -7.957  -1.687  -13.516 1.00 28.48  ? 27  TYR A CD2 1 
ATOM   105  C CE1 . TYR A 1 13  ? -7.662  0.918   -14.428 1.00 30.26  ? 27  TYR A CE1 1 
ATOM   106  C CE2 . TYR A 1 13  ? -7.349  -1.454  -14.756 1.00 30.65  ? 27  TYR A CE2 1 
ATOM   107  C CZ  . TYR A 1 13  ? -7.209  -0.153  -15.200 1.00 31.95  ? 27  TYR A CZ  1 
ATOM   108  O OH  . TYR A 1 13  ? -6.598  0.095   -16.407 1.00 35.52  ? 27  TYR A OH  1 
ATOM   109  N N   . ASP A 1 14  ? -12.150 -0.572  -9.612  1.00 28.12  ? 28  ASP A N   1 
ATOM   110  C CA  . ASP A 1 14  ? -12.759 -0.848  -8.311  1.00 31.11  ? 28  ASP A CA  1 
ATOM   111  C C   . ASP A 1 14  ? -13.618 -2.113  -8.430  1.00 34.57  ? 28  ASP A C   1 
ATOM   112  O O   . ASP A 1 14  ? -14.487 -2.219  -9.298  1.00 35.21  ? 28  ASP A O   1 
ATOM   113  C CB  . ASP A 1 14  ? -13.612 0.335   -7.903  1.00 32.07  ? 28  ASP A CB  1 
ATOM   114  C CG  . ASP A 1 14  ? -14.149 0.247   -6.470  1.00 35.46  ? 28  ASP A CG  1 
ATOM   115  O OD1 . ASP A 1 14  ? -13.608 -0.457  -5.607  1.00 33.07  ? 28  ASP A OD1 1 
ATOM   116  O OD2 . ASP A 1 14  ? -15.120 0.959   -6.216  1.00 42.01  ? 28  ASP A OD2 1 
ATOM   117  N N   . ILE A 1 15  ? -13.332 -3.100  -7.614  1.00 35.41  ? 29  ILE A N   1 
ATOM   118  C CA  . ILE A 1 15  ? -14.221 -4.258  -7.561  1.00 41.69  ? 29  ILE A CA  1 
ATOM   119  C C   . ILE A 1 15  ? -15.325 -4.081  -6.506  1.00 41.34  ? 29  ILE A C   1 
ATOM   120  O O   . ILE A 1 15  ? -16.258 -4.862  -6.464  1.00 45.16  ? 29  ILE A O   1 
ATOM   121  C CB  . ILE A 1 15  ? -13.439 -5.574  -7.419  1.00 45.19  ? 29  ILE A CB  1 
ATOM   122  C CG1 . ILE A 1 15  ? -12.860 -5.769  -6.023  1.00 47.22  ? 29  ILE A CG1 1 
ATOM   123  C CG2 . ILE A 1 15  ? -12.332 -5.648  -8.483  1.00 48.02  ? 29  ILE A CG2 1 
ATOM   124  C CD1 . ILE A 1 15  ? -12.886 -7.226  -5.601  1.00 51.27  ? 29  ILE A CD1 1 
ATOM   125  N N   . GLY A 1 16  ? -15.207 -3.063  -5.651  1.00 44.15  ? 30  GLY A N   1 
ATOM   126  C CA  . GLY A 1 16  ? -16.186 -2.824  -4.576  1.00 45.48  ? 30  GLY A CA  1 
ATOM   127  C C   . GLY A 1 16  ? -16.212 -3.967  -3.564  1.00 43.72  ? 30  GLY A C   1 
ATOM   128  O O   . GLY A 1 16  ? -15.167 -4.521  -3.231  1.00 43.66  ? 30  GLY A O   1 
ATOM   129  N N   . GLY A 1 17  ? -17.413 -4.334  -3.105  1.00 44.83  ? 31  GLY A N   1 
ATOM   130  C CA  . GLY A 1 17  ? -17.591 -5.368  -2.067  1.00 42.14  ? 31  GLY A CA  1 
ATOM   131  C C   . GLY A 1 17  ? -17.854 -6.784  -2.568  1.00 39.34  ? 31  GLY A C   1 
ATOM   132  O O   . GLY A 1 17  ? -18.226 -7.666  -1.790  1.00 34.99  ? 31  GLY A O   1 
ATOM   133  N N   . LYS A 1 18  ? -17.587 -7.008  -3.850  1.00 42.34  ? 32  LYS A N   1 
ATOM   134  C CA  . LYS A 1 18  ? -17.974 -8.216  -4.570  1.00 41.05  ? 32  LYS A CA  1 
ATOM   135  C C   . LYS A 1 18  ? -17.490 -9.507  -3.870  1.00 36.79  ? 32  LYS A C   1 
ATOM   136  O O   . LYS A 1 18  ? -18.272 -10.408 -3.651  1.00 40.80  ? 32  LYS A O   1 
ATOM   137  C CB  . LYS A 1 18  ? -17.465 -8.081  -6.030  1.00 43.71  ? 32  LYS A CB  1 
ATOM   138  C CG  . LYS A 1 18  ? -18.085 -9.012  -7.049  1.00 47.84  ? 32  LYS A CG  1 
ATOM   139  C CD  . LYS A 1 18  ? -17.759 -8.597  -8.486  1.00 47.44  ? 32  LYS A CD  1 
ATOM   140  C CE  . LYS A 1 18  ? -18.717 -7.529  -8.991  1.00 51.00  ? 32  LYS A CE  1 
ATOM   141  N NZ  . LYS A 1 18  ? -18.544 -7.268  -10.441 1.00 52.61  ? 32  LYS A NZ  1 
ATOM   142  N N   . TYR A 1 19  ? -16.237 -9.519  -3.423  1.00 33.77  ? 33  TYR A N   1 
ATOM   143  C CA  . TYR A 1 19  ? -15.608 -10.669 -2.770  1.00 32.29  ? 33  TYR A CA  1 
ATOM   144  C C   . TYR A 1 19  ? -15.534 -10.587 -1.217  1.00 32.70  ? 33  TYR A C   1 
ATOM   145  O O   . TYR A 1 19  ? -15.010 -11.508 -0.562  1.00 33.89  ? 33  TYR A O   1 
ATOM   146  C CB  . TYR A 1 19  ? -14.195 -10.812 -3.338  1.00 32.23  ? 33  TYR A CB  1 
ATOM   147  C CG  . TYR A 1 19  ? -14.173 -11.338 -4.755  1.00 28.91  ? 33  TYR A CG  1 
ATOM   148  C CD1 . TYR A 1 19  ? -14.600 -10.556 -5.823  1.00 30.56  ? 33  TYR A CD1 1 
ATOM   149  C CD2 . TYR A 1 19  ? -13.748 -12.633 -5.025  1.00 28.86  ? 33  TYR A CD2 1 
ATOM   150  C CE1 . TYR A 1 19  ? -14.592 -11.053 -7.136  1.00 30.92  ? 33  TYR A CE1 1 
ATOM   151  C CE2 . TYR A 1 19  ? -13.715 -13.131 -6.319  1.00 29.27  ? 33  TYR A CE2 1 
ATOM   152  C CZ  . TYR A 1 19  ? -14.155 -12.353 -7.371  1.00 29.38  ? 33  TYR A CZ  1 
ATOM   153  O OH  . TYR A 1 19  ? -14.123 -12.854 -8.659  1.00 29.86  ? 33  TYR A OH  1 
ATOM   154  N N   . SER A 1 20  ? -16.104 -9.524  -0.645  1.00 32.85  ? 34  SER A N   1 
ATOM   155  C CA  . SER A 1 20  ? -15.945 -9.207  0.788   1.00 31.15  ? 34  SER A CA  1 
ATOM   156  C C   . SER A 1 20  ? -16.719 -10.109 1.783   1.00 31.48  ? 34  SER A C   1 
ATOM   157  O O   . SER A 1 20  ? -16.358 -10.130 2.966   1.00 32.96  ? 34  SER A O   1 
ATOM   158  C CB  . SER A 1 20  ? -16.373 -7.751  1.043   1.00 35.53  ? 34  SER A CB  1 
ATOM   159  O OG  . SER A 1 20  ? -17.771 -7.573  0.807   1.00 37.53  ? 34  SER A OG  1 
ATOM   160  N N   A HIS A 1 21  ? -17.759 -10.816 1.350   0.35 26.01  ? 35  HIS A N   1 
ATOM   161  N N   B HIS A 1 21  ? -17.756 -10.799 1.306   0.15 28.95  ? 35  HIS A N   1 
ATOM   162  C CA  A HIS A 1 21  ? -18.531 -11.651 2.284   0.35 26.42  ? 35  HIS A CA  1 
ATOM   163  C CA  B HIS A 1 21  ? -18.608 -11.649 2.143   0.15 28.96  ? 35  HIS A CA  1 
ATOM   164  C C   A HIS A 1 21  ? -18.070 -13.104 2.320   0.35 26.79  ? 35  HIS A C   1 
ATOM   165  C C   B HIS A 1 21  ? -18.118 -13.094 2.268   0.15 28.68  ? 35  HIS A C   1 
ATOM   166  O O   A HIS A 1 21  ? -18.507 -13.859 3.181   0.35 24.25  ? 35  HIS A O   1 
ATOM   167  O O   B HIS A 1 21  ? -18.585 -13.824 3.141   0.15 27.50  ? 35  HIS A O   1 
ATOM   168  C CB  A HIS A 1 21  ? -20.001 -11.653 1.919   0.35 27.29  ? 35  HIS A CB  1 
ATOM   169  C CB  B HIS A 1 21  ? -20.030 -11.669 1.577   0.15 29.73  ? 35  HIS A CB  1 
ATOM   170  C CG  A HIS A 1 21  ? -20.336 -12.683 0.896   0.35 28.07  ? 35  HIS A CG  1 
ATOM   171  C CG  B HIS A 1 21  ? -20.678 -10.322 1.525   0.15 30.02  ? 35  HIS A CG  1 
ATOM   172  N ND1 A HIS A 1 21  ? -20.291 -12.419 -0.453  0.35 27.40  ? 35  HIS A ND1 1 
ATOM   173  N ND1 B HIS A 1 21  ? -20.319 -9.357  0.608   0.15 30.40  ? 35  HIS A ND1 1 
ATOM   174  C CD2 A HIS A 1 21  ? -20.641 -13.999 1.013   0.35 28.21  ? 35  HIS A CD2 1 
ATOM   175  C CD2 B HIS A 1 21  ? -21.666 -9.780  2.275   0.15 30.54  ? 35  HIS A CD2 1 
ATOM   176  C CE1 A HIS A 1 21  ? -20.592 -13.512 -1.123  0.35 26.09  ? 35  HIS A CE1 1 
ATOM   177  C CE1 B HIS A 1 21  ? -21.058 -8.277  0.796   0.15 30.90  ? 35  HIS A CE1 1 
ATOM   178  N NE2 A HIS A 1 21  ? -20.804 -14.488 -0.258  0.35 27.70  ? 35  HIS A NE2 1 
ATOM   179  N NE2 B HIS A 1 21  ? -21.877 -8.504  1.809   0.15 30.22  ? 35  HIS A NE2 1 
ATOM   180  N N   . LEU A 1 22  ? -17.198 -13.507 1.394   1.00 28.65  ? 36  LEU A N   1 
ATOM   181  C CA  . LEU A 1 22  ? -16.709 -14.892 1.355   1.00 30.07  ? 36  LEU A CA  1 
ATOM   182  C C   . LEU A 1 22  ? -16.024 -15.321 2.660   1.00 31.45  ? 36  LEU A C   1 
ATOM   183  O O   . LEU A 1 22  ? -15.312 -14.519 3.286   1.00 31.46  ? 36  LEU A O   1 
ATOM   184  C CB  . LEU A 1 22  ? -15.764 -15.093 0.148   1.00 31.52  ? 36  LEU A CB  1 
ATOM   185  C CG  . LEU A 1 22  ? -16.453 -14.995 -1.221  1.00 31.73  ? 36  LEU A CG  1 
ATOM   186  C CD1 . LEU A 1 22  ? -15.416 -14.886 -2.304  1.00 34.23  ? 36  LEU A CD1 1 
ATOM   187  C CD2 . LEU A 1 22  ? -17.380 -16.180 -1.484  1.00 35.41  ? 36  LEU A CD2 1 
ATOM   188  N N   . PRO A 1 23  ? -16.217 -16.587 3.078   1.00 32.79  ? 37  PRO A N   1 
ATOM   189  C CA  . PRO A 1 23  ? -15.785 -17.050 4.424   1.00 32.89  ? 37  PRO A CA  1 
ATOM   190  C C   . PRO A 1 23  ? -14.278 -17.349 4.589   1.00 33.03  ? 37  PRO A C   1 
ATOM   191  O O   . PRO A 1 23  ? -13.886 -18.460 4.922   1.00 35.40  ? 37  PRO A O   1 
ATOM   192  C CB  . PRO A 1 23  ? -16.655 -18.317 4.630   1.00 34.39  ? 37  PRO A CB  1 
ATOM   193  C CG  . PRO A 1 23  ? -16.778 -18.865 3.240   1.00 32.79  ? 37  PRO A CG  1 
ATOM   194  C CD  . PRO A 1 23  ? -16.965 -17.649 2.361   1.00 33.74  ? 37  PRO A CD  1 
ATOM   195  N N   . TYR A 1 24  ? -13.433 -16.341 4.361   1.00 29.89  ? 38  TYR A N   1 
ATOM   196  C CA  . TYR A 1 24  ? -12.002 -16.465 4.508   1.00 27.59  ? 38  TYR A CA  1 
ATOM   197  C C   . TYR A 1 24  ? -11.518 -15.876 5.848   1.00 27.12  ? 38  TYR A C   1 
ATOM   198  O O   . TYR A 1 24  ? -12.235 -15.110 6.469   1.00 28.39  ? 38  TYR A O   1 
ATOM   199  C CB  . TYR A 1 24  ? -11.340 -15.651 3.378   1.00 29.04  ? 38  TYR A CB  1 
ATOM   200  C CG  . TYR A 1 24  ? -11.375 -16.355 2.035   1.00 27.99  ? 38  TYR A CG  1 
ATOM   201  C CD1 . TYR A 1 24  ? -10.488 -17.353 1.768   1.00 29.84  ? 38  TYR A CD1 1 
ATOM   202  C CD2 . TYR A 1 24  ? -12.295 -16.016 1.059   1.00 29.09  ? 38  TYR A CD2 1 
ATOM   203  C CE1 . TYR A 1 24  ? -10.483 -18.033 0.554   1.00 30.89  ? 38  TYR A CE1 1 
ATOM   204  C CE2 . TYR A 1 24  ? -12.307 -16.677 -0.184  1.00 27.77  ? 38  TYR A CE2 1 
ATOM   205  C CZ  . TYR A 1 24  ? -11.401 -17.690 -0.421  1.00 28.50  ? 38  TYR A CZ  1 
ATOM   206  O OH  . TYR A 1 24  ? -11.388 -18.386 -1.631  1.00 29.63  ? 38  TYR A OH  1 
ATOM   207  N N   . ASN A 1 25  ? -10.301 -16.214 6.236   1.00 27.08  ? 39  ASN A N   1 
ATOM   208  C CA  . ASN A 1 25  ? -9.528  -15.401 7.193   1.00 30.89  ? 39  ASN A CA  1 
ATOM   209  C C   . ASN A 1 25  ? -9.178  -14.100 6.457   1.00 30.71  ? 39  ASN A C   1 
ATOM   210  O O   . ASN A 1 25  ? -8.532  -14.157 5.413   1.00 26.58  ? 39  ASN A O   1 
ATOM   211  C CB  . ASN A 1 25  ? -8.246  -16.110 7.603   1.00 32.62  ? 39  ASN A CB  1 
ATOM   212  C CG  . ASN A 1 25  ? -8.504  -17.386 8.390   1.00 37.97  ? 39  ASN A CG  1 
ATOM   213  O OD1 . ASN A 1 25  ? -9.326  -17.405 9.291   1.00 40.57  ? 39  ASN A OD1 1 
ATOM   214  N ND2 . ASN A 1 25  ? -7.814  -18.456 8.029   1.00 38.26  ? 39  ASN A ND2 1 
ATOM   215  N N   . LYS A 1 26  ? -9.616  -12.961 6.985   1.00 28.50  ? 40  LYS A N   1 
ATOM   216  C CA  . LYS A 1 26  ? -9.595  -11.688 6.228   1.00 27.59  ? 40  LYS A CA  1 
ATOM   217  C C   . LYS A 1 26  ? -8.567  -10.672 6.757   1.00 28.06  ? 40  LYS A C   1 
ATOM   218  O O   . LYS A 1 26  ? -8.467  -10.436 7.979   1.00 25.94  ? 40  LYS A O   1 
ATOM   219  C CB  . LYS A 1 26  ? -10.994 -11.093 6.187   1.00 28.36  ? 40  LYS A CB  1 
ATOM   220  C CG  . LYS A 1 26  ? -11.960 -11.943 5.360   1.00 30.90  ? 40  LYS A CG  1 
ATOM   221  C CD  . LYS A 1 26  ? -13.399 -11.528 5.493   1.00 32.89  ? 40  LYS A CD  1 
ATOM   222  C CE  . LYS A 1 26  ? -13.689 -10.166 4.869   1.00 33.74  ? 40  LYS A CE  1 
ATOM   223  N NZ  . LYS A 1 26  ? -13.128 -9.988  3.498   1.00 31.93  ? 40  LYS A NZ  1 
ATOM   224  N N   . TYR A 1 27  ? -7.774  -10.125 5.826   1.00 26.52  ? 41  TYR A N   1 
ATOM   225  C CA  . TYR A 1 27  ? -6.803  -9.040  6.068   1.00 26.99  ? 41  TYR A CA  1 
ATOM   226  C C   . TYR A 1 27  ? -7.023  -7.965  5.017   1.00 26.90  ? 41  TYR A C   1 
ATOM   227  O O   . TYR A 1 27  ? -7.438  -8.268  3.876   1.00 23.43  ? 41  TYR A O   1 
ATOM   228  C CB  . TYR A 1 27  ? -5.352  -9.524  5.928   1.00 29.35  ? 41  TYR A CB  1 
ATOM   229  C CG  . TYR A 1 27  ? -4.938  -10.573 6.914   1.00 32.80  ? 41  TYR A CG  1 
ATOM   230  C CD1 . TYR A 1 27  ? -5.441  -11.880 6.820   1.00 35.03  ? 41  TYR A CD1 1 
ATOM   231  C CD2 . TYR A 1 27  ? -4.070  -10.266 7.962   1.00 34.07  ? 41  TYR A CD2 1 
ATOM   232  C CE1 . TYR A 1 27  ? -5.076  -12.857 7.742   1.00 37.27  ? 41  TYR A CE1 1 
ATOM   233  C CE2 . TYR A 1 27  ? -3.702  -11.225 8.895   1.00 36.83  ? 41  TYR A CE2 1 
ATOM   234  C CZ  . TYR A 1 27  ? -4.206  -12.518 8.779   1.00 39.08  ? 41  TYR A CZ  1 
ATOM   235  O OH  . TYR A 1 27  ? -3.842  -13.485 9.686   1.00 41.99  ? 41  TYR A OH  1 
ATOM   236  N N   . SER A 1 28  ? -6.751  -6.710  5.389   1.00 25.74  ? 42  SER A N   1 
ATOM   237  C CA  . SER A 1 28  ? -6.802  -5.584  4.445   1.00 25.15  ? 42  SER A CA  1 
ATOM   238  C C   . SER A 1 28  ? -5.479  -4.821  4.468   1.00 24.47  ? 42  SER A C   1 
ATOM   239  O O   . SER A 1 28  ? -4.807  -4.760  5.517   1.00 23.64  ? 42  SER A O   1 
ATOM   240  C CB  . SER A 1 28  ? -7.908  -4.607  4.794   1.00 27.48  ? 42  SER A CB  1 
ATOM   241  O OG  . SER A 1 28  ? -9.214  -5.145  4.660   1.00 26.30  ? 42  SER A OG  1 
ATOM   242  N N   . VAL A 1 29  ? -5.104  -4.252  3.311   1.00 23.05  ? 43  VAL A N   1 
ATOM   243  C CA  . VAL A 1 29  ? -3.955  -3.356  3.231   1.00 23.51  ? 43  VAL A CA  1 
ATOM   244  C C   . VAL A 1 29  ? -4.357  -2.026  2.608   1.00 23.17  ? 43  VAL A C   1 
ATOM   245  O O   . VAL A 1 29  ? -5.317  -1.941  1.841   1.00 22.66  ? 43  VAL A O   1 
ATOM   246  C CB  . VAL A 1 29  ? -2.731  -3.941  2.496   1.00 24.71  ? 43  VAL A CB  1 
ATOM   247  C CG1 . VAL A 1 29  ? -2.137  -5.124  3.252   1.00 27.12  ? 43  VAL A CG1 1 
ATOM   248  C CG2 . VAL A 1 29  ? -3.041  -4.284  1.040   1.00 24.96  ? 43  VAL A CG2 1 
ATOM   249  N N   . LEU A 1 30  ? -3.660  -0.963  3.028   1.00 22.97  ? 44  LEU A N   1 
ATOM   250  C CA  . LEU A 1 30  ? -3.856  0.359   2.475   1.00 23.16  ? 44  LEU A CA  1 
ATOM   251  C C   . LEU A 1 30  ? -2.647  0.701   1.593   1.00 22.40  ? 44  LEU A C   1 
ATOM   252  O O   . LEU A 1 30  ? -1.496  0.626   2.051   1.00 22.73  ? 44  LEU A O   1 
ATOM   253  C CB  . LEU A 1 30  ? -3.988  1.415   3.586   1.00 22.96  ? 44  LEU A CB  1 
ATOM   254  C CG  . LEU A 1 30  ? -4.247  2.842   3.087   1.00 23.09  ? 44  LEU A CG  1 
ATOM   255  C CD1 . LEU A 1 30  ? -5.611  2.974   2.443   1.00 25.26  ? 44  LEU A CD1 1 
ATOM   256  C CD2 . LEU A 1 30  ? -4.090  3.848   4.231   1.00 25.27  ? 44  LEU A CD2 1 
ATOM   257  N N   . LEU A 1 31  ? -2.928  1.048   0.342   1.00 22.45  ? 45  LEU A N   1 
ATOM   258  C CA  . LEU A 1 31  ? -1.936  1.526   -0.631  1.00 24.36  ? 45  LEU A CA  1 
ATOM   259  C C   . LEU A 1 31  ? -2.010  3.073   -0.599  1.00 22.51  ? 45  LEU A C   1 
ATOM   260  O O   . LEU A 1 31  ? -2.905  3.649   -1.211  1.00 23.11  ? 45  LEU A O   1 
ATOM   261  C CB  . LEU A 1 31  ? -2.278  1.009   -2.033  1.00 25.49  ? 45  LEU A CB  1 
ATOM   262  C CG  . LEU A 1 31  ? -1.905  -0.446  -2.390  1.00 29.26  ? 45  LEU A CG  1 
ATOM   263  C CD1 . LEU A 1 31  ? -1.939  -1.445  -1.276  1.00 28.54  ? 45  LEU A CD1 1 
ATOM   264  C CD2 . LEU A 1 31  ? -2.717  -0.951  -3.582  1.00 30.88  ? 45  LEU A CD2 1 
ATOM   265  N N   . PRO A 1 32  ? -1.132  3.733   0.177   1.00 22.36  ? 46  PRO A N   1 
ATOM   266  C CA  . PRO A 1 32  ? -1.333  5.157   0.454   1.00 22.01  ? 46  PRO A CA  1 
ATOM   267  C C   . PRO A 1 32  ? -0.598  6.044   -0.557  1.00 21.51  ? 46  PRO A C   1 
ATOM   268  O O   . PRO A 1 32  ? 0.603   5.954   -0.681  1.00 22.06  ? 46  PRO A O   1 
ATOM   269  C CB  . PRO A 1 32  ? -0.766  5.321   1.876   1.00 23.64  ? 46  PRO A CB  1 
ATOM   270  C CG  . PRO A 1 32  ? -0.265  3.952   2.288   1.00 23.72  ? 46  PRO A CG  1 
ATOM   271  C CD  . PRO A 1 32  ? -0.044  3.218   1.012   1.00 22.78  ? 46  PRO A CD  1 
ATOM   272  N N   . LEU A 1 33  ? -1.352  6.828   -1.302  1.00 22.12  ? 47  LEU A N   1 
ATOM   273  C CA  . LEU A 1 33  ? -0.802  7.727   -2.318  1.00 24.58  ? 47  LEU A CA  1 
ATOM   274  C C   . LEU A 1 33  ? -0.628  9.131   -1.748  1.00 25.68  ? 47  LEU A C   1 
ATOM   275  O O   . LEU A 1 33  ? -1.587  9.711   -1.251  1.00 24.37  ? 47  LEU A O   1 
ATOM   276  C CB  . LEU A 1 33  ? -1.718  7.806   -3.519  1.00 26.70  ? 47  LEU A CB  1 
ATOM   277  C CG  . LEU A 1 33  ? -1.740  6.624   -4.491  1.00 28.89  ? 47  LEU A CG  1 
ATOM   278  C CD1 . LEU A 1 33  ? -2.905  6.807   -5.452  1.00 31.98  ? 47  LEU A CD1 1 
ATOM   279  C CD2 . LEU A 1 33  ? -0.434  6.522   -5.272  1.00 30.61  ? 47  LEU A CD2 1 
ATOM   280  N N   . VAL A 1 34  ? 0.579   9.651   -1.897  1.00 26.62  ? 48  VAL A N   1 
ATOM   281  C CA  . VAL A 1 34  ? 1.010   10.939  -1.357  1.00 28.59  ? 48  VAL A CA  1 
ATOM   282  C C   . VAL A 1 34  ? 1.480   11.785  -2.542  1.00 28.35  ? 48  VAL A C   1 
ATOM   283  O O   . VAL A 1 34  ? 2.277   11.300  -3.357  1.00 29.81  ? 48  VAL A O   1 
ATOM   284  C CB  . VAL A 1 34  ? 2.201   10.733  -0.404  1.00 30.13  ? 48  VAL A CB  1 
ATOM   285  C CG1 . VAL A 1 34  ? 2.765   12.079  0.053   1.00 32.72  ? 48  VAL A CG1 1 
ATOM   286  C CG2 . VAL A 1 34  ? 1.784   9.883   0.793   1.00 31.83  ? 48  VAL A CG2 1 
ATOM   287  N N   . ALA A 1 35  ? 0.994   13.024  -2.642  1.00 27.92  ? 49  ALA A N   1 
ATOM   288  C CA  . ALA A 1 35  ? 1.438   13.936  -3.711  1.00 31.26  ? 49  ALA A CA  1 
ATOM   289  C C   . ALA A 1 35  ? 2.467   14.916  -3.177  1.00 36.34  ? 49  ALA A C   1 
ATOM   290  O O   . ALA A 1 35  ? 2.128   15.697  -2.293  1.00 36.16  ? 49  ALA A O   1 
ATOM   291  C CB  . ALA A 1 35  ? 0.256   14.664  -4.300  1.00 32.92  ? 49  ALA A CB  1 
ATOM   292  N N   . LYS A 1 36  ? 3.712   14.840  -3.682  1.00 36.41  ? 50  LYS A N   1 
ATOM   293  C CA  . LYS A 1 36  ? 4.843   15.735  -3.271  1.00 40.95  ? 50  LYS A CA  1 
ATOM   294  C C   . LYS A 1 36  ? 5.600   16.136  -4.527  1.00 38.98  ? 50  LYS A C   1 
ATOM   295  O O   . LYS A 1 36  ? 5.793   15.310  -5.427  1.00 33.99  ? 50  LYS A O   1 
ATOM   296  C CB  . LYS A 1 36  ? 5.888   15.046  -2.366  1.00 44.02  ? 50  LYS A CB  1 
ATOM   297  C CG  . LYS A 1 36  ? 5.454   14.593  -0.990  1.00 54.31  ? 50  LYS A CG  1 
ATOM   298  C CD  . LYS A 1 36  ? 4.964   15.731  -0.103  1.00 60.72  ? 50  LYS A CD  1 
ATOM   299  C CE  . LYS A 1 36  ? 4.504   15.226  1.264   1.00 65.77  ? 50  LYS A CE  1 
ATOM   300  N NZ  . LYS A 1 36  ? 3.354   16.018  1.796   1.00 67.04  ? 50  LYS A NZ  1 
ATOM   301  N N   . GLU A 1 37  ? 6.052   17.391  -4.581  1.00 39.10  ? 51  GLU A N   1 
ATOM   302  C CA  . GLU A 1 37  ? 6.937   17.865  -5.640  1.00 40.57  ? 51  GLU A CA  1 
ATOM   303  C C   . GLU A 1 37  ? 6.371   17.640  -7.022  1.00 38.04  ? 51  GLU A C   1 
ATOM   304  O O   . GLU A 1 37  ? 7.107   17.357  -7.963  1.00 41.30  ? 51  GLU A O   1 
ATOM   305  C CB  . GLU A 1 37  ? 8.306   17.178  -5.541  1.00 45.36  ? 51  GLU A CB  1 
ATOM   306  C CG  . GLU A 1 37  ? 8.924   17.163  -4.155  1.00 50.32  ? 51  GLU A CG  1 
ATOM   307  C CD  . GLU A 1 37  ? 10.152  16.263  -4.069  1.00 58.59  ? 51  GLU A CD  1 
ATOM   308  O OE1 . GLU A 1 37  ? 11.037  16.564  -3.245  1.00 64.32  ? 51  GLU A OE1 1 
ATOM   309  O OE2 . GLU A 1 37  ? 10.237  15.257  -4.819  1.00 63.36  ? 51  GLU A OE2 1 
ATOM   310  N N   . GLY A 1 38  ? 5.058   17.775  -7.134  1.00 34.43  ? 52  GLY A N   1 
ATOM   311  C CA  . GLY A 1 38  ? 4.342   17.646  -8.374  1.00 34.75  ? 52  GLY A CA  1 
ATOM   312  C C   . GLY A 1 38  ? 4.182   16.223  -8.908  1.00 36.71  ? 52  GLY A C   1 
ATOM   313  O O   . GLY A 1 38  ? 3.811   16.063  -10.073 1.00 35.95  ? 52  GLY A O   1 
ATOM   314  N N   . LYS A 1 39  ? 4.445   15.201  -8.081  1.00 33.39  ? 53  LYS A N   1 
ATOM   315  C CA  . LYS A 1 39  ? 4.378   13.787  -8.529  1.00 34.17  ? 53  LYS A CA  1 
ATOM   316  C C   . LYS A 1 39  ? 3.681   12.958  -7.456  1.00 30.76  ? 53  LYS A C   1 
ATOM   317  O O   . LYS A 1 39  ? 3.668   13.339  -6.296  1.00 30.50  ? 53  LYS A O   1 
ATOM   318  C CB  . LYS A 1 39  ? 5.784   13.213  -8.715  1.00 37.13  ? 53  LYS A CB  1 
ATOM   319  C CG  . LYS A 1 39  ? 6.720   14.042  -9.581  1.00 45.60  ? 53  LYS A CG  1 
ATOM   320  C CD  . LYS A 1 39  ? 8.099   13.406  -9.764  1.00 49.34  ? 53  LYS A CD  1 
ATOM   321  C CE  . LYS A 1 39  ? 8.894   13.213  -8.467  1.00 53.91  ? 53  LYS A CE  1 
ATOM   322  N NZ  . LYS A 1 39  ? 9.982   12.197  -8.601  1.00 54.39  ? 53  LYS A NZ  1 
ATOM   323  N N   . LEU A 1 40  ? 3.129   11.813  -7.847  1.00 27.58  ? 54  LEU A N   1 
ATOM   324  C CA  . LEU A 1 40  ? 2.572   10.848  -6.886  1.00 26.24  ? 54  LEU A CA  1 
ATOM   325  C C   . LEU A 1 40  ? 3.647   9.880   -6.359  1.00 25.03  ? 54  LEU A C   1 
ATOM   326  O O   . LEU A 1 40  ? 4.573   9.480   -7.091  1.00 26.34  ? 54  LEU A O   1 
ATOM   327  C CB  . LEU A 1 40  ? 1.431   10.054  -7.555  1.00 28.49  ? 54  LEU A CB  1 
ATOM   328  C CG  . LEU A 1 40  ? 0.184   10.871  -7.840  1.00 31.76  ? 54  LEU A CG  1 
ATOM   329  C CD1 . LEU A 1 40  ? -0.821  10.086  -8.680  1.00 35.59  ? 54  LEU A CD1 1 
ATOM   330  C CD2 . LEU A 1 40  ? -0.449  11.345  -6.553  1.00 31.45  ? 54  LEU A CD2 1 
ATOM   331  N N   . HIS A 1 41  ? 3.496   9.507   -5.090  1.00 24.37  ? 55  HIS A N   1 
ATOM   332  C CA  . HIS A 1 41  ? 4.368   8.585   -4.386  1.00 24.85  ? 55  HIS A CA  1 
ATOM   333  C C   . HIS A 1 41  ? 3.500   7.553   -3.651  1.00 24.28  ? 55  HIS A C   1 
ATOM   334  O O   . HIS A 1 41  ? 2.368   7.855   -3.301  1.00 24.97  ? 55  HIS A O   1 
ATOM   335  C CB  . HIS A 1 41  ? 5.191   9.317   -3.331  1.00 26.68  ? 55  HIS A CB  1 
ATOM   336  C CG  . HIS A 1 41  ? 6.103   10.357  -3.889  1.00 26.81  ? 55  HIS A CG  1 
ATOM   337  N ND1 . HIS A 1 41  ? 5.646   11.561  -4.370  1.00 31.29  ? 55  HIS A ND1 1 
ATOM   338  C CD2 . HIS A 1 41  ? 7.443   10.375  -4.036  1.00 29.97  ? 55  HIS A CD2 1 
ATOM   339  C CE1 . HIS A 1 41  ? 6.670   12.272  -4.815  1.00 29.36  ? 55  HIS A CE1 1 
ATOM   340  N NE2 . HIS A 1 41  ? 7.771   11.573  -4.629  1.00 31.70  ? 55  HIS A NE2 1 
ATOM   341  N N   . LEU A 1 42  ? 4.040   6.362   -3.438  1.00 23.21  ? 56  LEU A N   1 
ATOM   342  C CA  . LEU A 1 42  ? 3.465   5.402   -2.490  1.00 23.12  ? 56  LEU A CA  1 
ATOM   343  C C   . LEU A 1 42  ? 4.238   5.422   -1.181  1.00 22.01  ? 56  LEU A C   1 
ATOM   344  O O   . LEU A 1 42  ? 5.457   5.499   -1.191  1.00 24.79  ? 56  LEU A O   1 
ATOM   345  C CB  . LEU A 1 42  ? 3.453   3.992   -3.071  1.00 23.68  ? 56  LEU A CB  1 
ATOM   346  C CG  . LEU A 1 42  ? 2.339   3.656   -4.076  1.00 24.79  ? 56  LEU A CG  1 
ATOM   347  C CD1 . LEU A 1 42  ? 2.694   2.353   -4.810  1.00 26.37  ? 56  LEU A CD1 1 
ATOM   348  C CD2 . LEU A 1 42  ? 1.010   3.492   -3.361  1.00 24.55  ? 56  LEU A CD2 1 
ATOM   349  N N   . LEU A 1 43  ? 3.510   5.298   -0.074  1.00 22.52  ? 57  LEU A N   1 
ATOM   350  C CA  . LEU A 1 43  ? 4.081   5.186   1.264   1.00 23.95  ? 57  LEU A CA  1 
ATOM   351  C C   . LEU A 1 43  ? 4.172   3.730   1.673   1.00 23.84  ? 57  LEU A C   1 
ATOM   352  O O   . LEU A 1 43  ? 3.187   3.005   1.561   1.00 23.79  ? 57  LEU A O   1 
ATOM   353  C CB  . LEU A 1 43  ? 3.215   5.937   2.265   1.00 24.60  ? 57  LEU A CB  1 
ATOM   354  C CG  . LEU A 1 43  ? 3.682   5.926   3.737   1.00 27.26  ? 57  LEU A CG  1 
ATOM   355  C CD1 . LEU A 1 43  ? 3.260   7.206   4.444   1.00 29.64  ? 57  LEU A CD1 1 
ATOM   356  C CD2 . LEU A 1 43  ? 3.135   4.735   4.505   1.00 27.98  ? 57  LEU A CD2 1 
ATOM   357  N N   . PHE A 1 44  ? 5.343   3.332   2.160   1.00 22.59  ? 58  PHE A N   1 
ATOM   358  C CA  . PHE A 1 44  ? 5.634   1.970   2.603   1.00 23.32  ? 58  PHE A CA  1 
ATOM   359  C C   . PHE A 1 44  ? 6.087   1.980   4.045   1.00 26.60  ? 58  PHE A C   1 
ATOM   360  O O   . PHE A 1 44  ? 6.612   3.012   4.535   1.00 25.72  ? 58  PHE A O   1 
ATOM   361  C CB  . PHE A 1 44  ? 6.766   1.374   1.776   1.00 24.34  ? 58  PHE A CB  1 
ATOM   362  C CG  . PHE A 1 44  ? 6.444   1.207   0.318   1.00 24.89  ? 58  PHE A CG  1 
ATOM   363  C CD1 . PHE A 1 44  ? 6.631   2.253   -0.579  1.00 24.60  ? 58  PHE A CD1 1 
ATOM   364  C CD2 . PHE A 1 44  ? 5.945   -0.010  -0.169  1.00 25.08  ? 58  PHE A CD2 1 
ATOM   365  C CE1 . PHE A 1 44  ? 6.363   2.093   -1.937  1.00 24.37  ? 58  PHE A CE1 1 
ATOM   366  C CE2 . PHE A 1 44  ? 5.660   -0.166  -1.536  1.00 25.09  ? 58  PHE A CE2 1 
ATOM   367  C CZ  . PHE A 1 44  ? 5.860   0.887   -2.418  1.00 23.80  ? 58  PHE A CZ  1 
ATOM   368  N N   . THR A 1 45  ? 5.885   0.838   4.714   1.00 25.74  ? 59  THR A N   1 
ATOM   369  C CA  . THR A 1 45  ? 6.424   0.591   6.062   1.00 28.73  ? 59  THR A CA  1 
ATOM   370  C C   . THR A 1 45  ? 7.540   -0.434  5.984   1.00 30.45  ? 59  THR A C   1 
ATOM   371  O O   . THR A 1 45  ? 7.604   -1.233  5.036   1.00 32.21  ? 59  THR A O   1 
ATOM   372  C CB  . THR A 1 45  ? 5.370   0.039   7.044   1.00 29.87  ? 59  THR A CB  1 
ATOM   373  O OG1 . THR A 1 45  ? 4.896   -1.242  6.596   1.00 34.41  ? 59  THR A OG1 1 
ATOM   374  C CG2 . THR A 1 45  ? 4.214   0.965   7.200   1.00 30.52  ? 59  THR A CG2 1 
ATOM   375  N N   . VAL A 1 46  ? 8.447   -0.384  6.962   1.00 31.02  ? 60  VAL A N   1 
ATOM   376  C CA  . VAL A 1 46  ? 9.365   -1.472  7.235   1.00 31.72  ? 60  VAL A CA  1 
ATOM   377  C C   . VAL A 1 46  ? 8.928   -2.054  8.571   1.00 33.29  ? 60  VAL A C   1 
ATOM   378  O O   . VAL A 1 46  ? 8.861   -1.339  9.574   1.00 30.60  ? 60  VAL A O   1 
ATOM   379  C CB  . VAL A 1 46  ? 10.828  -1.016  7.310   1.00 34.15  ? 60  VAL A CB  1 
ATOM   380  C CG1 . VAL A 1 46  ? 11.744  -2.208  7.627   1.00 35.11  ? 60  VAL A CG1 1 
ATOM   381  C CG2 . VAL A 1 46  ? 11.227  -0.301  6.023   1.00 34.81  ? 60  VAL A CG2 1 
ATOM   382  N N   . ARG A 1 47  ? 8.614   -3.343  8.569   1.00 32.51  ? 61  ARG A N   1 
ATOM   383  C CA  . ARG A 1 47  ? 8.080   -4.015  9.756   1.00 35.44  ? 61  ARG A CA  1 
ATOM   384  C C   . ARG A 1 47  ? 9.169   -4.105  10.829  1.00 36.32  ? 61  ARG A C   1 
ATOM   385  O O   . ARG A 1 47  ? 10.357  -4.272  10.528  1.00 36.72  ? 61  ARG A O   1 
ATOM   386  C CB  . ARG A 1 47  ? 7.576   -5.425  9.408   1.00 37.93  ? 61  ARG A CB  1 
ATOM   387  C CG  . ARG A 1 47  ? 6.355   -5.455  8.501   1.00 38.81  ? 61  ARG A CG  1 
ATOM   388  C CD  . ARG A 1 47  ? 6.165   -6.844  7.903   1.00 43.03  ? 61  ARG A CD  1 
ATOM   389  N NE  . ARG A 1 47  ? 5.809   -7.830  8.922   1.00 44.17  ? 61  ARG A NE  1 
ATOM   390  C CZ  . ARG A 1 47  ? 4.605   -7.964  9.481   1.00 47.61  ? 61  ARG A CZ  1 
ATOM   391  N NH1 . ARG A 1 47  ? 3.584   -7.170  9.146   1.00 49.73  ? 61  ARG A NH1 1 
ATOM   392  N NH2 . ARG A 1 47  ? 4.418   -8.912  10.399  1.00 51.12  ? 61  ARG A NH2 1 
ATOM   393  N N   . SER A 1 48  ? 8.761   -3.934  12.075  1.00 39.04  ? 62  SER A N   1 
ATOM   394  C CA  . SER A 1 48  ? 9.695   -4.004  13.201  1.00 44.01  ? 62  SER A CA  1 
ATOM   395  C C   . SER A 1 48  ? 10.443  -5.341  13.193  1.00 47.99  ? 62  SER A C   1 
ATOM   396  O O   . SER A 1 48  ? 9.865   -6.379  12.842  1.00 42.54  ? 62  SER A O   1 
ATOM   397  C CB  . SER A 1 48  ? 8.946   -3.856  14.526  1.00 46.84  ? 62  SER A CB  1 
ATOM   398  O OG  . SER A 1 48  ? 9.799   -4.191  15.605  1.00 52.17  ? 62  SER A OG  1 
ATOM   399  N N   . GLU A 1 49  ? 11.713  -5.303  13.595  1.00 53.82  ? 63  GLU A N   1 
ATOM   400  C CA  . GLU A 1 49  ? 12.535  -6.517  13.720  1.00 62.52  ? 63  GLU A CA  1 
ATOM   401  C C   . GLU A 1 49  ? 12.006  -7.483  14.795  1.00 66.95  ? 63  GLU A C   1 
ATOM   402  O O   . GLU A 1 49  ? 12.242  -8.692  14.709  1.00 72.39  ? 63  GLU A O   1 
ATOM   403  C CB  . GLU A 1 49  ? 13.996  -6.161  14.025  1.00 64.07  ? 63  GLU A CB  1 
ATOM   404  C CG  . GLU A 1 49  ? 14.704  -5.341  12.953  1.00 67.27  ? 63  GLU A CG  1 
ATOM   405  C CD  . GLU A 1 49  ? 15.060  -6.126  11.699  1.00 70.69  ? 63  GLU A CD  1 
ATOM   406  O OE1 . GLU A 1 49  ? 14.688  -7.315  11.563  1.00 76.04  ? 63  GLU A OE1 1 
ATOM   407  O OE2 . GLU A 1 49  ? 15.731  -5.536  10.831  1.00 74.02  ? 63  GLU A OE2 1 
ATOM   408  N N   . LYS A 1 50  ? 11.300  -6.941  15.789  1.00 72.29  ? 64  LYS A N   1 
ATOM   409  C CA  . LYS A 1 50  ? 10.685  -7.726  16.872  1.00 76.23  ? 64  LYS A CA  1 
ATOM   410  C C   . LYS A 1 50  ? 9.511   -8.621  16.458  1.00 75.03  ? 64  LYS A C   1 
ATOM   411  O O   . LYS A 1 50  ? 9.168   -9.545  17.196  1.00 76.48  ? 64  LYS A O   1 
ATOM   412  C CB  . LYS A 1 50  ? 10.210  -6.796  18.010  1.00 79.70  ? 64  LYS A CB  1 
ATOM   413  C CG  . LYS A 1 50  ? 11.309  -6.319  18.956  1.00 86.89  ? 64  LYS A CG  1 
ATOM   414  C CD  . LYS A 1 50  ? 11.888  -7.463  19.793  1.00 92.59  ? 64  LYS A CD  1 
ATOM   415  C CE  . LYS A 1 50  ? 11.975  -7.125  21.277  1.00 95.14  ? 64  LYS A CE  1 
ATOM   416  N NZ  . LYS A 1 50  ? 12.890  -5.986  21.557  1.00 98.09  ? 64  LYS A NZ  1 
ATOM   417  N N   . LEU A 1 51  ? 8.881   -8.347  15.318  1.00 72.61  ? 65  LEU A N   1 
ATOM   418  C CA  . LEU A 1 51  ? 7.674   -9.083  14.924  1.00 71.67  ? 65  LEU A CA  1 
ATOM   419  C C   . LEU A 1 51  ? 7.976   -10.534 14.567  1.00 73.37  ? 65  LEU A C   1 
ATOM   420  O O   . LEU A 1 51  ? 9.090   -10.869 14.156  1.00 68.12  ? 65  LEU A O   1 
ATOM   421  C CB  . LEU A 1 51  ? 6.949   -8.390  13.762  1.00 70.29  ? 65  LEU A CB  1 
ATOM   422  C CG  . LEU A 1 51  ? 6.379   -6.999  14.070  1.00 67.19  ? 65  LEU A CG  1 
ATOM   423  C CD1 . LEU A 1 51  ? 5.771   -6.394  12.816  1.00 65.86  ? 65  LEU A CD1 1 
ATOM   424  C CD2 . LEU A 1 51  ? 5.355   -7.038  15.199  1.00 66.50  ? 65  LEU A CD2 1 
ATOM   425  N N   . ARG A 1 52  ? 6.961   -11.378 14.740  1.00 78.91  ? 66  ARG A N   1 
ATOM   426  C CA  . ARG A 1 52  ? 7.098   -12.820 14.572  1.00 85.43  ? 66  ARG A CA  1 
ATOM   427  C C   . ARG A 1 52  ? 7.272   -13.164 13.094  1.00 82.91  ? 66  ARG A C   1 
ATOM   428  O O   . ARG A 1 52  ? 8.253   -13.807 12.717  1.00 83.29  ? 66  ARG A O   1 
ATOM   429  C CB  . ARG A 1 52  ? 5.878   -13.543 15.165  1.00 92.14  ? 66  ARG A CB  1 
ATOM   430  C CG  . ARG A 1 52  ? 6.062   -15.043 15.346  1.00 97.23  ? 66  ARG A CG  1 
ATOM   431  C CD  . ARG A 1 52  ? 4.742   -15.756 15.616  1.00 101.13 ? 66  ARG A CD  1 
ATOM   432  N NE  . ARG A 1 52  ? 4.822   -17.188 15.318  1.00 104.28 ? 66  ARG A NE  1 
ATOM   433  C CZ  . ARG A 1 52  ? 4.841   -17.727 14.091  1.00 107.46 ? 66  ARG A CZ  1 
ATOM   434  N NH1 . ARG A 1 52  ? 4.795   -16.968 12.991  1.00 107.06 ? 66  ARG A NH1 1 
ATOM   435  N NH2 . ARG A 1 52  ? 4.918   -19.050 13.961  1.00 109.82 ? 66  ARG A NH2 1 
ATOM   436  N N   . ARG A 1 53  ? 6.331   -12.707 12.267  1.00 81.29  ? 67  ARG A N   1 
ATOM   437  C CA  . ARG A 1 53  ? 6.362   -12.968 10.822  1.00 80.51  ? 67  ARG A CA  1 
ATOM   438  C C   . ARG A 1 53  ? 6.931   -11.777 10.021  1.00 76.25  ? 67  ARG A C   1 
ATOM   439  O O   . ARG A 1 53  ? 6.494   -10.635 10.181  1.00 74.24  ? 67  ARG A O   1 
ATOM   440  C CB  . ARG A 1 53  ? 4.979   -13.403 10.287  1.00 85.03  ? 67  ARG A CB  1 
ATOM   441  C CG  . ARG A 1 53  ? 3.777   -12.545 10.677  1.00 87.61  ? 67  ARG A CG  1 
ATOM   442  C CD  . ARG A 1 53  ? 2.579   -12.817 9.771   1.00 91.54  ? 67  ARG A CD  1 
ATOM   443  N NE  . ARG A 1 53  ? 2.716   -12.161 8.462   1.00 92.11  ? 67  ARG A NE  1 
ATOM   444  C CZ  . ARG A 1 53  ? 2.041   -11.085 8.034   1.00 94.55  ? 67  ARG A CZ  1 
ATOM   445  N NH1 . ARG A 1 53  ? 1.115   -10.477 8.782   1.00 96.22  ? 67  ARG A NH1 1 
ATOM   446  N NH2 . ARG A 1 53  ? 2.291   -10.608 6.815   1.00 97.32  ? 67  ARG A NH2 1 
ATOM   447  N N   . ALA A 1 54  ? 7.930   -12.071 9.186   1.00 70.68  ? 68  ALA A N   1 
ATOM   448  C CA  . ALA A 1 54  ? 8.535   -11.119 8.247   1.00 67.47  ? 68  ALA A CA  1 
ATOM   449  C C   . ALA A 1 54  ? 9.151   -9.877  8.919   1.00 64.30  ? 68  ALA A C   1 
ATOM   450  O O   . ALA A 1 54  ? 8.902   -8.745  8.487   1.00 61.02  ? 68  ALA A O   1 
ATOM   451  C CB  . ALA A 1 54  ? 7.520   -10.720 7.174   1.00 66.64  ? 68  ALA A CB  1 
ATOM   452  N N   . PRO A 1 55  ? 9.979   -10.087 9.965   1.00 58.62  ? 69  PRO A N   1 
ATOM   453  C CA  . PRO A 1 55  ? 10.615  -8.943  10.607  1.00 54.48  ? 69  PRO A CA  1 
ATOM   454  C C   . PRO A 1 55  ? 11.520  -8.207  9.630   1.00 50.62  ? 69  PRO A C   1 
ATOM   455  O O   . PRO A 1 55  ? 12.207  -8.839  8.828   1.00 48.51  ? 69  PRO A O   1 
ATOM   456  C CB  . PRO A 1 55  ? 11.440  -9.582  11.731  1.00 57.25  ? 69  PRO A CB  1 
ATOM   457  C CG  . PRO A 1 55  ? 11.719  -10.960 11.243  1.00 58.74  ? 69  PRO A CG  1 
ATOM   458  C CD  . PRO A 1 55  ? 10.475  -11.365 10.512  1.00 58.88  ? 69  PRO A CD  1 
ATOM   459  N N   . GLY A 1 56  ? 11.482  -6.879  9.664   1.00 44.90  ? 70  GLY A N   1 
ATOM   460  C CA  . GLY A 1 56  ? 12.347  -6.059  8.816   1.00 45.54  ? 70  GLY A CA  1 
ATOM   461  C C   . GLY A 1 56  ? 12.003  -5.967  7.331   1.00 42.58  ? 70  GLY A C   1 
ATOM   462  O O   . GLY A 1 56  ? 12.765  -5.357  6.584   1.00 44.98  ? 70  GLY A O   1 
ATOM   463  N N   . GLU A 1 57  ? 10.879  -6.539  6.903   1.00 42.14  ? 71  GLU A N   1 
ATOM   464  C CA  . GLU A 1 57  ? 10.481  -6.533  5.478   1.00 41.96  ? 71  GLU A CA  1 
ATOM   465  C C   . GLU A 1 57  ? 9.651   -5.291  5.140   1.00 37.06  ? 71  GLU A C   1 
ATOM   466  O O   . GLU A 1 57  ? 8.955   -4.764  5.996   1.00 32.39  ? 71  GLU A O   1 
ATOM   467  C CB  . GLU A 1 57  ? 9.665   -7.790  5.126   1.00 46.96  ? 71  GLU A CB  1 
ATOM   468  C CG  . GLU A 1 57  ? 10.510  -9.049  4.875   1.00 55.45  ? 71  GLU A CG  1 
ATOM   469  C CD  . GLU A 1 57  ? 9.748   -10.177 4.161   1.00 62.03  ? 71  GLU A CD  1 
ATOM   470  O OE1 . GLU A 1 57  ? 8.540   -10.026 3.824   1.00 62.92  ? 71  GLU A OE1 1 
ATOM   471  O OE2 . GLU A 1 57  ? 10.373  -11.240 3.933   1.00 72.35  ? 71  GLU A OE2 1 
ATOM   472  N N   . VAL A 1 58  ? 9.719   -4.868  3.876   1.00 34.59  ? 72  VAL A N   1 
ATOM   473  C CA  . VAL A 1 58  ? 8.931   -3.750  3.384   1.00 32.90  ? 72  VAL A CA  1 
ATOM   474  C C   . VAL A 1 58  ? 7.519   -4.247  3.108   1.00 33.32  ? 72  VAL A C   1 
ATOM   475  O O   . VAL A 1 58  ? 7.339   -5.294  2.473   1.00 30.88  ? 72  VAL A O   1 
ATOM   476  C CB  . VAL A 1 58  ? 9.567   -3.114  2.128   1.00 32.29  ? 72  VAL A CB  1 
ATOM   477  C CG1 . VAL A 1 58  ? 8.654   -2.051  1.525   1.00 32.25  ? 72  VAL A CG1 1 
ATOM   478  C CG2 . VAL A 1 58  ? 10.932  -2.525  2.477   1.00 32.72  ? 72  VAL A CG2 1 
ATOM   479  N N   . CYS A 1 59  ? 6.537   -3.478  3.574   1.00 30.33  ? 73  CYS A N   1 
ATOM   480  C CA  . CYS A 1 59  ? 5.131   -3.835  3.549   1.00 32.11  ? 73  CYS A CA  1 
ATOM   481  C C   . CYS A 1 59  ? 4.274   -2.580  3.351   1.00 30.53  ? 73  CYS A C   1 
ATOM   482  O O   . CYS A 1 59  ? 4.775   -1.466  3.491   1.00 35.10  ? 73  CYS A O   1 
ATOM   483  C CB  . CYS A 1 59  ? 4.791   -4.496  4.900   1.00 41.30  ? 73  CYS A CB  1 
ATOM   484  S SG  . CYS A 1 59  ? 3.681   -5.873  4.675   1.00 63.18  ? 73  CYS A SG  1 
ATOM   485  N N   . PHE A 1 60  ? 3.001   -2.735  3.011   1.00 26.38  ? 74  PHE A N   1 
ATOM   486  C CA  . PHE A 1 60  ? 2.045   -1.633  3.120   1.00 25.45  ? 74  PHE A CA  1 
ATOM   487  C C   . PHE A 1 60  ? 1.423   -1.669  4.520   1.00 25.69  ? 74  PHE A C   1 
ATOM   488  O O   . PHE A 1 60  ? 1.402   -2.734  5.140   1.00 25.45  ? 74  PHE A O   1 
ATOM   489  C CB  . PHE A 1 60  ? 0.957   -1.720  2.055   1.00 25.50  ? 74  PHE A CB  1 
ATOM   490  C CG  . PHE A 1 60  ? 1.444   -1.368  0.656   1.00 25.33  ? 74  PHE A CG  1 
ATOM   491  C CD1 . PHE A 1 60  ? 1.870   -0.074  0.361   1.00 23.85  ? 74  PHE A CD1 1 
ATOM   492  C CD2 . PHE A 1 60  ? 1.480   -2.328  -0.358  1.00 26.16  ? 74  PHE A CD2 1 
ATOM   493  C CE1 . PHE A 1 60  ? 2.332   0.262   -0.914  1.00 24.03  ? 74  PHE A CE1 1 
ATOM   494  C CE2 . PHE A 1 60  ? 1.945   -2.000  -1.635  1.00 24.34  ? 74  PHE A CE2 1 
ATOM   495  C CZ  . PHE A 1 60  ? 2.377   -0.717  -1.916  1.00 25.40  ? 74  PHE A CZ  1 
ATOM   496  N N   . PRO A 1 61  ? 0.892   -0.528  5.010   1.00 25.01  ? 75  PRO A N   1 
ATOM   497  C CA  . PRO A 1 61  ? 0.119   -0.609  6.261   1.00 26.21  ? 75  PRO A CA  1 
ATOM   498  C C   . PRO A 1 61  ? -1.109  -1.538  6.101   1.00 27.51  ? 75  PRO A C   1 
ATOM   499  O O   . PRO A 1 61  ? -1.753  -1.554  5.029   1.00 24.20  ? 75  PRO A O   1 
ATOM   500  C CB  . PRO A 1 61  ? -0.382  0.824   6.482   1.00 26.27  ? 75  PRO A CB  1 
ATOM   501  C CG  . PRO A 1 61  ? 0.414   1.692   5.579   1.00 25.53  ? 75  PRO A CG  1 
ATOM   502  C CD  . PRO A 1 61  ? 0.991   0.849   4.486   1.00 24.38  ? 75  PRO A CD  1 
ATOM   503  N N   . GLY A 1 62  ? -1.428  -2.273  7.155   1.00 27.10  ? 76  GLY A N   1 
ATOM   504  C CA  . GLY A 1 62  ? -2.561  -3.202  7.115   1.00 28.31  ? 76  GLY A CA  1 
ATOM   505  C C   . GLY A 1 62  ? -2.510  -4.252  8.205   1.00 27.90  ? 76  GLY A C   1 
ATOM   506  O O   . GLY A 1 62  ? -1.639  -4.228  9.084   1.00 26.12  ? 76  GLY A O   1 
ATOM   507  N N   . GLY A 1 63  ? -3.463  -5.171  8.147   1.00 28.69  ? 77  GLY A N   1 
ATOM   508  C CA  . GLY A 1 63  ? -3.561  -6.243  9.130   1.00 28.93  ? 77  GLY A CA  1 
ATOM   509  C C   . GLY A 1 63  ? -4.907  -6.939  9.121   1.00 27.25  ? 77  GLY A C   1 
ATOM   510  O O   . GLY A 1 63  ? -5.727  -6.771  8.204   1.00 26.13  ? 77  GLY A O   1 
ATOM   511  N N   . LYS A 1 64  ? -5.128  -7.735  10.168  1.00 28.41  ? 78  LYS A N   1 
ATOM   512  C CA  . LYS A 1 64  ? -6.282  -8.636  10.255  1.00 28.57  ? 78  LYS A CA  1 
ATOM   513  C C   . LYS A 1 64  ? -7.581  -7.941  10.620  1.00 27.93  ? 78  LYS A C   1 
ATOM   514  O O   . LYS A 1 64  ? -7.617  -7.103  11.526  1.00 27.33  ? 78  LYS A O   1 
ATOM   515  C CB  . LYS A 1 64  ? -5.979  -9.728  11.293  1.00 33.27  ? 78  LYS A CB  1 
ATOM   516  C CG  . LYS A 1 64  ? -6.903  -10.917 11.213  1.00 37.54  ? 78  LYS A CG  1 
ATOM   517  C CD  . LYS A 1 64  ? -6.320  -12.120 11.950  1.00 44.16  ? 78  LYS A CD  1 
ATOM   518  C CE  . LYS A 1 64  ? -7.357  -13.215 12.221  1.00 48.85  ? 78  LYS A CE  1 
ATOM   519  N NZ  . LYS A 1 64  ? -8.355  -13.404 11.139  1.00 53.42  ? 78  LYS A NZ  1 
ATOM   520  N N   . ARG A 1 65  ? -8.669  -8.294  9.952   1.00 26.75  ? 79  ARG A N   1 
ATOM   521  C CA  . ARG A 1 65  ? -9.970  -7.739  10.284  1.00 28.31  ? 79  ARG A CA  1 
ATOM   522  C C   . ARG A 1 65  ? -10.337 -8.168  11.719  1.00 28.95  ? 79  ARG A C   1 
ATOM   523  O O   . ARG A 1 65  ? -9.960  -9.258  12.165  1.00 27.77  ? 79  ARG A O   1 
ATOM   524  C CB  . ARG A 1 65  ? -11.030 -8.201  9.296   1.00 30.28  ? 79  ARG A CB  1 
ATOM   525  C CG  . ARG A 1 65  ? -12.439 -7.710  9.590   1.00 33.39  ? 79  ARG A CG  1 
ATOM   526  C CD  . ARG A 1 65  ? -13.349 -7.808  8.373   1.00 33.86  ? 79  ARG A CD  1 
ATOM   527  N NE  . ARG A 1 65  ? -14.724 -7.356  8.663   1.00 32.44  ? 79  ARG A NE  1 
ATOM   528  C CZ  . ARG A 1 65  ? -15.668 -7.143  7.750   1.00 34.81  ? 79  ARG A CZ  1 
ATOM   529  N NH1 . ARG A 1 65  ? -15.426 -7.315  6.443   1.00 34.03  ? 79  ARG A NH1 1 
ATOM   530  N NH2 . ARG A 1 65  ? -16.886 -6.752  8.135   1.00 35.32  ? 79  ARG A NH2 1 
ATOM   531  N N   . ASP A 1 66  ? -11.005 -7.276  12.434  1.00 29.47  ? 80  ASP A N   1 
ATOM   532  C CA  . ASP A 1 66  ? -11.546 -7.622  13.768  1.00 29.06  ? 80  ASP A CA  1 
ATOM   533  C C   . ASP A 1 66  ? -13.028 -7.326  13.843  1.00 28.05  ? 80  ASP A C   1 
ATOM   534  O O   . ASP A 1 66  ? -13.593 -6.699  12.942  1.00 28.30  ? 80  ASP A O   1 
ATOM   535  C CB  . ASP A 1 66  ? -10.681 -7.017  14.888  1.00 30.37  ? 80  ASP A CB  1 
ATOM   536  C CG  . ASP A 1 66  ? -11.025 -5.566  15.239  1.00 30.71  ? 80  ASP A CG  1 
ATOM   537  O OD1 . ASP A 1 66  ? -12.047 -5.002  14.789  1.00 30.51  ? 80  ASP A OD1 1 
ATOM   538  O OD2 . ASP A 1 66  ? -10.232 -4.987  16.014  1.00 33.83  ? 80  ASP A OD2 1 
ATOM   539  N N   . PRO A 1 67  ? -13.708 -7.789  14.931  1.00 28.68  ? 81  PRO A N   1 
ATOM   540  C CA  . PRO A 1 67  ? -15.159 -7.610  14.972  1.00 29.30  ? 81  PRO A CA  1 
ATOM   541  C C   . PRO A 1 67  ? -15.663 -6.188  14.949  1.00 27.41  ? 81  PRO A C   1 
ATOM   542  O O   . PRO A 1 67  ? -16.803 -5.971  14.562  1.00 30.43  ? 81  PRO A O   1 
ATOM   543  C CB  . PRO A 1 67  ? -15.576 -8.332  16.280  1.00 30.29  ? 81  PRO A CB  1 
ATOM   544  C CG  . PRO A 1 67  ? -14.481 -9.282  16.551  1.00 29.62  ? 81  PRO A CG  1 
ATOM   545  C CD  . PRO A 1 67  ? -13.218 -8.663  16.020  1.00 29.28  ? 81  PRO A CD  1 
ATOM   546  N N   . THR A 1 68  ? -14.847 -5.206  15.341  1.00 30.61  ? 82  THR A N   1 
ATOM   547  C CA  . THR A 1 68  ? -15.287 -3.802  15.344  1.00 29.83  ? 82  THR A CA  1 
ATOM   548  C C   . THR A 1 68  ? -15.464 -3.217  13.932  1.00 32.52  ? 82  THR A C   1 
ATOM   549  O O   . THR A 1 68  ? -16.231 -2.267  13.721  1.00 32.32  ? 82  THR A O   1 
ATOM   550  C CB  . THR A 1 68  ? -14.324 -2.859  16.122  1.00 31.77  ? 82  THR A CB  1 
ATOM   551  O OG1 . THR A 1 68  ? -13.094 -2.648  15.384  1.00 32.46  ? 82  THR A OG1 1 
ATOM   552  C CG2 . THR A 1 68  ? -14.008 -3.404  17.471  1.00 30.76  ? 82  THR A CG2 1 
ATOM   553  N N   . ASP A 1 69  ? -14.750 -3.782  12.958  1.00 32.83  ? 83  ASP A N   1 
ATOM   554  C CA  . ASP A 1 69  ? -14.703 -3.179  11.628  1.00 30.55  ? 83  ASP A CA  1 
ATOM   555  C C   . ASP A 1 69  ? -16.043 -3.262  10.919  1.00 30.45  ? 83  ASP A C   1 
ATOM   556  O O   . ASP A 1 69  ? -16.596 -4.343  10.774  1.00 32.80  ? 83  ASP A O   1 
ATOM   557  C CB  . ASP A 1 69  ? -13.628 -3.876  10.775  1.00 30.57  ? 83  ASP A CB  1 
ATOM   558  C CG  . ASP A 1 69  ? -12.222 -3.682  11.308  1.00 29.40  ? 83  ASP A CG  1 
ATOM   559  O OD1 . ASP A 1 69  ? -11.906 -2.595  11.861  1.00 29.75  ? 83  ASP A OD1 1 
ATOM   560  O OD2 . ASP A 1 69  ? -11.385 -4.602  11.147  1.00 30.24  ? 83  ASP A OD2 1 
ATOM   561  N N   . MET A 1 70  ? -16.560 -2.122  10.467  1.00 30.81  ? 84  MET A N   1 
ATOM   562  C CA  . MET A 1 70  ? -17.799 -2.094  9.688   1.00 34.19  ? 84  MET A CA  1 
ATOM   563  C C   . MET A 1 70  ? -17.645 -2.795  8.340   1.00 34.04  ? 84  MET A C   1 
ATOM   564  O O   . MET A 1 70  ? -18.606 -3.373  7.840   1.00 32.37  ? 84  MET A O   1 
ATOM   565  C CB  . MET A 1 70  ? -18.267 -0.651  9.443   1.00 37.59  ? 84  MET A CB  1 
ATOM   566  C CG  . MET A 1 70  ? -18.793 0.066   10.679  1.00 45.56  ? 84  MET A CG  1 
ATOM   567  S SD  . MET A 1 70  ? -20.296 -0.672  11.351  1.00 51.37  ? 84  MET A SD  1 
ATOM   568  C CE  . MET A 1 70  ? -21.533 -0.290  10.113  1.00 52.02  ? 84  MET A CE  1 
ATOM   569  N N   . ASP A 1 71  ? -16.442 -2.730  7.760   1.00 30.71  ? 85  ASP A N   1 
ATOM   570  C CA  . ASP A 1 71  ? -16.168 -3.356  6.470   1.00 30.28  ? 85  ASP A CA  1 
ATOM   571  C C   . ASP A 1 71  ? -14.657 -3.509  6.264   1.00 28.79  ? 85  ASP A C   1 
ATOM   572  O O   . ASP A 1 71  ? -13.855 -3.155  7.138   1.00 25.36  ? 85  ASP A O   1 
ATOM   573  C CB  . ASP A 1 71  ? -16.842 -2.555  5.338   1.00 31.44  ? 85  ASP A CB  1 
ATOM   574  C CG  . ASP A 1 71  ? -16.419 -1.076  5.288   1.00 32.34  ? 85  ASP A CG  1 
ATOM   575  O OD1 . ASP A 1 71  ? -15.358 -0.675  5.808   1.00 31.96  ? 85  ASP A OD1 1 
ATOM   576  O OD2 . ASP A 1 71  ? -17.159 -0.304  4.663   1.00 36.67  ? 85  ASP A OD2 1 
ATOM   577  N N   . ASP A 1 72  ? -14.247 -4.028  5.106   1.00 26.86  ? 86  ASP A N   1 
ATOM   578  C CA  . ASP A 1 72  ? -12.827 -4.291  4.869   1.00 25.69  ? 86  ASP A CA  1 
ATOM   579  C C   . ASP A 1 72  ? -11.994 -3.003  4.788   1.00 23.80  ? 86  ASP A C   1 
ATOM   580  O O   . ASP A 1 72  ? -10.818 -2.989  5.175   1.00 24.46  ? 86  ASP A O   1 
ATOM   581  C CB  . ASP A 1 72  ? -12.662 -5.171  3.599   1.00 26.79  ? 86  ASP A CB  1 
ATOM   582  C CG  . ASP A 1 72  ? -13.115 -6.613  3.827   1.00 29.64  ? 86  ASP A CG  1 
ATOM   583  O OD1 . ASP A 1 72  ? -12.930 -7.119  4.967   1.00 27.90  ? 86  ASP A OD1 1 
ATOM   584  O OD2 . ASP A 1 72  ? -13.640 -7.242  2.869   1.00 29.28  ? 86  ASP A OD2 1 
ATOM   585  N N   . ALA A 1 73  ? -12.603 -1.932  4.289   1.00 24.96  ? 87  ALA A N   1 
ATOM   586  C CA  . ALA A 1 73  ? -11.920 -0.624  4.228   1.00 25.43  ? 87  ALA A CA  1 
ATOM   587  C C   . ALA A 1 73  ? -11.581 -0.136  5.659   1.00 25.32  ? 87  ALA A C   1 
ATOM   588  O O   . ALA A 1 73  ? -10.484 0.350   5.941   1.00 24.29  ? 87  ALA A O   1 
ATOM   589  C CB  . ALA A 1 73  ? -12.776 0.387   3.502   1.00 25.71  ? 87  ALA A CB  1 
ATOM   590  N N   . ALA A 1 74  ? -12.536 -0.308  6.567   1.00 25.86  ? 88  ALA A N   1 
ATOM   591  C CA  . ALA A 1 74  ? -12.316 0.057   7.967   1.00 26.84  ? 88  ALA A CA  1 
ATOM   592  C C   . ALA A 1 74  ? -11.111 -0.654  8.585   1.00 25.53  ? 88  ALA A C   1 
ATOM   593  O O   . ALA A 1 74  ? -10.347 -0.032  9.335   1.00 26.03  ? 88  ALA A O   1 
ATOM   594  C CB  . ALA A 1 74  ? -13.575 -0.181  8.779   1.00 26.92  ? 88  ALA A CB  1 
ATOM   595  N N   . THR A 1 75  ? -10.916 -1.937  8.258   1.00 24.28  ? 89  THR A N   1 
ATOM   596  C CA  . THR A 1 75  ? -9.750  -2.687  8.711   1.00 24.76  ? 89  THR A CA  1 
ATOM   597  C C   . THR A 1 75  ? -8.451  -1.995  8.308   1.00 25.61  ? 89  THR A C   1 
ATOM   598  O O   . THR A 1 75  ? -7.527  -1.789  9.137   1.00 22.64  ? 89  THR A O   1 
ATOM   599  C CB  . THR A 1 75  ? -9.732  -4.125  8.142   1.00 26.38  ? 89  THR A CB  1 
ATOM   600  O OG1 . THR A 1 75  ? -10.970 -4.804  8.442   1.00 26.07  ? 89  THR A OG1 1 
ATOM   601  C CG2 . THR A 1 75  ? -8.550  -4.903  8.668   1.00 26.80  ? 89  THR A CG2 1 
ATOM   602  N N   . ALA A 1 76  ? -8.375  -1.646  7.017   1.00 24.13  ? 90  ALA A N   1 
ATOM   603  C CA  . ALA A 1 76  ? -7.186  -0.974  6.490   1.00 25.33  ? 90  ALA A CA  1 
ATOM   604  C C   . ALA A 1 76  ? -6.902  0.364   7.227   1.00 23.50  ? 90  ALA A C   1 
ATOM   605  O O   . ALA A 1 76  ? -5.778  0.639   7.611   1.00 24.14  ? 90  ALA A O   1 
ATOM   606  C CB  . ALA A 1 76  ? -7.323  -0.763  4.974   1.00 24.72  ? 90  ALA A CB  1 
ATOM   607  N N   . LEU A 1 77  ? -7.936  1.147   7.456   1.00 25.34  ? 91  LEU A N   1 
ATOM   608  C CA  . LEU A 1 77  ? -7.797  2.436   8.121   1.00 27.84  ? 91  LEU A CA  1 
ATOM   609  C C   . LEU A 1 77  ? -7.434  2.290   9.612   1.00 27.46  ? 91  LEU A C   1 
ATOM   610  O O   . LEU A 1 77  ? -6.589  3.017   10.110  1.00 26.29  ? 91  LEU A O   1 
ATOM   611  C CB  . LEU A 1 77  ? -9.061  3.262   7.954   1.00 27.99  ? 91  LEU A CB  1 
ATOM   612  C CG  . LEU A 1 77  ? -9.481  3.655   6.521   1.00 31.53  ? 91  LEU A CG  1 
ATOM   613  C CD1 . LEU A 1 77  ? -10.551 4.733   6.562   1.00 33.43  ? 91  LEU A CD1 1 
ATOM   614  C CD2 . LEU A 1 77  ? -8.290  4.106   5.693   1.00 31.57  ? 91  LEU A CD2 1 
ATOM   615  N N   . ARG A 1 78  ? -8.037  1.327   10.301  1.00 26.80  ? 92  ARG A N   1 
ATOM   616  C CA  . ARG A 1 78  ? -7.694  1.086   11.734  1.00 27.26  ? 92  ARG A CA  1 
ATOM   617  C C   . ARG A 1 78  ? -6.237  0.728   11.899  1.00 27.57  ? 92  ARG A C   1 
ATOM   618  O O   . ARG A 1 78  ? -5.517  1.307   12.742  1.00 27.30  ? 92  ARG A O   1 
ATOM   619  C CB  . ARG A 1 78  ? -8.623  0.019   12.352  1.00 27.23  ? 92  ARG A CB  1 
ATOM   620  C CG  . ARG A 1 78  ? -8.357  -0.286  13.832  1.00 29.01  ? 92  ARG A CG  1 
ATOM   621  C CD  . ARG A 1 78  ? -9.340  -1.314  14.396  1.00 29.28  ? 92  ARG A CD  1 
ATOM   622  N NE  . ARG A 1 78  ? -9.448  -2.496  13.536  1.00 28.34  ? 92  ARG A NE  1 
ATOM   623  C CZ  . ARG A 1 78  ? -8.531  -3.455  13.412  1.00 28.49  ? 92  ARG A CZ  1 
ATOM   624  N NH1 . ARG A 1 78  ? -7.413  -3.448  14.128  1.00 31.07  ? 92  ARG A NH1 1 
ATOM   625  N NH2 . ARG A 1 78  ? -8.740  -4.464  12.564  1.00 29.28  ? 92  ARG A NH2 1 
ATOM   626  N N   . GLU A 1 79  ? -5.775  -0.204  11.062  1.00 26.47  ? 93  GLU A N   1 
ATOM   627  C CA  . GLU A 1 79  ? -4.411  -0.680  11.107  1.00 26.76  ? 93  GLU A CA  1 
ATOM   628  C C   . GLU A 1 79  ? -3.418  0.400   10.730  1.00 26.84  ? 93  GLU A C   1 
ATOM   629  O O   . GLU A 1 79  ? -2.367  0.515   11.357  1.00 27.16  ? 93  GLU A O   1 
ATOM   630  C CB  . GLU A 1 79  ? -4.230  -1.959  10.240  1.00 29.23  ? 93  GLU A CB  1 
ATOM   631  C CG  . GLU A 1 79  ? -5.001  -3.164  10.809  1.00 31.55  ? 93  GLU A CG  1 
ATOM   632  C CD  . GLU A 1 79  ? -4.317  -3.887  11.976  1.00 34.44  ? 93  GLU A CD  1 
ATOM   633  O OE1 . GLU A 1 79  ? -3.107  -3.844  12.119  1.00 40.42  ? 93  GLU A OE1 1 
ATOM   634  O OE2 . GLU A 1 79  ? -5.013  -4.562  12.743  1.00 44.85  ? 93  GLU A OE2 1 
ATOM   635  N N   . ALA A 1 80  ? -3.764  1.215   9.733   1.00 25.35  ? 94  ALA A N   1 
ATOM   636  C CA  . ALA A 1 80  ? -2.908  2.325   9.331   1.00 27.04  ? 94  ALA A CA  1 
ATOM   637  C C   . ALA A 1 80  ? -2.741  3.364   10.470  1.00 28.10  ? 94  ALA A C   1 
ATOM   638  O O   . ALA A 1 80  ? -1.635  3.888   10.676  1.00 31.24  ? 94  ALA A O   1 
ATOM   639  C CB  . ALA A 1 80  ? -3.455  2.991   8.095   1.00 26.59  ? 94  ALA A CB  1 
ATOM   640  N N   . GLN A 1 81  ? -3.825  3.641   11.179  1.00 28.05  ? 95  GLN A N   1 
ATOM   641  C CA  . GLN A 1 81  ? -3.782  4.566   12.327  1.00 31.60  ? 95  GLN A CA  1 
ATOM   642  C C   . GLN A 1 81  ? -2.838  4.032   13.421  1.00 33.17  ? 95  GLN A C   1 
ATOM   643  O O   . GLN A 1 81  ? -1.937  4.735   13.881  1.00 31.38  ? 95  GLN A O   1 
ATOM   644  C CB  . GLN A 1 81  ? -5.182  4.830   12.887  1.00 34.08  ? 95  GLN A CB  1 
ATOM   645  C CG  . GLN A 1 81  ? -5.182  5.965   13.935  1.00 38.42  ? 95  GLN A CG  1 
ATOM   646  C CD  . GLN A 1 81  ? -6.557  6.536   14.257  1.00 40.28  ? 95  GLN A CD  1 
ATOM   647  O OE1 . GLN A 1 81  ? -7.539  6.277   13.577  1.00 48.20  ? 95  GLN A OE1 1 
ATOM   648  N NE2 . GLN A 1 81  ? -6.620  7.344   15.292  1.00 49.72  ? 95  GLN A NE2 1 
ATOM   649  N N   . GLU A 1 82  ? -3.016  2.762   13.772  1.00 31.54  ? 96  GLU A N   1 
ATOM   650  C CA  . GLU A 1 82  ? -2.216  2.106   14.790  1.00 33.39  ? 96  GLU A CA  1 
ATOM   651  C C   . GLU A 1 82  ? -0.729  2.053   14.418  1.00 31.63  ? 96  GLU A C   1 
ATOM   652  O O   . GLU A 1 82  ? 0.150   2.234   15.275  1.00 31.69  ? 96  GLU A O   1 
ATOM   653  C CB  . GLU A 1 82  ? -2.809  0.703   15.059  1.00 38.40  ? 96  GLU A CB  1 
ATOM   654  C CG  . GLU A 1 82  ? -1.974  -0.220  15.933  1.00 49.10  ? 96  GLU A CG  1 
ATOM   655  C CD  . GLU A 1 82  ? -1.824  0.258   17.368  1.00 59.24  ? 96  GLU A CD  1 
ATOM   656  O OE1 . GLU A 1 82  ? -2.592  1.154   17.806  1.00 67.83  ? 96  GLU A OE1 1 
ATOM   657  O OE2 . GLU A 1 82  ? -0.933  -0.283  18.069  1.00 69.10  ? 96  GLU A OE2 1 
ATOM   658  N N   . GLU A 1 83  ? -0.430  1.852   13.136  1.00 28.78  ? 97  GLU A N   1 
ATOM   659  C CA  . GLU A 1 83  ? 0.934   1.653   12.672  1.00 28.44  ? 97  GLU A CA  1 
ATOM   660  C C   . GLU A 1 83  ? 1.702   2.939   12.390  1.00 29.51  ? 97  GLU A C   1 
ATOM   661  O O   . GLU A 1 83  ? 2.889   3.016   12.698  1.00 28.94  ? 97  GLU A O   1 
ATOM   662  C CB  . GLU A 1 83  ? 0.956   0.715   11.434  1.00 29.67  ? 97  GLU A CB  1 
ATOM   663  C CG  . GLU A 1 83  ? 0.557   -0.735  11.811  1.00 31.82  ? 97  GLU A CG  1 
ATOM   664  C CD  . GLU A 1 83  ? -0.014  -1.603  10.676  1.00 35.70  ? 97  GLU A CD  1 
ATOM   665  O OE1 . GLU A 1 83  ? -0.022  -1.155  9.514   1.00 33.47  ? 97  GLU A OE1 1 
ATOM   666  O OE2 . GLU A 1 83  ? -0.482  -2.742  10.980  1.00 35.46  ? 97  GLU A OE2 1 
ATOM   667  N N   . VAL A 1 84  ? 1.057   3.923   11.774  1.00 28.71  ? 98  VAL A N   1 
ATOM   668  C CA  . VAL A 1 84  ? 1.758   5.158   11.364  1.00 29.73  ? 98  VAL A CA  1 
ATOM   669  C C   . VAL A 1 84  ? 1.080   6.474   11.766  1.00 30.86  ? 98  VAL A C   1 
ATOM   670  O O   . VAL A 1 84  ? 1.543   7.556   11.350  1.00 32.15  ? 98  VAL A O   1 
ATOM   671  C CB  . VAL A 1 84  ? 2.037   5.165   9.836   1.00 29.85  ? 98  VAL A CB  1 
ATOM   672  C CG1 . VAL A 1 84  ? 2.856   3.958   9.438   1.00 30.74  ? 98  VAL A CG1 1 
ATOM   673  C CG2 . VAL A 1 84  ? 0.766   5.215   9.016   1.00 29.20  ? 98  VAL A CG2 1 
ATOM   674  N N   . GLY A 1 85  ? 0.010   6.382   12.555  1.00 29.37  ? 99  GLY A N   1 
ATOM   675  C CA  . GLY A 1 85  ? -0.723  7.538   13.064  1.00 31.95  ? 99  GLY A CA  1 
ATOM   676  C C   . GLY A 1 85  ? -1.676  8.209   12.096  1.00 33.00  ? 99  GLY A C   1 
ATOM   677  O O   . GLY A 1 85  ? -2.205  9.291   12.391  1.00 30.31  ? 99  GLY A O   1 
ATOM   678  N N   . LEU A 1 86  ? -1.920  7.580   10.938  1.00 30.26  ? 100 LEU A N   1 
ATOM   679  C CA  . LEU A 1 86  ? -2.861  8.117   9.968   1.00 29.52  ? 100 LEU A CA  1 
ATOM   680  C C   . LEU A 1 86  ? -4.292  8.152   10.503  1.00 31.30  ? 100 LEU A C   1 
ATOM   681  O O   . LEU A 1 86  ? -4.874  7.116   10.809  1.00 30.67  ? 100 LEU A O   1 
ATOM   682  C CB  . LEU A 1 86  ? -2.775  7.285   8.665   1.00 29.25  ? 100 LEU A CB  1 
ATOM   683  C CG  . LEU A 1 86  ? -3.640  7.775   7.505   1.00 28.20  ? 100 LEU A CG  1 
ATOM   684  C CD1 . LEU A 1 86  ? -3.099  9.072   6.889   1.00 26.98  ? 100 LEU A CD1 1 
ATOM   685  C CD2 . LEU A 1 86  ? -3.725  6.683   6.454   1.00 29.18  ? 100 LEU A CD2 1 
ATOM   686  N N   . ARG A 1 87  ? -4.888  9.342   10.570  1.00 31.16  ? 101 ARG A N   1 
ATOM   687  C CA  . ARG A 1 87  ? -6.238  9.509   11.079  1.00 35.88  ? 101 ARG A CA  1 
ATOM   688  C C   . ARG A 1 87  ? -7.249  9.464   9.911   1.00 37.91  ? 101 ARG A C   1 
ATOM   689  O O   . ARG A 1 87  ? -6.895  9.812   8.783   1.00 33.16  ? 101 ARG A O   1 
ATOM   690  C CB  . ARG A 1 87  ? -6.345  10.804  11.905  1.00 41.66  ? 101 ARG A CB  1 
ATOM   691  C CG  . ARG A 1 87  ? -5.623  10.698  13.252  1.00 46.96  ? 101 ARG A CG  1 
ATOM   692  C CD  . ARG A 1 87  ? -5.213  12.049  13.828  1.00 54.79  ? 101 ARG A CD  1 
ATOM   693  N NE  . ARG A 1 87  ? -6.354  12.827  14.327  1.00 63.58  ? 101 ARG A NE  1 
ATOM   694  C CZ  . ARG A 1 87  ? -6.311  14.119  14.697  1.00 68.61  ? 101 ARG A CZ  1 
ATOM   695  N NH1 . ARG A 1 87  ? -5.176  14.825  14.627  1.00 66.88  ? 101 ARG A NH1 1 
ATOM   696  N NH2 . ARG A 1 87  ? -7.425  14.718  15.135  1.00 68.31  ? 101 ARG A NH2 1 
HETATM 697  N N   . HYP A 1 88  ? -8.496  9.021   10.165  1.00 41.92  ? 102 HYP A N   1 
HETATM 698  C CA  . HYP A 1 88  ? -9.498  8.888   9.086   1.00 42.77  ? 102 HYP A CA  1 
HETATM 699  C C   . HYP A 1 88  ? -9.769  10.100  8.254   1.00 39.35  ? 102 HYP A C   1 
HETATM 700  O O   . HYP A 1 88  ? -9.958  9.971   7.036   1.00 39.01  ? 102 HYP A O   1 
HETATM 701  C CB  . HYP A 1 88  ? -10.783 8.396   9.757   1.00 47.79  ? 102 HYP A CB  1 
HETATM 702  C CG  . HYP A 1 88  ? -10.261 7.672   10.982  1.00 49.60  ? 102 HYP A CG  1 
HETATM 703  C CD  . HYP A 1 88  ? -9.030  8.460   11.412  1.00 47.75  ? 102 HYP A CD  1 
HETATM 704  O OD1 . HYP A 1 88  ? -9.833  6.361   10.583  1.00 59.54  ? 102 HYP A OD1 1 
ATOM   705  N N   . HIS A 1 89  ? -9.745  11.283  8.864   1.00 35.26  ? 103 HIS A N   1 
ATOM   706  C CA  . HIS A 1 89  ? -9.927  12.509  8.106   1.00 35.81  ? 103 HIS A CA  1 
ATOM   707  C C   . HIS A 1 89  ? -8.736  12.820  7.171   1.00 31.58  ? 103 HIS A C   1 
ATOM   708  O O   . HIS A 1 89  ? -8.864  13.691  6.318   1.00 32.73  ? 103 HIS A O   1 
ATOM   709  C CB  . HIS A 1 89  ? -10.256 13.707  9.024   1.00 37.07  ? 103 HIS A CB  1 
ATOM   710  C CG  . HIS A 1 89  ? -9.084  14.214  9.809   1.00 36.00  ? 103 HIS A CG  1 
ATOM   711  N ND1 . HIS A 1 89  ? -8.262  15.215  9.345   1.00 37.00  ? 103 HIS A ND1 1 
ATOM   712  C CD2 . HIS A 1 89  ? -8.588  13.849  11.012  1.00 34.64  ? 103 HIS A CD2 1 
ATOM   713  C CE1 . HIS A 1 89  ? -7.306  15.436  10.229  1.00 36.06  ? 103 HIS A CE1 1 
ATOM   714  N NE2 . HIS A 1 89  ? -7.488  14.625  11.254  1.00 36.47  ? 103 HIS A NE2 1 
ATOM   715  N N   . GLN A 1 90  ? -7.610  12.112  7.323   1.00 28.78  ? 104 GLN A N   1 
ATOM   716  C CA  . GLN A 1 90  ? -6.416  12.368  6.521   1.00 28.39  ? 104 GLN A CA  1 
ATOM   717  C C   . GLN A 1 90  ? -6.291  11.446  5.299   1.00 27.99  ? 104 GLN A C   1 
ATOM   718  O O   . GLN A 1 90  ? -5.277  11.485  4.601   1.00 26.40  ? 104 GLN A O   1 
ATOM   719  C CB  . GLN A 1 90  ? -5.172  12.265  7.399   1.00 29.65  ? 104 GLN A CB  1 
ATOM   720  C CG  . GLN A 1 90  ? -5.164  13.219  8.607   1.00 31.22  ? 104 GLN A CG  1 
ATOM   721  C CD  . GLN A 1 90  ? -3.867  13.144  9.411   1.00 34.82  ? 104 GLN A CD  1 
ATOM   722  O OE1 . GLN A 1 90  ? -3.137  14.140  9.550   1.00 38.68  ? 104 GLN A OE1 1 
ATOM   723  N NE2 . GLN A 1 90  ? -3.562  11.966  9.929   1.00 27.51  ? 104 GLN A NE2 1 
ATOM   724  N N   . VAL A 1 91  ? -7.320  10.633  5.056   1.00 27.41  ? 105 VAL A N   1 
ATOM   725  C CA  . VAL A 1 91  ? -7.327  9.678   3.972   1.00 27.50  ? 105 VAL A CA  1 
ATOM   726  C C   . VAL A 1 91  ? -8.708  9.567   3.291   1.00 29.41  ? 105 VAL A C   1 
ATOM   727  O O   . VAL A 1 91  ? -9.767  9.543   3.941   1.00 30.15  ? 105 VAL A O   1 
ATOM   728  C CB  . VAL A 1 91  ? -6.780  8.301   4.441   1.00 29.00  ? 105 VAL A CB  1 
ATOM   729  C CG1 . VAL A 1 91  ? -7.551  7.770   5.627   1.00 30.96  ? 105 VAL A CG1 1 
ATOM   730  C CG2 . VAL A 1 91  ? -6.792  7.300   3.303   1.00 28.62  ? 105 VAL A CG2 1 
ATOM   731  N N   . GLU A 1 92  ? -8.674  9.557   1.960   1.00 26.79  ? 106 GLU A N   1 
ATOM   732  C CA  . GLU A 1 92  ? -9.843  9.307   1.142   1.00 29.22  ? 106 GLU A CA  1 
ATOM   733  C C   . GLU A 1 92  ? -9.638  7.950   0.448   1.00 27.43  ? 106 GLU A C   1 
ATOM   734  O O   . GLU A 1 92  ? -8.770  7.824   -0.402  1.00 25.25  ? 106 GLU A O   1 
ATOM   735  C CB  . GLU A 1 92  ? -10.008 10.407  0.099   1.00 31.58  ? 106 GLU A CB  1 
ATOM   736  C CG  . GLU A 1 92  ? -11.259 10.262  -0.766  1.00 35.82  ? 106 GLU A CG  1 
ATOM   737  C CD  . GLU A 1 92  ? -11.366 11.321  -1.861  1.00 38.52  ? 106 GLU A CD  1 
ATOM   738  O OE1 . GLU A 1 92  ? -10.469 12.195  -2.015  1.00 41.15  ? 106 GLU A OE1 1 
ATOM   739  O OE2 . GLU A 1 92  ? -12.360 11.257  -2.593  1.00 43.66  ? 106 GLU A OE2 1 
ATOM   740  N N   . VAL A 1 93  ? -10.443 6.963   0.813   1.00 26.07  ? 107 VAL A N   1 
ATOM   741  C CA  . VAL A 1 93  ? -10.382 5.649   0.179   1.00 28.15  ? 107 VAL A CA  1 
ATOM   742  C C   . VAL A 1 93  ? -11.111 5.757   -1.151  1.00 28.88  ? 107 VAL A C   1 
ATOM   743  O O   . VAL A 1 93  ? -12.287 6.109   -1.187  1.00 29.10  ? 107 VAL A O   1 
ATOM   744  C CB  . VAL A 1 93  ? -11.013 4.569   1.054   1.00 29.65  ? 107 VAL A CB  1 
ATOM   745  C CG1 . VAL A 1 93  ? -11.028 3.226   0.318   1.00 30.72  ? 107 VAL A CG1 1 
ATOM   746  C CG2 . VAL A 1 93  ? -10.254 4.480   2.359   1.00 30.59  ? 107 VAL A CG2 1 
ATOM   747  N N   . VAL A 1 94  ? -10.394 5.487   -2.236  1.00 29.53  ? 108 VAL A N   1 
ATOM   748  C CA  . VAL A 1 94  ? -10.894 5.727   -3.583  1.00 31.46  ? 108 VAL A CA  1 
ATOM   749  C C   . VAL A 1 94  ? -11.448 4.435   -4.187  1.00 32.69  ? 108 VAL A C   1 
ATOM   750  O O   . VAL A 1 94  ? -12.455 4.462   -4.911  1.00 34.00  ? 108 VAL A O   1 
ATOM   751  C CB  . VAL A 1 94  ? -9.748  6.252   -4.488  1.00 34.86  ? 108 VAL A CB  1 
ATOM   752  C CG1 . VAL A 1 94  ? -10.248 6.474   -5.901  1.00 40.34  ? 108 VAL A CG1 1 
ATOM   753  C CG2 . VAL A 1 94  ? -9.181  7.535   -3.930  1.00 38.86  ? 108 VAL A CG2 1 
HETATM 754  N N   . CSO A 1 95  ? -10.771 3.318   -3.929  1.00 28.59  ? 109 CSO A N   1 
HETATM 755  C CA  . CSO A 1 95  ? -11.233 2.040   -4.424  1.00 30.99  ? 109 CSO A CA  1 
HETATM 756  C CB  . CSO A 1 95  ? -10.958 1.994   -5.913  1.00 32.51  ? 109 CSO A CB  1 
HETATM 757  S SG  . CSO A 1 95  ? -9.236  1.920   -6.180  1.00 35.10  ? 109 CSO A SG  1 
HETATM 758  C C   . CSO A 1 95  ? -10.621 0.840   -3.784  1.00 29.53  ? 109 CSO A C   1 
HETATM 759  O O   . CSO A 1 95  ? -9.636  0.905   -3.044  1.00 26.15  ? 109 CSO A O   1 
HETATM 760  O OD  . CSO A 1 95  ? -9.440  0.529   -7.178  1.00 39.22  ? 109 CSO A OD  1 
ATOM   761  N N   . CYS A 1 96  ? -11.225 -0.286  -4.110  1.00 29.55  ? 110 CYS A N   1 
ATOM   762  C CA  . CYS A 1 96  ? -10.796 -1.587  -3.695  1.00 28.98  ? 110 CYS A CA  1 
ATOM   763  C C   . CYS A 1 96  ? -10.267 -2.347  -4.918  1.00 30.28  ? 110 CYS A C   1 
ATOM   764  O O   . CYS A 1 96  ? -11.013 -2.544  -5.876  1.00 30.40  ? 110 CYS A O   1 
ATOM   765  C CB  . CYS A 1 96  ? -12.054 -2.259  -3.145  1.00 34.38  ? 110 CYS A CB  1 
ATOM   766  S SG  . CYS A 1 96  ? -11.806 -3.915  -2.639  1.00 39.66  ? 110 CYS A SG  1 
ATOM   767  N N   . LEU A 1 97  ? -9.001  -2.755  -4.899  1.00 27.89  ? 111 LEU A N   1 
ATOM   768  C CA  . LEU A 1 97  ? -8.406  -3.482  -6.022  1.00 29.80  ? 111 LEU A CA  1 
ATOM   769  C C   . LEU A 1 97  ? -8.579  -4.991  -5.846  1.00 33.00  ? 111 LEU A C   1 
ATOM   770  O O   . LEU A 1 97  ? -9.102  -5.459  -4.826  1.00 30.54  ? 111 LEU A O   1 
ATOM   771  C CB  . LEU A 1 97  ? -6.935  -3.138  -6.199  1.00 29.23  ? 111 LEU A CB  1 
ATOM   772  C CG  . LEU A 1 97  ? -6.627  -1.711  -6.628  1.00 31.26  ? 111 LEU A CG  1 
ATOM   773  C CD1 . LEU A 1 97  ? -5.138  -1.551  -6.758  1.00 32.95  ? 111 LEU A CD1 1 
ATOM   774  C CD2 . LEU A 1 97  ? -7.303  -1.302  -7.912  1.00 30.95  ? 111 LEU A CD2 1 
ATOM   775  N N   . VAL A 1 98  ? -8.174  -5.734  -6.872  1.00 34.21  ? 112 VAL A N   1 
ATOM   776  C CA  . VAL A 1 98  ? -8.233  -7.199  -6.839  1.00 35.30  ? 112 VAL A CA  1 
ATOM   777  C C   . VAL A 1 98  ? -7.628  -7.816  -5.577  1.00 30.97  ? 112 VAL A C   1 
ATOM   778  O O   . VAL A 1 98  ? -6.472  -7.583  -5.262  1.00 30.41  ? 112 VAL A O   1 
ATOM   779  C CB  . VAL A 1 98  ? -7.581  -7.881  -8.085  1.00 37.94  ? 112 VAL A CB  1 
ATOM   780  C CG1 . VAL A 1 98  ? -8.496  -7.719  -9.293  1.00 41.49  ? 112 VAL A CG1 1 
ATOM   781  C CG2 . VAL A 1 98  ? -6.171  -7.381  -8.361  1.00 37.76  ? 112 VAL A CG2 1 
ATOM   782  N N   . PRO A 1 99  ? -8.413  -8.637  -4.862  1.00 30.61  ? 113 PRO A N   1 
ATOM   783  C CA  . PRO A 1 99  ? -7.883  -9.278  -3.651  1.00 29.60  ? 113 PRO A CA  1 
ATOM   784  C C   . PRO A 1 99  ? -6.865  -10.368 -3.953  1.00 29.31  ? 113 PRO A C   1 
ATOM   785  O O   . PRO A 1 99  ? -6.894  -10.944 -5.076  1.00 32.11  ? 113 PRO A O   1 
ATOM   786  C CB  . PRO A 1 99  ? -9.134  -9.849  -2.973  1.00 32.81  ? 113 PRO A CB  1 
ATOM   787  C CG  . PRO A 1 99  ? -10.131 -9.985  -4.052  1.00 34.34  ? 113 PRO A CG  1 
ATOM   788  C CD  . PRO A 1 99  ? -9.857  -8.846  -5.005  1.00 32.80  ? 113 PRO A CD  1 
ATOM   789  N N   A CYS A 1 100 ? -5.989  -10.629 -2.998  0.35 24.57  ? 114 CYS A N   1 
ATOM   790  N N   B CYS A 1 100 ? -5.955  -10.607 -3.007  0.15 26.29  ? 114 CYS A N   1 
ATOM   791  C CA  A CYS A 1 100 ? -4.926  -11.602 -3.122  0.35 24.97  ? 114 CYS A CA  1 
ATOM   792  C CA  B CYS A 1 100 ? -4.911  -11.629 -3.108  0.15 25.74  ? 114 CYS A CA  1 
ATOM   793  C C   A CYS A 1 100 ? -5.310  -12.861 -2.311  0.35 24.97  ? 114 CYS A C   1 
ATOM   794  C C   B CYS A 1 100 ? -5.333  -12.862 -2.312  0.15 26.44  ? 114 CYS A C   1 
ATOM   795  O O   A CYS A 1 100 ? -5.615  -12.776 -1.142  0.35 20.03  ? 114 CYS A O   1 
ATOM   796  O O   B CYS A 1 100 ? -5.652  -12.760 -1.135  0.15 24.05  ? 114 CYS A O   1 
ATOM   797  C CB  A CYS A 1 100 ? -3.618  -10.933 -2.648  0.35 25.19  ? 114 CYS A CB  1 
ATOM   798  C CB  B CYS A 1 100 ? -3.579  -11.087 -2.559  0.15 24.70  ? 114 CYS A CB  1 
ATOM   799  S SG  A CYS A 1 100 ? -3.378  -9.277  -3.406  0.35 31.69  ? 114 CYS A SG  1 
ATOM   800  S SG  B CYS A 1 100 ? -2.199  -12.265 -2.531  0.15 24.79  ? 114 CYS A SG  1 
ATOM   801  N N   . LEU A 1 101 ? -5.351  -14.020 -2.968  1.00 29.39  ? 115 LEU A N   1 
ATOM   802  C CA  . LEU A 1 101 ? -5.631  -15.308 -2.297  1.00 31.02  ? 115 LEU A CA  1 
ATOM   803  C C   . LEU A 1 101 ? -4.338  -15.934 -1.844  1.00 34.88  ? 115 LEU A C   1 
ATOM   804  O O   . LEU A 1 101 ? -3.444  -16.146 -2.667  1.00 35.53  ? 115 LEU A O   1 
ATOM   805  C CB  . LEU A 1 101 ? -6.295  -16.297 -3.259  1.00 34.82  ? 115 LEU A CB  1 
ATOM   806  C CG  . LEU A 1 101 ? -7.676  -15.965 -3.805  1.00 36.78  ? 115 LEU A CG  1 
ATOM   807  C CD1 . LEU A 1 101 ? -8.136  -17.105 -4.713  1.00 38.98  ? 115 LEU A CD1 1 
ATOM   808  C CD2 . LEU A 1 101 ? -8.657  -15.754 -2.665  1.00 41.13  ? 115 LEU A CD2 1 
ATOM   809  N N   . ILE A 1 102 ? -4.227  -16.268 -0.562  1.00 36.09  ? 116 ILE A N   1 
ATOM   810  C CA  . ILE A 1 102 ? -3.054  -17.023 -0.090  1.00 39.87  ? 116 ILE A CA  1 
ATOM   811  C C   . ILE A 1 102 ? -3.419  -18.165 0.872   1.00 37.98  ? 116 ILE A C   1 
ATOM   812  O O   . ILE A 1 102 ? -4.443  -18.112 1.555   1.00 38.98  ? 116 ILE A O   1 
ATOM   813  C CB  . ILE A 1 102 ? -1.990  -16.088 0.544   1.00 47.11  ? 116 ILE A CB  1 
ATOM   814  C CG1 . ILE A 1 102 ? -2.460  -15.497 1.875   1.00 47.27  ? 116 ILE A CG1 1 
ATOM   815  C CG2 . ILE A 1 102 ? -1.617  -14.949 -0.403  1.00 49.16  ? 116 ILE A CG2 1 
ATOM   816  C CD1 . ILE A 1 102 ? -1.305  -14.991 2.725   1.00 53.26  ? 116 ILE A CD1 1 
ATOM   817  N N   . ASP A 1 103 ? -2.593  -19.210 0.904   1.00 40.00  ? 117 ASP A N   1 
ATOM   818  C CA  . ASP A 1 103 ? -2.672  -20.266 1.935   1.00 43.39  ? 117 ASP A CA  1 
ATOM   819  C C   . ASP A 1 103 ? -3.929  -21.143 1.887   1.00 40.47  ? 117 ASP A C   1 
ATOM   820  O O   . ASP A 1 103 ? -4.161  -21.909 2.820   1.00 43.85  ? 117 ASP A O   1 
ATOM   821  C CB  . ASP A 1 103 ? -2.547  -19.654 3.356   1.00 49.42  ? 117 ASP A CB  1 
ATOM   822  C CG  . ASP A 1 103 ? -1.177  -19.826 3.954   1.00 60.77  ? 117 ASP A CG  1 
ATOM   823  O OD1 . ASP A 1 103 ? -0.682  -20.980 3.957   1.00 70.63  ? 117 ASP A OD1 1 
ATOM   824  O OD2 . ASP A 1 103 ? -0.614  -18.811 4.449   1.00 65.19  ? 117 ASP A OD2 1 
ATOM   825  N N   . THR A 1 104 ? -4.721  -21.018 0.819   1.00 34.97  ? 118 THR A N   1 
ATOM   826  C CA  . THR A 1 104 ? -6.023  -21.688 0.630   1.00 34.68  ? 118 THR A CA  1 
ATOM   827  C C   . THR A 1 104 ? -7.174  -21.156 1.464   1.00 34.80  ? 118 THR A C   1 
ATOM   828  O O   . THR A 1 104 ? -8.319  -21.384 1.099   1.00 35.99  ? 118 THR A O   1 
ATOM   829  C CB  . THR A 1 104 ? -5.985  -23.234 0.796   1.00 37.24  ? 118 THR A CB  1 
ATOM   830  O OG1 . THR A 1 104 ? -5.863  -23.593 2.178   1.00 35.54  ? 118 THR A OG1 1 
ATOM   831  C CG2 . THR A 1 104 ? -4.858  -23.844 -0.003  1.00 37.25  ? 118 THR A CG2 1 
ATOM   832  N N   . ASP A 1 105 ? -6.897  -20.451 2.567   1.00 30.11  ? 119 ASP A N   1 
ATOM   833  C CA  . ASP A 1 105 ? -7.957  -20.027 3.488   1.00 32.90  ? 119 ASP A CA  1 
ATOM   834  C C   . ASP A 1 105 ? -7.933  -18.514 3.832   1.00 31.42  ? 119 ASP A C   1 
ATOM   835  O O   . ASP A 1 105 ? -8.660  -18.090 4.736   1.00 28.07  ? 119 ASP A O   1 
ATOM   836  C CB  . ASP A 1 105 ? -7.853  -20.838 4.793   1.00 34.82  ? 119 ASP A CB  1 
ATOM   837  C CG  . ASP A 1 105 ? -6.498  -20.683 5.486   1.00 38.60  ? 119 ASP A CG  1 
ATOM   838  O OD1 . ASP A 1 105 ? -5.662  -19.822 5.080   1.00 38.32  ? 119 ASP A OD1 1 
ATOM   839  O OD2 . ASP A 1 105 ? -6.247  -21.462 6.432   1.00 42.82  ? 119 ASP A OD2 1 
ATOM   840  N N   . THR A 1 106 ? -7.152  -17.725 3.086   1.00 28.84  ? 120 THR A N   1 
ATOM   841  C CA  . THR A 1 106 ? -6.863  -16.331 3.449   1.00 29.62  ? 120 THR A CA  1 
ATOM   842  C C   . THR A 1 106 ? -7.065  -15.417 2.242   1.00 29.47  ? 120 THR A C   1 
ATOM   843  O O   . THR A 1 106 ? -6.654  -15.756 1.107   1.00 30.64  ? 120 THR A O   1 
ATOM   844  C CB  . THR A 1 106 ? -5.435  -16.218 4.033   1.00 31.34  ? 120 THR A CB  1 
ATOM   845  O OG1 . THR A 1 106 ? -5.359  -17.038 5.197   1.00 32.23  ? 120 THR A OG1 1 
ATOM   846  C CG2 . THR A 1 106 ? -5.088  -14.767 4.421   1.00 33.28  ? 120 THR A CG2 1 
ATOM   847  N N   . LEU A 1 107 ? -7.732  -14.288 2.475   1.00 26.76  ? 121 LEU A N   1 
ATOM   848  C CA  . LEU A 1 107 ? -7.996  -13.313 1.435   1.00 26.76  ? 121 LEU A CA  1 
ATOM   849  C C   . LEU A 1 107 ? -7.541  -11.933 1.940   1.00 29.10  ? 121 LEU A C   1 
ATOM   850  O O   . LEU A 1 107 ? -8.004  -11.458 2.995   1.00 27.66  ? 121 LEU A O   1 
ATOM   851  C CB  . LEU A 1 107 ? -9.471  -13.303 1.073   1.00 29.04  ? 121 LEU A CB  1 
ATOM   852  C CG  . LEU A 1 107 ? -9.926  -12.501 -0.162  1.00 34.22  ? 121 LEU A CG  1 
ATOM   853  C CD1 . LEU A 1 107 ? -11.101 -13.155 -0.881  1.00 40.78  ? 121 LEU A CD1 1 
ATOM   854  C CD2 . LEU A 1 107 ? -10.369 -11.119 0.233   1.00 37.69  ? 121 LEU A CD2 1 
ATOM   855  N N   . ILE A 1 108 ? -6.647  -11.312 1.183   1.00 27.71  ? 122 ILE A N   1 
ATOM   856  C CA  . ILE A 1 108 ? -6.095  -9.987  1.511   1.00 27.92  ? 122 ILE A CA  1 
ATOM   857  C C   . ILE A 1 108 ? -6.656  -8.980  0.526   1.00 28.70  ? 122 ILE A C   1 
ATOM   858  O O   . ILE A 1 108 ? -6.430  -9.113  -0.699  1.00 28.04  ? 122 ILE A O   1 
ATOM   859  C CB  . ILE A 1 108 ? -4.567  -9.980  1.427   1.00 31.48  ? 122 ILE A CB  1 
ATOM   860  C CG1 . ILE A 1 108 ? -3.971  -11.013 2.399   1.00 34.90  ? 122 ILE A CG1 1 
ATOM   861  C CG2 . ILE A 1 108 ? -4.005  -8.581  1.745   1.00 32.77  ? 122 ILE A CG2 1 
ATOM   862  C CD1 . ILE A 1 108 ? -2.527  -11.306 2.127   1.00 37.60  ? 122 ILE A CD1 1 
ATOM   863  N N   . THR A 1 109 ? -7.400  -8.001  1.033   1.00 24.30  ? 123 THR A N   1 
ATOM   864  C CA  . THR A 1 109 ? -8.053  -7.016  0.205   1.00 24.52  ? 123 THR A CA  1 
ATOM   865  C C   . THR A 1 109 ? -7.286  -5.674  0.238   1.00 26.47  ? 123 THR A C   1 
ATOM   866  O O   . THR A 1 109 ? -7.129  -5.075  1.304   1.00 23.68  ? 123 THR A O   1 
ATOM   867  C CB  . THR A 1 109 ? -9.498  -6.806  0.647   1.00 27.43  ? 123 THR A CB  1 
ATOM   868  O OG1 . THR A 1 109 ? -10.178 -8.069  0.632   1.00 28.91  ? 123 THR A OG1 1 
ATOM   869  C CG2 . THR A 1 109 ? -10.234 -5.841  -0.275  1.00 29.88  ? 123 THR A CG2 1 
ATOM   870  N N   . PRO A 1 110 ? -6.817  -5.191  -0.934  1.00 25.80  ? 124 PRO A N   1 
ATOM   871  C CA  . PRO A 1 110 ? -6.130  -3.883  -1.000  1.00 23.54  ? 124 PRO A CA  1 
ATOM   872  C C   . PRO A 1 110 ? -7.040  -2.693  -1.346  1.00 24.07  ? 124 PRO A C   1 
ATOM   873  O O   . PRO A 1 110 ? -7.874  -2.762  -2.248  1.00 26.52  ? 124 PRO A O   1 
ATOM   874  C CB  . PRO A 1 110 ? -5.068  -4.104  -2.089  1.00 25.62  ? 124 PRO A CB  1 
ATOM   875  C CG  . PRO A 1 110 ? -5.569  -5.231  -2.939  1.00 25.66  ? 124 PRO A CG  1 
ATOM   876  C CD  . PRO A 1 110 ? -6.679  -5.944  -2.200  1.00 27.02  ? 124 PRO A CD  1 
ATOM   877  N N   . PHE A 1 111 ? -6.881  -1.587  -0.616  1.00 22.49  ? 125 PHE A N   1 
ATOM   878  C CA  . PHE A 1 111 ? -7.579  -0.358  -0.881  1.00 22.71  ? 125 PHE A CA  1 
ATOM   879  C C   . PHE A 1 111 ? -6.568  0.718   -1.192  1.00 24.43  ? 125 PHE A C   1 
ATOM   880  O O   . PHE A 1 111 ? -5.526  0.774   -0.535  1.00 25.67  ? 125 PHE A O   1 
ATOM   881  C CB  . PHE A 1 111 ? -8.388  0.058   0.344   1.00 24.43  ? 125 PHE A CB  1 
ATOM   882  C CG  . PHE A 1 111 ? -9.510  -0.891  0.663   1.00 24.26  ? 125 PHE A CG  1 
ATOM   883  C CD1 . PHE A 1 111 ? -9.275  -2.011  1.456   1.00 24.87  ? 125 PHE A CD1 1 
ATOM   884  C CD2 . PHE A 1 111 ? -10.791 -0.654  0.183   1.00 24.59  ? 125 PHE A CD2 1 
ATOM   885  C CE1 . PHE A 1 111 ? -10.317 -2.894  1.752   1.00 24.83  ? 125 PHE A CE1 1 
ATOM   886  C CE2 . PHE A 1 111 ? -11.834 -1.534  0.474   1.00 26.24  ? 125 PHE A CE2 1 
ATOM   887  C CZ  . PHE A 1 111 ? -11.587 -2.648  1.250   1.00 25.15  ? 125 PHE A CZ  1 
ATOM   888  N N   . VAL A 1 112 ? -6.852  1.544   -2.202  1.00 24.76  ? 126 VAL A N   1 
ATOM   889  C CA  . VAL A 1 112 ? -6.007  2.705   -2.503  1.00 24.45  ? 126 VAL A CA  1 
ATOM   890  C C   . VAL A 1 112 ? -6.618  3.923   -1.810  1.00 24.43  ? 126 VAL A C   1 
ATOM   891  O O   . VAL A 1 112 ? -7.829  4.171   -1.895  1.00 23.69  ? 126 VAL A O   1 
ATOM   892  C CB  . VAL A 1 112 ? -5.881  2.959   -4.013  1.00 25.11  ? 126 VAL A CB  1 
ATOM   893  C CG1 . VAL A 1 112 ? -4.879  4.093   -4.287  1.00 24.91  ? 126 VAL A CG1 1 
ATOM   894  C CG2 . VAL A 1 112 ? -5.466  1.668   -4.717  1.00 24.50  ? 126 VAL A CG2 1 
ATOM   895  N N   . GLY A 1 113 ? -5.767  4.663   -1.120  1.00 23.19  ? 127 GLY A N   1 
ATOM   896  C CA  . GLY A 1 113 ? -6.165  5.847   -0.353  1.00 24.73  ? 127 GLY A CA  1 
ATOM   897  C C   . GLY A 1 113 ? -5.333  7.046   -0.773  1.00 25.33  ? 127 GLY A C   1 
ATOM   898  O O   . GLY A 1 113 ? -4.121  6.924   -0.893  1.00 25.89  ? 127 GLY A O   1 
ATOM   899  N N   . LEU A 1 114 ? -5.989  8.192   -0.980  1.00 25.44  ? 128 LEU A N   1 
ATOM   900  C CA  . LEU A 1 114 ? -5.304  9.480   -1.167  1.00 27.54  ? 128 LEU A CA  1 
ATOM   901  C C   . LEU A 1 114 ? -5.057  10.124  0.194   1.00 25.79  ? 128 LEU A C   1 
ATOM   902  O O   . LEU A 1 114 ? -6.005  10.312  0.974   1.00 25.55  ? 128 LEU A O   1 
ATOM   903  C CB  . LEU A 1 114 ? -6.158  10.443  -1.997  1.00 31.57  ? 128 LEU A CB  1 
ATOM   904  C CG  . LEU A 1 114 ? -6.578  10.004  -3.397  1.00 37.96  ? 128 LEU A CG  1 
ATOM   905  C CD1 . LEU A 1 114 ? -7.218  11.180  -4.129  1.00 40.38  ? 128 LEU A CD1 1 
ATOM   906  C CD2 . LEU A 1 114 ? -5.415  9.461   -4.201  1.00 41.40  ? 128 LEU A CD2 1 
ATOM   907  N N   . ILE A 1 115 ? -3.805  10.461  0.458   1.00 26.14  ? 129 ILE A N   1 
ATOM   908  C CA  . ILE A 1 115 ? -3.345  10.942  1.781   1.00 26.03  ? 129 ILE A CA  1 
ATOM   909  C C   . ILE A 1 115 ? -3.237  12.475  1.782   1.00 27.66  ? 129 ILE A C   1 
ATOM   910  O O   . ILE A 1 115 ? -2.728  13.068  0.820   1.00 26.27  ? 129 ILE A O   1 
ATOM   911  C CB  . ILE A 1 115 ? -1.959  10.361  2.094   1.00 27.04  ? 129 ILE A CB  1 
ATOM   912  C CG1 . ILE A 1 115 ? -1.986  8.820   2.033   1.00 29.24  ? 129 ILE A CG1 1 
ATOM   913  C CG2 . ILE A 1 115 ? -1.434  10.855  3.451   1.00 28.47  ? 129 ILE A CG2 1 
ATOM   914  C CD1 . ILE A 1 115 ? -3.095  8.188   2.852   1.00 28.30  ? 129 ILE A CD1 1 
ATOM   915  N N   . ASP A 1 116 ? -3.696  13.101  2.863   1.00 26.36  ? 130 ASP A N   1 
ATOM   916  C CA  . ASP A 1 116 ? -3.664  14.569  3.003   1.00 28.88  ? 130 ASP A CA  1 
ATOM   917  C C   . ASP A 1 116 ? -2.243  15.117  2.997   1.00 29.25  ? 130 ASP A C   1 
ATOM   918  O O   . ASP A 1 116 ? -1.341  14.546  3.626   1.00 27.98  ? 130 ASP A O   1 
ATOM   919  C CB  . ASP A 1 116 ? -4.337  14.982  4.303   1.00 30.86  ? 130 ASP A CB  1 
ATOM   920  C CG  . ASP A 1 116 ? -4.500  16.480  4.407   1.00 33.57  ? 130 ASP A CG  1 
ATOM   921  O OD1 . ASP A 1 116 ? -5.397  17.047  3.753   1.00 38.05  ? 130 ASP A OD1 1 
ATOM   922  O OD2 . ASP A 1 116 ? -3.688  17.078  5.118   1.00 31.44  ? 130 ASP A OD2 1 
ATOM   923  N N   . HIS A 1 117 ? -2.035  16.250  2.324   1.00 31.19  ? 131 HIS A N   1 
ATOM   924  C CA  . HIS A 1 117 ? -0.689  16.853  2.293   1.00 32.90  ? 131 HIS A CA  1 
ATOM   925  C C   . HIS A 1 117 ? -0.130  17.294  3.647   1.00 32.09  ? 131 HIS A C   1 
ATOM   926  O O   . HIS A 1 117 ? 1.073   17.470  3.754   1.00 38.61  ? 131 HIS A O   1 
ATOM   927  C CB  . HIS A 1 117 ? -0.589  17.977  1.241   1.00 33.50  ? 131 HIS A CB  1 
ATOM   928  C CG  . HIS A 1 117 ? -1.273  19.253  1.632   1.00 34.12  ? 131 HIS A CG  1 
ATOM   929  N ND1 . HIS A 1 117 ? -2.574  19.299  2.090   1.00 36.84  ? 131 HIS A ND1 1 
ATOM   930  C CD2 . HIS A 1 117 ? -0.852  20.537  1.581   1.00 32.45  ? 131 HIS A CD2 1 
ATOM   931  C CE1 . HIS A 1 117 ? -2.912  20.555  2.327   1.00 35.24  ? 131 HIS A CE1 1 
ATOM   932  N NE2 . HIS A 1 117 ? -1.887  21.325  2.028   1.00 37.67  ? 131 HIS A NE2 1 
ATOM   933  N N   . ASN A 1 118 ? -0.960  17.469  4.678   1.00 32.87  ? 132 ASN A N   1 
ATOM   934  C CA  . ASN A 1 118 ? -0.451  17.815  6.019   1.00 34.57  ? 132 ASN A CA  1 
ATOM   935  C C   . ASN A 1 118 ? -0.233  16.597  6.942   1.00 36.79  ? 132 ASN A C   1 
ATOM   936  O O   . ASN A 1 118 ? 0.025   16.757  8.142   1.00 35.79  ? 132 ASN A O   1 
ATOM   937  C CB  . ASN A 1 118 ? -1.378  18.840  6.700   1.00 35.44  ? 132 ASN A CB  1 
ATOM   938  C CG  . ASN A 1 118 ? -1.325  20.211  6.024   1.00 37.74  ? 132 ASN A CG  1 
ATOM   939  O OD1 . ASN A 1 118 ? -2.357  20.847  5.773   1.00 37.35  ? 132 ASN A OD1 1 
ATOM   940  N ND2 . ASN A 1 118 ? -0.127  20.638  5.676   1.00 35.78  ? 132 ASN A ND2 1 
ATOM   941  N N   . PHE A 1 119 ? -0.341  15.377  6.399   1.00 34.51  ? 133 PHE A N   1 
ATOM   942  C CA  . PHE A 1 119 ? -0.052  14.186  7.207   1.00 32.15  ? 133 PHE A CA  1 
ATOM   943  C C   . PHE A 1 119 ? 1.449   14.030  7.360   1.00 29.41  ? 133 PHE A C   1 
ATOM   944  O O   . PHE A 1 119 ? 2.188   14.139  6.395   1.00 31.06  ? 133 PHE A O   1 
ATOM   945  C CB  . PHE A 1 119 ? -0.677  12.910  6.571   1.00 32.21  ? 133 PHE A CB  1 
ATOM   946  C CG  . PHE A 1 119 ? -0.129  11.615  7.129   1.00 29.83  ? 133 PHE A CG  1 
ATOM   947  C CD1 . PHE A 1 119 ? -0.525  11.148  8.371   1.00 33.12  ? 133 PHE A CD1 1 
ATOM   948  C CD2 . PHE A 1 119 ? 0.776   10.861  6.397   1.00 31.75  ? 133 PHE A CD2 1 
ATOM   949  C CE1 . PHE A 1 119 ? -0.029  9.929   8.878   1.00 31.01  ? 133 PHE A CE1 1 
ATOM   950  C CE2 . PHE A 1 119 ? 1.272   9.643   6.904   1.00 33.19  ? 133 PHE A CE2 1 
ATOM   951  C CZ  . PHE A 1 119 ? 0.872   9.193   8.145   1.00 30.22  ? 133 PHE A CZ  1 
ATOM   952  N N   . GLN A 1 120 ? 1.894   13.753  8.578   1.00 32.87  ? 134 GLN A N   1 
ATOM   953  C CA  . GLN A 1 120 ? 3.299   13.449  8.858   1.00 36.37  ? 134 GLN A CA  1 
ATOM   954  C C   . GLN A 1 120 ? 3.336   12.134  9.615   1.00 34.30  ? 134 GLN A C   1 
ATOM   955  O O   . GLN A 1 120 ? 2.775   12.049  10.696  1.00 32.17  ? 134 GLN A O   1 
ATOM   956  C CB  . GLN A 1 120 ? 3.907   14.542  9.757   1.00 44.57  ? 134 GLN A CB  1 
ATOM   957  C CG  . GLN A 1 120 ? 4.066   15.895  9.080   1.00 51.37  ? 134 GLN A CG  1 
ATOM   958  C CD  . GLN A 1 120 ? 5.222   15.918  8.101   1.00 58.02  ? 134 GLN A CD  1 
ATOM   959  O OE1 . GLN A 1 120 ? 5.042   15.684  6.905   1.00 67.58  ? 134 GLN A OE1 1 
ATOM   960  N NE2 . GLN A 1 120 ? 6.423   16.190  8.611   1.00 65.64  ? 134 GLN A NE2 1 
ATOM   961  N N   . ALA A 1 121 ? 3.981   11.118  9.045   1.00 36.62  ? 135 ALA A N   1 
ATOM   962  C CA  . ALA A 1 121 ? 4.017   9.782   9.658   1.00 38.86  ? 135 ALA A CA  1 
ATOM   963  C C   . ALA A 1 121 ? 4.645   9.804   11.035  1.00 39.89  ? 135 ALA A C   1 
ATOM   964  O O   . ALA A 1 121 ? 5.676   10.451  11.235  1.00 38.13  ? 135 ALA A O   1 
ATOM   965  C CB  . ALA A 1 121 ? 4.796   8.818   8.785   1.00 40.11  ? 135 ALA A CB  1 
ATOM   966  N N   . GLN A 1 122 ? 4.022   9.079   11.957  1.00 37.82  ? 136 GLN A N   1 
ATOM   967  C CA  . GLN A 1 122 ? 4.542   8.849   13.304  1.00 40.30  ? 136 GLN A CA  1 
ATOM   968  C C   . GLN A 1 122 ? 4.650   7.330   13.502  1.00 37.18  ? 136 GLN A C   1 
ATOM   969  O O   . GLN A 1 122 ? 3.743   6.721   14.073  1.00 32.91  ? 136 GLN A O   1 
ATOM   970  C CB  . GLN A 1 122 ? 3.581   9.418   14.325  1.00 43.34  ? 136 GLN A CB  1 
ATOM   971  C CG  . GLN A 1 122 ? 3.463   10.932  14.276  1.00 50.12  ? 136 GLN A CG  1 
ATOM   972  C CD  . GLN A 1 122 ? 2.454   11.437  15.283  1.00 55.52  ? 136 GLN A CD  1 
ATOM   973  O OE1 . GLN A 1 122 ? 1.329   11.795  14.931  1.00 59.07  ? 136 GLN A OE1 1 
ATOM   974  N NE2 . GLN A 1 122 ? 2.847   11.438  16.564  1.00 60.28  ? 136 GLN A NE2 1 
ATOM   975  N N   . PRO A 1 123 ? 5.746   6.723   13.018  1.00 36.50  ? 137 PRO A N   1 
ATOM   976  C CA  . PRO A 1 123 ? 5.941   5.267   13.117  1.00 37.39  ? 137 PRO A CA  1 
ATOM   977  C C   . PRO A 1 123 ? 5.779   4.778   14.554  1.00 40.01  ? 137 PRO A C   1 
ATOM   978  O O   . PRO A 1 123 ? 6.429   5.312   15.453  1.00 38.52  ? 137 PRO A O   1 
ATOM   979  C CB  . PRO A 1 123 ? 7.389   5.080   12.667  1.00 39.23  ? 137 PRO A CB  1 
ATOM   980  C CG  . PRO A 1 123 ? 7.707   6.270   11.841  1.00 38.71  ? 137 PRO A CG  1 
ATOM   981  C CD  . PRO A 1 123 ? 6.943   7.388   12.477  1.00 37.42  ? 137 PRO A CD  1 
ATOM   982  N N   . ASN A 1 124 ? 4.897   3.807   14.771  1.00 37.08  ? 138 ASN A N   1 
ATOM   983  C CA  . ASN A 1 124 ? 4.778   3.141   16.076  1.00 36.09  ? 138 ASN A CA  1 
ATOM   984  C C   . ASN A 1 124 ? 5.871   2.052   16.180  1.00 33.93  ? 138 ASN A C   1 
ATOM   985  O O   . ASN A 1 124 ? 5.759   1.017   15.518  1.00 32.54  ? 138 ASN A O   1 
ATOM   986  C CB  . ASN A 1 124 ? 3.366   2.571   16.206  1.00 37.41  ? 138 ASN A CB  1 
ATOM   987  C CG  . ASN A 1 124 ? 3.179   1.657   17.399  1.00 40.60  ? 138 ASN A CG  1 
ATOM   988  O OD1 . ASN A 1 124 ? 4.110   1.371   18.182  1.00 39.98  ? 138 ASN A OD1 1 
ATOM   989  N ND2 . ASN A 1 124 ? 1.952   1.164   17.534  1.00 40.79  ? 138 ASN A ND2 1 
ATOM   990  N N   . PRO A 1 125 ? 6.929   2.273   17.011  1.00 33.08  ? 139 PRO A N   1 
ATOM   991  C CA  . PRO A 1 125 ? 8.096   1.381   16.992  1.00 34.31  ? 139 PRO A CA  1 
ATOM   992  C C   . PRO A 1 125 ? 7.851   -0.079  17.422  1.00 33.56  ? 139 PRO A C   1 
ATOM   993  O O   . PRO A 1 125 ? 8.677   -0.929  17.119  1.00 36.68  ? 139 PRO A O   1 
ATOM   994  C CB  . PRO A 1 125 ? 9.101   2.067   17.944  1.00 35.70  ? 139 PRO A CB  1 
ATOM   995  C CG  . PRO A 1 125 ? 8.254   2.825   18.878  1.00 35.27  ? 139 PRO A CG  1 
ATOM   996  C CD  . PRO A 1 125 ? 7.023   3.252   18.108  1.00 35.42  ? 139 PRO A CD  1 
ATOM   997  N N   . ALA A 1 126 ? 6.736   -0.369  18.080  1.00 35.32  ? 140 ALA A N   1 
ATOM   998  C CA  . ALA A 1 126 ? 6.374   -1.770  18.348  1.00 37.94  ? 140 ALA A CA  1 
ATOM   999  C C   . ALA A 1 126 ? 6.008   -2.541  17.062  1.00 41.57  ? 140 ALA A C   1 
ATOM   1000 O O   . ALA A 1 126 ? 6.080   -3.775  17.028  1.00 43.09  ? 140 ALA A O   1 
ATOM   1001 C CB  . ALA A 1 126 ? 5.234   -1.835  19.349  1.00 38.50  ? 140 ALA A CB  1 
ATOM   1002 N N   . GLU A 1 127 ? 5.601   -1.824  16.015  1.00 38.60  ? 141 GLU A N   1 
ATOM   1003 C CA  . GLU A 1 127 ? 5.163   -2.462  14.763  1.00 39.04  ? 141 GLU A CA  1 
ATOM   1004 C C   . GLU A 1 127 ? 5.951   -2.097  13.526  1.00 35.53  ? 141 GLU A C   1 
ATOM   1005 O O   . GLU A 1 127 ? 6.111   -2.933  12.634  1.00 34.14  ? 141 GLU A O   1 
ATOM   1006 C CB  . GLU A 1 127 ? 3.699   -2.151  14.548  1.00 43.86  ? 141 GLU A CB  1 
ATOM   1007 C CG  . GLU A 1 127 ? 2.826   -2.789  15.629  1.00 49.76  ? 141 GLU A CG  1 
ATOM   1008 C CD  . GLU A 1 127 ? 1.369   -2.469  15.469  1.00 52.15  ? 141 GLU A CD  1 
ATOM   1009 O OE1 . GLU A 1 127 ? 0.534   -3.321  15.833  1.00 63.02  ? 141 GLU A OE1 1 
ATOM   1010 O OE2 . GLU A 1 127 ? 1.059   -1.364  15.002  1.00 56.22  ? 141 GLU A OE2 1 
ATOM   1011 N N   . VAL A 1 128 ? 6.456   -0.865  13.485  1.00 33.19  ? 142 VAL A N   1 
ATOM   1012 C CA  . VAL A 1 128 ? 7.075   -0.293  12.309  1.00 34.25  ? 142 VAL A CA  1 
ATOM   1013 C C   . VAL A 1 128 ? 8.446   0.291   12.679  1.00 33.78  ? 142 VAL A C   1 
ATOM   1014 O O   . VAL A 1 128 ? 8.527   1.204   13.514  1.00 35.20  ? 142 VAL A O   1 
ATOM   1015 C CB  . VAL A 1 128 ? 6.147   0.821   11.752  1.00 35.54  ? 142 VAL A CB  1 
ATOM   1016 C CG1 . VAL A 1 128 ? 6.805   1.581   10.639  1.00 38.35  ? 142 VAL A CG1 1 
ATOM   1017 C CG2 . VAL A 1 128 ? 4.833   0.221   11.257  1.00 37.45  ? 142 VAL A CG2 1 
ATOM   1018 N N   . LYS A 1 129 ? 9.493   -0.216  12.028  1.00 34.21  ? 143 LYS A N   1 
ATOM   1019 C CA  . LYS A 1 129 ? 10.862  0.314   12.142  1.00 37.95  ? 143 LYS A CA  1 
ATOM   1020 C C   . LYS A 1 129 ? 11.099  1.592   11.333  1.00 35.92  ? 143 LYS A C   1 
ATOM   1021 O O   . LYS A 1 129 ? 11.959  2.403   11.689  1.00 33.94  ? 143 LYS A O   1 
ATOM   1022 C CB  . LYS A 1 129 ? 11.875  -0.747  11.702  1.00 42.32  ? 143 LYS A CB  1 
ATOM   1023 C CG  . LYS A 1 129 ? 13.314  -0.257  11.690  1.00 50.50  ? 143 LYS A CG  1 
ATOM   1024 C CD  . LYS A 1 129 ? 14.323  -1.380  11.801  1.00 56.48  ? 143 LYS A CD  1 
ATOM   1025 C CE  . LYS A 1 129 ? 14.438  -2.178  10.523  1.00 60.15  ? 143 LYS A CE  1 
ATOM   1026 N NZ  . LYS A 1 129 ? 15.764  -2.859  10.488  1.00 64.59  ? 143 LYS A NZ  1 
ATOM   1027 N N   . ASP A 1 130 ? 10.370  1.765   10.230  1.00 31.84  ? 144 ASP A N   1 
ATOM   1028 C CA  . ASP A 1 130 ? 10.630  2.875   9.319   1.00 30.40  ? 144 ASP A CA  1 
ATOM   1029 C C   . ASP A 1 130 ? 9.412   3.069   8.393   1.00 30.66  ? 144 ASP A C   1 
ATOM   1030 O O   . ASP A 1 130 ? 8.618   2.148   8.219   1.00 29.29  ? 144 ASP A O   1 
ATOM   1031 C CB  . ASP A 1 130 ? 11.901  2.564   8.502   1.00 31.11  ? 144 ASP A CB  1 
ATOM   1032 C CG  . ASP A 1 130 ? 12.470  3.758   7.795   1.00 31.99  ? 144 ASP A CG  1 
ATOM   1033 O OD1 . ASP A 1 130 ? 11.995  4.892   8.021   1.00 31.05  ? 144 ASP A OD1 1 
ATOM   1034 O OD2 . ASP A 1 130 ? 13.425  3.551   7.003   1.00 33.47  ? 144 ASP A OD2 1 
ATOM   1035 N N   . VAL A 1 131 ? 9.253   4.289   7.896   1.00 29.70  ? 145 VAL A N   1 
ATOM   1036 C CA  . VAL A 1 131 ? 8.258   4.639   6.892   1.00 30.25  ? 145 VAL A CA  1 
ATOM   1037 C C   . VAL A 1 131 ? 8.999   5.429   5.819   1.00 30.12  ? 145 VAL A C   1 
ATOM   1038 O O   . VAL A 1 131 ? 9.835   6.265   6.134   1.00 31.65  ? 145 VAL A O   1 
ATOM   1039 C CB  . VAL A 1 131 ? 7.117   5.465   7.505   1.00 32.00  ? 145 VAL A CB  1 
ATOM   1040 C CG1 . VAL A 1 131 ? 6.214   6.041   6.424   1.00 34.88  ? 145 VAL A CG1 1 
ATOM   1041 C CG2 . VAL A 1 131 ? 6.325   4.627   8.497   1.00 33.06  ? 145 VAL A CG2 1 
ATOM   1042 N N   . PHE A 1 132 ? 8.734   5.153   4.548   1.00 28.05  ? 146 PHE A N   1 
ATOM   1043 C CA  . PHE A 1 132 ? 9.386   5.863   3.450   1.00 27.80  ? 146 PHE A CA  1 
ATOM   1044 C C   . PHE A 1 132 ? 8.494   5.954   2.217   1.00 29.28  ? 146 PHE A C   1 
ATOM   1045 O O   . PHE A 1 132 ? 7.524   5.182   2.093   1.00 27.76  ? 146 PHE A O   1 
ATOM   1046 C CB  . PHE A 1 132 ? 10.745  5.212   3.097   1.00 31.12  ? 146 PHE A CB  1 
ATOM   1047 C CG  . PHE A 1 132 ? 10.643  3.829   2.501   1.00 30.86  ? 146 PHE A CG  1 
ATOM   1048 C CD1 . PHE A 1 132 ? 10.436  2.723   3.306   1.00 33.69  ? 146 PHE A CD1 1 
ATOM   1049 C CD2 . PHE A 1 132 ? 10.771  3.639   1.122   1.00 30.76  ? 146 PHE A CD2 1 
ATOM   1050 C CE1 . PHE A 1 132 ? 10.356  1.440   2.760   1.00 34.79  ? 146 PHE A CE1 1 
ATOM   1051 C CE2 . PHE A 1 132 ? 10.694  2.361   0.570   1.00 31.15  ? 146 PHE A CE2 1 
ATOM   1052 C CZ  . PHE A 1 132 ? 10.474  1.266   1.388   1.00 32.82  ? 146 PHE A CZ  1 
ATOM   1053 N N   . LEU A 1 133 ? 8.798   6.932   1.361   1.00 26.66  ? 147 LEU A N   1 
ATOM   1054 C CA  . LEU A 1 133 ? 8.081   7.159   0.108   1.00 28.70  ? 147 LEU A CA  1 
ATOM   1055 C C   . LEU A 1 133 ? 8.899   6.705   -1.095  1.00 30.44  ? 147 LEU A C   1 
ATOM   1056 O O   . LEU A 1 133 ? 10.131  6.811   -1.096  1.00 30.77  ? 147 LEU A O   1 
ATOM   1057 C CB  . LEU A 1 133 ? 7.739   8.629   -0.085  1.00 30.57  ? 147 LEU A CB  1 
ATOM   1058 C CG  . LEU A 1 133 ? 6.908   9.313   0.985   1.00 30.66  ? 147 LEU A CG  1 
ATOM   1059 C CD1 . LEU A 1 133 ? 6.807   10.793  0.662   1.00 33.77  ? 147 LEU A CD1 1 
ATOM   1060 C CD2 . LEU A 1 133 ? 5.521   8.712   1.105   1.00 31.97  ? 147 LEU A CD2 1 
ATOM   1061 N N   . VAL A 1 134 ? 8.208   6.171   -2.107  1.00 27.75  ? 148 VAL A N   1 
ATOM   1062 C CA  . VAL A 1 134 ? 8.810   5.889   -3.408  1.00 27.44  ? 148 VAL A CA  1 
ATOM   1063 C C   . VAL A 1 134 ? 7.958   6.562   -4.485  1.00 27.04  ? 148 VAL A C   1 
ATOM   1064 O O   . VAL A 1 134 ? 6.719   6.387   -4.490  1.00 25.96  ? 148 VAL A O   1 
ATOM   1065 C CB  . VAL A 1 134 ? 8.890   4.370   -3.688  1.00 26.50  ? 148 VAL A CB  1 
ATOM   1066 C CG1 . VAL A 1 134 ? 9.629   4.096   -4.984  1.00 27.15  ? 148 VAL A CG1 1 
ATOM   1067 C CG2 . VAL A 1 134 ? 9.558   3.632   -2.540  1.00 29.13  ? 148 VAL A CG2 1 
ATOM   1068 N N   . PRO A 1 135 ? 8.590   7.311   -5.424  1.00 27.19  ? 149 PRO A N   1 
ATOM   1069 C CA  . PRO A 1 135 ? 7.787   7.852   -6.514  1.00 26.62  ? 149 PRO A CA  1 
ATOM   1070 C C   . PRO A 1 135 ? 7.096   6.722   -7.290  1.00 25.66  ? 149 PRO A C   1 
ATOM   1071 O O   . PRO A 1 135 ? 7.720   5.709   -7.579  1.00 25.02  ? 149 PRO A O   1 
ATOM   1072 C CB  . PRO A 1 135 ? 8.828   8.552   -7.422  1.00 29.66  ? 149 PRO A CB  1 
ATOM   1073 C CG  . PRO A 1 135 ? 10.029  8.787   -6.533  1.00 29.83  ? 149 PRO A CG  1 
ATOM   1074 C CD  . PRO A 1 135 ? 10.032  7.611   -5.607  1.00 30.00  ? 149 PRO A CD  1 
ATOM   1075 N N   . LEU A 1 136 ? 5.820   6.904   -7.590  1.00 25.47  ? 150 LEU A N   1 
ATOM   1076 C CA  . LEU A 1 136 ? 5.052   5.908   -8.303  1.00 25.71  ? 150 LEU A CA  1 
ATOM   1077 C C   . LEU A 1 136 ? 5.700   5.535   -9.645  1.00 28.10  ? 150 LEU A C   1 
ATOM   1078 O O   . LEU A 1 136 ? 5.715   4.362   -10.015 1.00 25.59  ? 150 LEU A O   1 
ATOM   1079 C CB  . LEU A 1 136 ? 3.608   6.404   -8.479  1.00 26.19  ? 150 LEU A CB  1 
ATOM   1080 C CG  . LEU A 1 136 ? 2.546   5.437   -8.957  1.00 26.88  ? 150 LEU A CG  1 
ATOM   1081 C CD1 . LEU A 1 136 ? 2.367   4.271   -7.978  1.00 25.96  ? 150 LEU A CD1 1 
ATOM   1082 C CD2 . LEU A 1 136 ? 1.227   6.191   -9.147  1.00 26.09  ? 150 LEU A CD2 1 
ATOM   1083 N N   . ALA A 1 137 ? 6.277   6.514   -10.352 1.00 27.89  ? 151 ALA A N   1 
ATOM   1084 C CA  . ALA A 1 137 ? 6.957   6.234   -11.629 1.00 29.50  ? 151 ALA A CA  1 
ATOM   1085 C C   . ALA A 1 137 ? 8.160   5.277   -11.557 1.00 30.55  ? 151 ALA A C   1 
ATOM   1086 O O   . ALA A 1 137 ? 8.484   4.613   -12.557 1.00 30.98  ? 151 ALA A O   1 
ATOM   1087 C CB  . ALA A 1 137 ? 7.349   7.533   -12.325 1.00 31.46  ? 151 ALA A CB  1 
ATOM   1088 N N   . TYR A 1 138 ? 8.795   5.160   -10.397 1.00 28.50  ? 152 TYR A N   1 
ATOM   1089 C CA  . TYR A 1 138 ? 9.867   4.176   -10.188 1.00 28.87  ? 152 TYR A CA  1 
ATOM   1090 C C   . TYR A 1 138 ? 9.458   2.737   -10.592 1.00 28.93  ? 152 TYR A C   1 
ATOM   1091 O O   . TYR A 1 138 ? 10.262  1.991   -11.166 1.00 29.08  ? 152 TYR A O   1 
ATOM   1092 C CB  . TYR A 1 138 ? 10.361  4.203   -8.732  1.00 30.35  ? 152 TYR A CB  1 
ATOM   1093 C CG  . TYR A 1 138 ? 11.247  3.052   -8.405  1.00 30.62  ? 152 TYR A CG  1 
ATOM   1094 C CD1 . TYR A 1 138 ? 12.620  3.093   -8.650  1.00 33.30  ? 152 TYR A CD1 1 
ATOM   1095 C CD2 . TYR A 1 138 ? 10.705  1.876   -7.891  1.00 32.05  ? 152 TYR A CD2 1 
ATOM   1096 C CE1 . TYR A 1 138 ? 13.424  2.000   -8.376  1.00 32.40  ? 152 TYR A CE1 1 
ATOM   1097 C CE2 . TYR A 1 138 ? 11.493  0.784   -7.636  1.00 33.71  ? 152 TYR A CE2 1 
ATOM   1098 C CZ  . TYR A 1 138 ? 12.850  0.837   -7.874  1.00 33.71  ? 152 TYR A CZ  1 
ATOM   1099 O OH  . TYR A 1 138 ? 13.594  -0.312  -7.594  1.00 36.20  ? 152 TYR A OH  1 
ATOM   1100 N N   . PHE A 1 139 ? 8.207   2.369   -10.316 1.00 27.50  ? 153 PHE A N   1 
ATOM   1101 C CA  . PHE A 1 139 ? 7.739   0.990   -10.546 1.00 27.10  ? 153 PHE A CA  1 
ATOM   1102 C C   . PHE A 1 139 ? 7.520   0.658   -12.022 1.00 29.06  ? 153 PHE A C   1 
ATOM   1103 O O   . PHE A 1 139 ? 7.284   -0.512  -12.369 1.00 28.55  ? 153 PHE A O   1 
ATOM   1104 C CB  . PHE A 1 139 ? 6.504   0.714   -9.682  1.00 26.09  ? 153 PHE A CB  1 
ATOM   1105 C CG  . PHE A 1 139 ? 6.819   0.805   -8.224  1.00 26.35  ? 153 PHE A CG  1 
ATOM   1106 C CD1 . PHE A 1 139 ? 7.502   -0.217  -7.602  1.00 25.62  ? 153 PHE A CD1 1 
ATOM   1107 C CD2 . PHE A 1 139 ? 6.530   1.950   -7.500  1.00 26.21  ? 153 PHE A CD2 1 
ATOM   1108 C CE1 . PHE A 1 139 ? 7.864   -0.126  -6.272  1.00 25.97  ? 153 PHE A CE1 1 
ATOM   1109 C CE2 . PHE A 1 139 ? 6.893   2.055   -6.173  1.00 25.05  ? 153 PHE A CE2 1 
ATOM   1110 C CZ  . PHE A 1 139 ? 7.548   1.008   -5.551  1.00 26.96  ? 153 PHE A CZ  1 
ATOM   1111 N N   . LEU A 1 140 ? 7.608   1.677   -12.879 1.00 28.66  ? 154 LEU A N   1 
ATOM   1112 C CA  . LEU A 1 140 ? 7.696   1.469   -14.320 1.00 32.04  ? 154 LEU A CA  1 
ATOM   1113 C C   . LEU A 1 140 ? 9.108   1.167   -14.813 1.00 34.85  ? 154 LEU A C   1 
ATOM   1114 O O   . LEU A 1 140 ? 9.239   0.575   -15.867 1.00 34.51  ? 154 LEU A O   1 
ATOM   1115 C CB  . LEU A 1 140 ? 7.162   2.680   -15.087 1.00 31.84  ? 154 LEU A CB  1 
ATOM   1116 C CG  . LEU A 1 140 ? 5.755   3.161   -14.754 1.00 34.45  ? 154 LEU A CG  1 
ATOM   1117 C CD1 . LEU A 1 140 ? 5.372   4.281   -15.708 1.00 36.26  ? 154 LEU A CD1 1 
ATOM   1118 C CD2 . LEU A 1 140 ? 4.714   2.049   -14.781 1.00 34.03  ? 154 LEU A CD2 1 
ATOM   1119 N N   . HIS A 1 141 ? 10.142  1.599   -14.084 1.00 34.20  ? 155 HIS A N   1 
ATOM   1120 C CA  . HIS A 1 141 ? 11.554  1.369   -14.453 1.00 37.62  ? 155 HIS A CA  1 
ATOM   1121 C C   . HIS A 1 141 ? 12.375  1.036   -13.211 1.00 35.51  ? 155 HIS A C   1 
ATOM   1122 O O   . HIS A 1 141 ? 13.265  1.788   -12.825 1.00 35.37  ? 155 HIS A O   1 
ATOM   1123 C CB  . HIS A 1 141 ? 12.125  2.604   -15.153 1.00 39.55  ? 155 HIS A CB  1 
ATOM   1124 C CG  . HIS A 1 141 ? 11.499  2.869   -16.480 1.00 40.88  ? 155 HIS A CG  1 
ATOM   1125 N ND1 . HIS A 1 141 ? 11.814  2.134   -17.604 1.00 43.94  ? 155 HIS A ND1 1 
ATOM   1126 C CD2 . HIS A 1 141 ? 10.552  3.757   -16.860 1.00 42.67  ? 155 HIS A CD2 1 
ATOM   1127 C CE1 . HIS A 1 141 ? 11.105  2.580   -18.628 1.00 42.72  ? 155 HIS A CE1 1 
ATOM   1128 N NE2 . HIS A 1 141 ? 10.325  3.560   -18.203 1.00 40.55  ? 155 HIS A NE2 1 
ATOM   1129 N N   . PRO A 1 142 ? 12.027  -0.071  -12.547 1.00 36.35  ? 156 PRO A N   1 
ATOM   1130 C CA  . PRO A 1 142 ? 12.659  -0.428  -11.284 1.00 39.99  ? 156 PRO A CA  1 
ATOM   1131 C C   . PRO A 1 142 ? 14.051  -1.012  -11.481 1.00 44.01  ? 156 PRO A C   1 
ATOM   1132 O O   . PRO A 1 142 ? 14.376  -1.504  -12.574 1.00 41.48  ? 156 PRO A O   1 
ATOM   1133 C CB  . PRO A 1 142 ? 11.714  -1.494  -10.726 1.00 39.39  ? 156 PRO A CB  1 
ATOM   1134 C CG  . PRO A 1 142 ? 11.167  -2.157  -11.932 1.00 38.74  ? 156 PRO A CG  1 
ATOM   1135 C CD  . PRO A 1 142 ? 11.053  -1.094  -12.982 1.00 36.82  ? 156 PRO A CD  1 
ATOM   1136 N N   . GLN A 1 143 ? 14.863  -0.930  -10.436 1.00 43.53  ? 157 GLN A N   1 
ATOM   1137 C CA  . GLN A 1 143 ? 16.182  -1.541  -10.430 1.00 49.39  ? 157 GLN A CA  1 
ATOM   1138 C C   . GLN A 1 143 ? 15.986  -2.949  -9.875  1.00 48.90  ? 157 GLN A C   1 
ATOM   1139 O O   . GLN A 1 143 ? 15.702  -3.123  -8.685  1.00 43.01  ? 157 GLN A O   1 
ATOM   1140 C CB  . GLN A 1 143 ? 17.163  -0.714  -9.595  1.00 53.57  ? 157 GLN A CB  1 
ATOM   1141 C CG  . GLN A 1 143 ? 18.609  -1.173  -9.715  1.00 60.36  ? 157 GLN A CG  1 
ATOM   1142 C CD  . GLN A 1 143 ? 19.535  -0.463  -8.743  1.00 65.68  ? 157 GLN A CD  1 
ATOM   1143 O OE1 . GLN A 1 143 ? 19.786  0.739   -8.872  1.00 70.79  ? 157 GLN A OE1 1 
ATOM   1144 N NE2 . GLN A 1 143 ? 20.052  -1.205  -7.762  1.00 67.57  ? 157 GLN A NE2 1 
ATOM   1145 N N   . VAL A 1 144 ? 16.112  -3.943  -10.756 1.00 50.88  ? 158 VAL A N   1 
ATOM   1146 C CA  . VAL A 1 144 ? 15.724  -5.323  -10.469 1.00 54.36  ? 158 VAL A CA  1 
ATOM   1147 C C   . VAL A 1 144 ? 16.946  -6.160  -10.097 1.00 58.15  ? 158 VAL A C   1 
ATOM   1148 O O   . VAL A 1 144 ? 17.998  -6.037  -10.719 1.00 59.68  ? 158 VAL A O   1 
ATOM   1149 C CB  . VAL A 1 144 ? 15.024  -5.975  -11.684 1.00 56.58  ? 158 VAL A CB  1 
ATOM   1150 C CG1 . VAL A 1 144 ? 14.499  -7.370  -11.328 1.00 56.15  ? 158 VAL A CG1 1 
ATOM   1151 C CG2 . VAL A 1 144 ? 13.898  -5.083  -12.196 1.00 57.64  ? 158 VAL A CG2 1 
ATOM   1152 N N   . HIS A 1 145 ? 16.792  -6.999  -9.079  1.00 61.58  ? 159 HIS A N   1 
ATOM   1153 C CA  . HIS A 1 145 ? 17.812  -7.967  -8.667  1.00 69.17  ? 159 HIS A CA  1 
ATOM   1154 C C   . HIS A 1 145 ? 17.134  -9.321  -8.510  1.00 69.97  ? 159 HIS A C   1 
ATOM   1155 O O   . HIS A 1 145 ? 16.040  -9.406  -7.953  1.00 69.06  ? 159 HIS A O   1 
ATOM   1156 C CB  . HIS A 1 145 ? 18.473  -7.526  -7.354  1.00 73.56  ? 159 HIS A CB  1 
ATOM   1157 C CG  . HIS A 1 145 ? 19.565  -6.518  -7.543  1.00 82.86  ? 159 HIS A CG  1 
ATOM   1158 N ND1 . HIS A 1 145 ? 19.326  -5.236  -7.994  1.00 86.99  ? 159 HIS A ND1 1 
ATOM   1159 C CD2 . HIS A 1 145 ? 20.903  -6.607  -7.356  1.00 89.08  ? 159 HIS A CD2 1 
ATOM   1160 C CE1 . HIS A 1 145 ? 20.470  -4.578  -8.071  1.00 88.37  ? 159 HIS A CE1 1 
ATOM   1161 N NE2 . HIS A 1 145 ? 21.442  -5.387  -7.689  1.00 89.54  ? 159 HIS A NE2 1 
ATOM   1162 N N   . ASP A 1 146 ? 17.770  -10.375 -9.014  1.00 75.14  ? 160 ASP A N   1 
ATOM   1163 C CA  . ASP A 1 146 ? 17.202  -11.726 -8.957  1.00 76.46  ? 160 ASP A CA  1 
ATOM   1164 C C   . ASP A 1 146 ? 17.831  -12.502 -7.797  1.00 77.15  ? 160 ASP A C   1 
ATOM   1165 O O   . ASP A 1 146 ? 19.054  -12.607 -7.717  1.00 78.30  ? 160 ASP A O   1 
ATOM   1166 C CB  . ASP A 1 146 ? 17.406  -12.428 -10.300 1.00 80.34  ? 160 ASP A CB  1 
ATOM   1167 C CG  . ASP A 1 146 ? 16.640  -11.748 -11.439 1.00 83.30  ? 160 ASP A CG  1 
ATOM   1168 O OD1 . ASP A 1 146 ? 15.412  -11.554 -11.309 1.00 87.05  ? 160 ASP A OD1 1 
ATOM   1169 O OD2 . ASP A 1 146 ? 17.262  -11.404 -12.467 1.00 83.47  ? 160 ASP A OD2 1 
ATOM   1170 N N   . GLN A 1 147 ? 16.993  -13.015 -6.890  1.00 80.21  ? 161 GLN A N   1 
ATOM   1171 C CA  . GLN A 1 147 ? 17.454  -13.678 -5.662  1.00 81.69  ? 161 GLN A CA  1 
ATOM   1172 C C   . GLN A 1 147 ? 17.568  -15.184 -5.867  1.00 84.15  ? 161 GLN A C   1 
ATOM   1173 O O   . GLN A 1 147 ? 16.565  -15.895 -5.855  1.00 87.46  ? 161 GLN A O   1 
ATOM   1174 C CB  . GLN A 1 147 ? 16.501  -13.382 -4.496  1.00 80.88  ? 161 GLN A CB  1 
ATOM   1175 N N   . ILE A 1 158 ? 14.791  -18.534 -8.102  1.00 114.51 ? 172 ILE A N   1 
ATOM   1176 C CA  . ILE A 1 158 ? 15.163  -17.247 -8.692  1.00 114.89 ? 172 ILE A CA  1 
ATOM   1177 C C   . ILE A 1 158 ? 13.906  -16.400 -8.970  1.00 107.23 ? 172 ILE A C   1 
ATOM   1178 O O   . ILE A 1 158 ? 13.056  -16.791 -9.774  1.00 101.27 ? 172 ILE A O   1 
ATOM   1179 C CB  . ILE A 1 158 ? 16.016  -17.443 -9.978  1.00 119.27 ? 172 ILE A CB  1 
ATOM   1180 C CG1 . ILE A 1 158 ? 17.313  -18.229 -9.674  1.00 119.54 ? 172 ILE A CG1 1 
ATOM   1181 C CG2 . ILE A 1 158 ? 16.343  -16.106 -10.636 1.00 118.81 ? 172 ILE A CG2 1 
ATOM   1182 C CD1 . ILE A 1 158 ? 18.329  -17.528 -8.785  1.00 116.79 ? 172 ILE A CD1 1 
ATOM   1183 N N   . ASN A 1 159 ? 13.808  -15.244 -8.298  1.00 101.19 ? 173 ASN A N   1 
ATOM   1184 C CA  . ASN A 1 159 ? 12.625  -14.357 -8.360  1.00 92.08  ? 173 ASN A CA  1 
ATOM   1185 C C   . ASN A 1 159 ? 12.998  -12.860 -8.227  1.00 83.03  ? 173 ASN A C   1 
ATOM   1186 O O   . ASN A 1 159 ? 14.000  -12.514 -7.598  1.00 76.93  ? 173 ASN A O   1 
ATOM   1187 C CB  . ASN A 1 159 ? 11.599  -14.763 -7.286  1.00 91.33  ? 173 ASN A CB  1 
ATOM   1188 C CG  . ASN A 1 159 ? 11.988  -14.308 -5.888  1.00 89.63  ? 173 ASN A CG  1 
ATOM   1189 O OD1 . ASN A 1 159 ? 11.283  -13.510 -5.266  1.00 87.28  ? 173 ASN A OD1 1 
ATOM   1190 N ND2 . ASN A 1 159 ? 13.116  -14.804 -5.392  1.00 87.25  ? 173 ASN A ND2 1 
ATOM   1191 N N   . HIS A 1 160 ? 12.162  -11.990 -8.799  1.00 75.30  ? 174 HIS A N   1 
ATOM   1192 C CA  . HIS A 1 160 ? 12.484  -10.561 -8.983  1.00 70.27  ? 174 HIS A CA  1 
ATOM   1193 C C   . HIS A 1 160 ? 12.318  -9.702  -7.704  1.00 64.66  ? 174 HIS A C   1 
ATOM   1194 O O   . HIS A 1 160 ? 11.253  -9.698  -7.088  1.00 62.31  ? 174 HIS A O   1 
ATOM   1195 C CB  . HIS A 1 160 ? 11.624  -9.957  -10.105 1.00 73.03  ? 174 HIS A CB  1 
ATOM   1196 C CG  . HIS A 1 160 ? 11.734  -10.672 -11.420 1.00 79.02  ? 174 HIS A CG  1 
ATOM   1197 N ND1 . HIS A 1 160 ? 12.929  -10.820 -12.092 1.00 81.51  ? 174 HIS A ND1 1 
ATOM   1198 C CD2 . HIS A 1 160 ? 10.792  -11.259 -12.196 1.00 79.86  ? 174 HIS A CD2 1 
ATOM   1199 C CE1 . HIS A 1 160 ? 12.721  -11.478 -13.218 1.00 81.35  ? 174 HIS A CE1 1 
ATOM   1200 N NE2 . HIS A 1 160 ? 11.432  -11.756 -13.306 1.00 81.38  ? 174 HIS A NE2 1 
ATOM   1201 N N   . ILE A 1 161 ? 13.370  -8.963  -7.338  1.00 56.27  ? 175 ILE A N   1 
ATOM   1202 C CA  . ILE A 1 161 ? 13.375  -8.068  -6.172  1.00 52.89  ? 175 ILE A CA  1 
ATOM   1203 C C   . ILE A 1 161 ? 13.706  -6.656  -6.655  1.00 47.42  ? 175 ILE A C   1 
ATOM   1204 O O   . ILE A 1 161 ? 14.617  -6.488  -7.459  1.00 48.69  ? 175 ILE A O   1 
ATOM   1205 C CB  . ILE A 1 161 ? 14.403  -8.547  -5.120  1.00 54.88  ? 175 ILE A CB  1 
ATOM   1206 C CG1 . ILE A 1 161 ? 13.874  -9.826  -4.446  1.00 59.46  ? 175 ILE A CG1 1 
ATOM   1207 C CG2 . ILE A 1 161 ? 14.719  -7.465  -4.082  1.00 52.67  ? 175 ILE A CG2 1 
ATOM   1208 C CD1 . ILE A 1 161 ? 14.830  -10.470 -3.459  1.00 62.27  ? 175 ILE A CD1 1 
ATOM   1209 N N   . PHE A 1 162 ? 12.978  -5.652  -6.162  1.00 38.24  ? 176 PHE A N   1 
ATOM   1210 C CA  . PHE A 1 162 ? 13.275  -4.249  -6.497  1.00 36.13  ? 176 PHE A CA  1 
ATOM   1211 C C   . PHE A 1 162 ? 14.166  -3.636  -5.429  1.00 35.43  ? 176 PHE A C   1 
ATOM   1212 O O   . PHE A 1 162 ? 13.917  -3.835  -4.249  1.00 36.89  ? 176 PHE A O   1 
ATOM   1213 C CB  . PHE A 1 162 ? 12.000  -3.418  -6.586  1.00 36.95  ? 176 PHE A CB  1 
ATOM   1214 C CG  . PHE A 1 162 ? 11.022  -3.870  -7.645  1.00 37.98  ? 176 PHE A CG  1 
ATOM   1215 C CD1 . PHE A 1 162 ? 11.419  -4.647  -8.743  1.00 38.86  ? 176 PHE A CD1 1 
ATOM   1216 C CD2 . PHE A 1 162 ? 9.702   -3.465  -7.566  1.00 36.50  ? 176 PHE A CD2 1 
ATOM   1217 C CE1 . PHE A 1 162 ? 10.497  -5.024  -9.707  1.00 38.60  ? 176 PHE A CE1 1 
ATOM   1218 C CE2 . PHE A 1 162 ? 8.781   -3.836  -8.534  1.00 39.14  ? 176 PHE A CE2 1 
ATOM   1219 C CZ  . PHE A 1 162 ? 9.181   -4.603  -9.610  1.00 39.31  ? 176 PHE A CZ  1 
ATOM   1220 N N   . GLU A 1 163 ? 15.188  -2.889  -5.845  1.00 35.06  ? 177 GLU A N   1 
ATOM   1221 C CA  . GLU A 1 163 ? 15.996  -2.076  -4.925  1.00 37.92  ? 177 GLU A CA  1 
ATOM   1222 C C   . GLU A 1 163 ? 15.750  -0.605  -5.194  1.00 35.14  ? 177 GLU A C   1 
ATOM   1223 O O   . GLU A 1 163 ? 15.960  -0.114  -6.312  1.00 36.39  ? 177 GLU A O   1 
ATOM   1224 C CB  . GLU A 1 163 ? 17.493  -2.391  -5.063  1.00 41.94  ? 177 GLU A CB  1 
ATOM   1225 C CG  . GLU A 1 163 ? 17.831  -3.823  -4.672  1.00 48.29  ? 177 GLU A CG  1 
ATOM   1226 C CD  . GLU A 1 163 ? 19.293  -4.034  -4.291  1.00 56.64  ? 177 GLU A CD  1 
ATOM   1227 O OE1 . GLU A 1 163 ? 20.172  -3.295  -4.802  1.00 57.80  ? 177 GLU A OE1 1 
ATOM   1228 O OE2 . GLU A 1 163 ? 19.552  -4.956  -3.480  1.00 62.53  ? 177 GLU A OE2 1 
ATOM   1229 N N   . TYR A 1 164 ? 15.289  0.107   -4.176  1.00 33.45  ? 178 TYR A N   1 
ATOM   1230 C CA  . TYR A 1 164 ? 15.073  1.537   -4.304  1.00 30.90  ? 178 TYR A CA  1 
ATOM   1231 C C   . TYR A 1 164 ? 16.002  2.210   -3.328  1.00 31.06  ? 178 TYR A C   1 
ATOM   1232 O O   . TYR A 1 164 ? 15.974  1.876   -2.135  1.00 31.84  ? 178 TYR A O   1 
ATOM   1233 C CB  . TYR A 1 164 ? 13.641  1.924   -3.937  1.00 30.81  ? 178 TYR A CB  1 
ATOM   1234 C CG  . TYR A 1 164 ? 13.462  3.419   -3.909  1.00 30.87  ? 178 TYR A CG  1 
ATOM   1235 C CD1 . TYR A 1 164 ? 13.447  4.145   -5.094  1.00 34.14  ? 178 TYR A CD1 1 
ATOM   1236 C CD2 . TYR A 1 164 ? 13.354  4.122   -2.710  1.00 32.40  ? 178 TYR A CD2 1 
ATOM   1237 C CE1 . TYR A 1 164 ? 13.308  5.526   -5.084  1.00 34.47  ? 178 TYR A CE1 1 
ATOM   1238 C CE2 . TYR A 1 164 ? 13.214  5.506   -2.698  1.00 31.32  ? 178 TYR A CE2 1 
ATOM   1239 C CZ  . TYR A 1 164 ? 13.197  6.193   -3.888  1.00 32.08  ? 178 TYR A CZ  1 
ATOM   1240 O OH  . TYR A 1 164 ? 13.085  7.555   -3.925  1.00 35.23  ? 178 TYR A OH  1 
ATOM   1241 N N   . THR A 1 165 ? 16.746  3.188   -3.821  1.00 31.30  ? 179 THR A N   1 
ATOM   1242 C CA  . THR A 1 165 ? 17.644  4.009   -2.995  1.00 31.79  ? 179 THR A CA  1 
ATOM   1243 C C   . THR A 1 165 ? 17.071  5.405   -2.844  1.00 32.14  ? 179 THR A C   1 
ATOM   1244 O O   . THR A 1 165 ? 16.827  6.086   -3.835  1.00 32.35  ? 179 THR A O   1 
ATOM   1245 C CB  . THR A 1 165 ? 19.037  4.095   -3.638  1.00 34.00  ? 179 THR A CB  1 
ATOM   1246 O OG1 . THR A 1 165 ? 19.552  2.773   -3.817  1.00 33.35  ? 179 THR A OG1 1 
ATOM   1247 C CG2 . THR A 1 165 ? 19.999  4.925   -2.755  1.00 34.46  ? 179 THR A CG2 1 
ATOM   1248 N N   . ASN A 1 166 ? 16.817  5.829   -1.610  1.00 28.83  ? 180 ASN A N   1 
ATOM   1249 C CA  . ASN A 1 166 ? 16.280  7.164   -1.350  1.00 31.63  ? 180 ASN A CA  1 
ATOM   1250 C C   . ASN A 1 166 ? 17.369  8.221   -1.603  1.00 33.99  ? 180 ASN A C   1 
ATOM   1251 O O   . ASN A 1 166 ? 18.382  8.214   -0.910  1.00 31.99  ? 180 ASN A O   1 
ATOM   1252 C CB  . ASN A 1 166 ? 15.787  7.202   0.099   1.00 32.66  ? 180 ASN A CB  1 
ATOM   1253 C CG  . ASN A 1 166 ? 15.167  8.518   0.498   1.00 32.55  ? 180 ASN A CG  1 
ATOM   1254 O OD1 . ASN A 1 166 ? 15.151  9.496   -0.257  1.00 33.72  ? 180 ASN A OD1 1 
ATOM   1255 N ND2 . ASN A 1 166 ? 14.644  8.548   1.726   1.00 33.45  ? 180 ASN A ND2 1 
ATOM   1256 N N   . PRO A 1 167 ? 17.177  9.135   -2.585  1.00 34.92  ? 181 PRO A N   1 
ATOM   1257 C CA  . PRO A 1 167 ? 18.254  10.130  -2.838  1.00 35.27  ? 181 PRO A CA  1 
ATOM   1258 C C   . PRO A 1 167 ? 18.481  11.163  -1.722  1.00 35.17  ? 181 PRO A C   1 
ATOM   1259 O O   . PRO A 1 167 ? 19.501  11.844  -1.730  1.00 34.83  ? 181 PRO A O   1 
ATOM   1260 C CB  . PRO A 1 167 ? 17.798  10.839  -4.130  1.00 37.14  ? 181 PRO A CB  1 
ATOM   1261 C CG  . PRO A 1 167 ? 16.317  10.669  -4.143  1.00 38.16  ? 181 PRO A CG  1 
ATOM   1262 C CD  . PRO A 1 167 ? 16.024  9.338   -3.488  1.00 36.84  ? 181 PRO A CD  1 
ATOM   1263 N N   . GLU A 1 168 ? 17.549  11.284  -0.788  1.00 36.47  ? 182 GLU A N   1 
ATOM   1264 C CA  . GLU A 1 168 ? 17.718  12.156  0.370   1.00 38.98  ? 182 GLU A CA  1 
ATOM   1265 C C   . GLU A 1 168 ? 18.896  11.756  1.255   1.00 36.80  ? 182 GLU A C   1 
ATOM   1266 O O   . GLU A 1 168 ? 19.637  12.638  1.728   1.00 34.43  ? 182 GLU A O   1 
ATOM   1267 C CB  . GLU A 1 168 ? 16.448  12.158  1.229   1.00 41.57  ? 182 GLU A CB  1 
ATOM   1268 C CG  . GLU A 1 168 ? 15.263  12.839  0.549   1.00 45.91  ? 182 GLU A CG  1 
ATOM   1269 C CD  . GLU A 1 168 ? 15.472  14.329  0.402   1.00 52.51  ? 182 GLU A CD  1 
ATOM   1270 O OE1 . GLU A 1 168 ? 15.691  15.023  1.438   1.00 52.59  ? 182 GLU A OE1 1 
ATOM   1271 O OE2 . GLU A 1 168 ? 15.436  14.799  -0.755  1.00 60.03  ? 182 GLU A OE2 1 
ATOM   1272 N N   . ASP A 1 169 ? 19.034  10.446  1.482   1.00 34.60  ? 183 ASP A N   1 
ATOM   1273 C CA  . ASP A 1 169 ? 20.006  9.879   2.429   1.00 34.73  ? 183 ASP A CA  1 
ATOM   1274 C C   . ASP A 1 169 ? 20.818  8.660   1.948   1.00 34.65  ? 183 ASP A C   1 
ATOM   1275 O O   . ASP A 1 169 ? 21.672  8.164   2.678   1.00 33.11  ? 183 ASP A O   1 
ATOM   1276 C CB  . ASP A 1 169 ? 19.295  9.554   3.746   1.00 33.51  ? 183 ASP A CB  1 
ATOM   1277 C CG  . ASP A 1 169 ? 18.196  8.497   3.592   1.00 37.61  ? 183 ASP A CG  1 
ATOM   1278 O OD1 . ASP A 1 169 ? 18.085  7.855   2.518   1.00 35.08  ? 183 ASP A OD1 1 
ATOM   1279 O OD2 . ASP A 1 169 ? 17.458  8.290   4.581   1.00 36.91  ? 183 ASP A OD2 1 
ATOM   1280 N N   . GLY A 1 170 ? 20.572  8.176   0.732   1.00 34.06  ? 184 GLY A N   1 
ATOM   1281 C CA  . GLY A 1 170 ? 21.290  7.014   0.188   1.00 31.63  ? 184 GLY A CA  1 
ATOM   1282 C C   . GLY A 1 170 ? 20.952  5.648   0.742   1.00 31.87  ? 184 GLY A C   1 
ATOM   1283 O O   . GLY A 1 170 ? 21.628  4.659   0.429   1.00 30.97  ? 184 GLY A O   1 
ATOM   1284 N N   . VAL A 1 171 ? 19.885  5.560   1.532   1.00 31.73  ? 185 VAL A N   1 
ATOM   1285 C CA  . VAL A 1 171 ? 19.459  4.295   2.099   1.00 33.13  ? 185 VAL A CA  1 
ATOM   1286 C C   . VAL A 1 171 ? 18.745  3.482   1.022   1.00 35.44  ? 185 VAL A C   1 
ATOM   1287 O O   . VAL A 1 171 ? 17.892  4.027   0.293   1.00 31.54  ? 185 VAL A O   1 
ATOM   1288 C CB  . VAL A 1 171 ? 18.544  4.526   3.315   1.00 33.81  ? 185 VAL A CB  1 
ATOM   1289 C CG1 . VAL A 1 171 ? 17.977  3.215   3.838   1.00 35.54  ? 185 VAL A CG1 1 
ATOM   1290 C CG2 . VAL A 1 171 ? 19.339  5.243   4.421   1.00 35.68  ? 185 VAL A CG2 1 
ATOM   1291 N N   . THR A 1 172 ? 19.083  2.197   0.953   1.00 33.15  ? 186 THR A N   1 
ATOM   1292 C CA  . THR A 1 172 ? 18.485  1.265   -0.011  1.00 36.47  ? 186 THR A CA  1 
ATOM   1293 C C   . THR A 1 172 ? 17.463  0.344   0.677   1.00 36.84  ? 186 THR A C   1 
ATOM   1294 O O   . THR A 1 172 ? 17.715  -0.208  1.760   1.00 35.42  ? 186 THR A O   1 
ATOM   1295 C CB  . THR A 1 172 ? 19.565  0.440   -0.743  1.00 36.48  ? 186 THR A CB  1 
ATOM   1296 O OG1 . THR A 1 172 ? 20.388  1.324   -1.495  1.00 36.86  ? 186 THR A OG1 1 
ATOM   1297 C CG2 . THR A 1 172 ? 18.941  -0.568  -1.722  1.00 39.23  ? 186 THR A CG2 1 
ATOM   1298 N N   . TYR A 1 173 ? 16.297  0.205   0.046   1.00 32.65  ? 187 TYR A N   1 
ATOM   1299 C CA  . TYR A 1 173 ? 15.235  -0.661  0.537   1.00 33.63  ? 187 TYR A CA  1 
ATOM   1300 C C   . TYR A 1 173 ? 14.969  -1.746  -0.499  1.00 34.75  ? 187 TYR A C   1 
ATOM   1301 O O   . TYR A 1 173 ? 15.007  -1.473  -1.707  1.00 33.66  ? 187 TYR A O   1 
ATOM   1302 C CB  . TYR A 1 173 ? 13.962  0.156   0.741   1.00 34.50  ? 187 TYR A CB  1 
ATOM   1303 C CG  . TYR A 1 173 ? 14.077  1.270   1.769   1.00 34.09  ? 187 TYR A CG  1 
ATOM   1304 C CD1 . TYR A 1 173 ? 13.804  1.030   3.113   1.00 36.14  ? 187 TYR A CD1 1 
ATOM   1305 C CD2 . TYR A 1 173 ? 14.461  2.560   1.397   1.00 34.32  ? 187 TYR A CD2 1 
ATOM   1306 C CE1 . TYR A 1 173 ? 13.899  2.050   4.064   1.00 35.12  ? 187 TYR A CE1 1 
ATOM   1307 C CE2 . TYR A 1 173 ? 14.562  3.588   2.332   1.00 35.06  ? 187 TYR A CE2 1 
ATOM   1308 C CZ  . TYR A 1 173 ? 14.282  3.333   3.670   1.00 35.54  ? 187 TYR A CZ  1 
ATOM   1309 O OH  . TYR A 1 173 ? 14.369  4.362   4.598   1.00 34.55  ? 187 TYR A OH  1 
ATOM   1310 N N   . GLN A 1 174 ? 14.687  -2.959  -0.025  1.00 32.82  ? 188 GLN A N   1 
ATOM   1311 C CA  . GLN A 1 174 ? 14.270  -4.063  -0.886  1.00 35.71  ? 188 GLN A CA  1 
ATOM   1312 C C   . GLN A 1 174 ? 12.762  -4.221  -0.830  1.00 31.62  ? 188 GLN A C   1 
ATOM   1313 O O   . GLN A 1 174 ? 12.195  -4.327  0.267   1.00 32.04  ? 188 GLN A O   1 
ATOM   1314 C CB  . GLN A 1 174 ? 14.904  -5.382  -0.430  1.00 39.44  ? 188 GLN A CB  1 
ATOM   1315 C CG  . GLN A 1 174 ? 16.412  -5.435  -0.566  1.00 44.34  ? 188 GLN A CG  1 
ATOM   1316 C CD  . GLN A 1 174 ? 16.932  -6.863  -0.547  1.00 51.26  ? 188 GLN A CD  1 
ATOM   1317 O OE1 . GLN A 1 174 ? 16.348  -7.755  0.088   1.00 56.00  ? 188 GLN A OE1 1 
ATOM   1318 N NE2 . GLN A 1 174 ? 18.019  -7.090  -1.261  1.00 56.48  ? 188 GLN A NE2 1 
ATOM   1319 N N   . ILE A 1 175 ? 12.130  -4.262  -2.009  1.00 29.99  ? 189 ILE A N   1 
ATOM   1320 C CA  . ILE A 1 175 ? 10.689  -4.395  -2.135  1.00 30.79  ? 189 ILE A CA  1 
ATOM   1321 C C   . ILE A 1 175 ? 10.375  -5.631  -2.990  1.00 30.36  ? 189 ILE A C   1 
ATOM   1322 O O   . ILE A 1 175 ? 10.850  -5.745  -4.125  1.00 31.66  ? 189 ILE A O   1 
ATOM   1323 C CB  . ILE A 1 175 ? 10.054  -3.149  -2.785  1.00 30.55  ? 189 ILE A CB  1 
ATOM   1324 C CG1 . ILE A 1 175 ? 10.589  -1.882  -2.103  1.00 32.18  ? 189 ILE A CG1 1 
ATOM   1325 C CG2 . ILE A 1 175 ? 8.530   -3.190  -2.654  1.00 31.21  ? 189 ILE A CG2 1 
ATOM   1326 C CD1 . ILE A 1 175 ? 10.086  -0.586  -2.717  1.00 33.19  ? 189 ILE A CD1 1 
ATOM   1327 N N   . LYS A 1 176 ? 9.572   -6.535  -2.454  1.00 32.44  ? 190 LYS A N   1 
ATOM   1328 C CA  . LYS A 1 176 ? 9.338   -7.805  -3.137  1.00 34.24  ? 190 LYS A CA  1 
ATOM   1329 C C   . LYS A 1 176 ? 7.978   -8.366  -2.861  1.00 32.14  ? 190 LYS A C   1 
ATOM   1330 O O   . LYS A 1 176 ? 7.195   -7.794  -2.092  1.00 31.57  ? 190 LYS A O   1 
ATOM   1331 C CB  . LYS A 1 176 ? 10.434  -8.796  -2.752  1.00 40.25  ? 190 LYS A CB  1 
ATOM   1332 C CG  . LYS A 1 176 ? 10.505  -9.115  -1.283  1.00 42.68  ? 190 LYS A CG  1 
ATOM   1333 C CD  . LYS A 1 176 ? 11.861  -9.704  -0.908  1.00 48.89  ? 190 LYS A CD  1 
ATOM   1334 C CE  . LYS A 1 176 ? 11.773  -10.403 0.443   1.00 54.12  ? 190 LYS A CE  1 
ATOM   1335 N NZ  . LYS A 1 176 ? 13.058  -11.031 0.855   1.00 59.09  ? 190 LYS A NZ  1 
ATOM   1336 N N   . GLY A 1 177 ? 7.644   -9.462  -3.552  1.00 31.10  ? 191 GLY A N   1 
ATOM   1337 C CA  . GLY A 1 177 ? 6.423   -10.194 -3.245  1.00 30.63  ? 191 GLY A CA  1 
ATOM   1338 C C   . GLY A 1 177 ? 5.149   -9.436  -3.585  1.00 28.51  ? 191 GLY A C   1 
ATOM   1339 O O   . GLY A 1 177 ? 5.130   -8.639  -4.539  1.00 27.86  ? 191 GLY A O   1 
ATOM   1340 N N   . MET A 1 178 ? 4.101   -9.676  -2.788  1.00 28.58  ? 192 MET A N   1 
ATOM   1341 C CA  . MET A 1 178 ? 2.786   -9.050  -2.976  1.00 29.67  ? 192 MET A CA  1 
ATOM   1342 C C   . MET A 1 178 ? 2.929   -7.515  -2.959  1.00 27.08  ? 192 MET A C   1 
ATOM   1343 O O   . MET A 1 178 ? 2.275   -6.823  -3.710  1.00 25.15  ? 192 MET A O   1 
ATOM   1344 C CB  . MET A 1 178 ? 1.824   -9.488  -1.862  1.00 32.59  ? 192 MET A CB  1 
ATOM   1345 C CG  . MET A 1 178 ? 0.362   -9.035  -2.007  1.00 34.90  ? 192 MET A CG  1 
ATOM   1346 S SD  . MET A 1 178 ? -0.658  -9.171  -0.482  1.00 39.12  ? 192 MET A SD  1 
ATOM   1347 C CE  . MET A 1 178 ? 0.145   -7.963  0.593   1.00 38.89  ? 192 MET A CE  1 
ATOM   1348 N N   . THR A 1 179 ? 3.795   -7.020  -2.090  1.00 25.65  ? 193 THR A N   1 
ATOM   1349 C CA  . THR A 1 179 ? 4.019   -5.568  -1.951  1.00 26.08  ? 193 THR A CA  1 
ATOM   1350 C C   . THR A 1 179 ? 4.525   -4.967  -3.263  1.00 26.24  ? 193 THR A C   1 
ATOM   1351 O O   . THR A 1 179 ? 3.942   -3.996  -3.771  1.00 24.65  ? 193 THR A O   1 
ATOM   1352 C CB  . THR A 1 179 ? 4.962   -5.292  -0.776  1.00 27.08  ? 193 THR A CB  1 
ATOM   1353 O OG1 . THR A 1 179 ? 4.340   -5.772  0.430   1.00 27.05  ? 193 THR A OG1 1 
ATOM   1354 C CG2 . THR A 1 179 ? 5.218   -3.777  -0.647  1.00 28.20  ? 193 THR A CG2 1 
ATOM   1355 N N   . ALA A 1 180 ? 5.552   -5.582  -3.846  1.00 24.30  ? 194 ALA A N   1 
ATOM   1356 C CA  . ALA A 1 180 ? 6.051   -5.146  -5.155  1.00 24.51  ? 194 ALA A CA  1 
ATOM   1357 C C   . ALA A 1 180 ? 5.012   -5.296  -6.253  1.00 25.08  ? 194 ALA A C   1 
ATOM   1358 O O   . ALA A 1 180 ? 4.887   -4.421  -7.103  1.00 24.03  ? 194 ALA A O   1 
ATOM   1359 C CB  . ALA A 1 180 ? 7.327   -5.867  -5.539  1.00 25.58  ? 194 ALA A CB  1 
ATOM   1360 N N   . ASN A 1 181 ? 4.281   -6.410  -6.257  1.00 26.24  ? 195 ASN A N   1 
ATOM   1361 C CA  . ASN A 1 181 ? 3.242   -6.617  -7.269  1.00 27.58  ? 195 ASN A CA  1 
ATOM   1362 C C   . ASN A 1 181 ? 2.164   -5.555  -7.254  1.00 24.98  ? 195 ASN A C   1 
ATOM   1363 O O   . ASN A 1 181 ? 1.783   -5.036  -8.316  1.00 22.66  ? 195 ASN A O   1 
ATOM   1364 C CB  . ASN A 1 181 ? 2.629   -8.026  -7.172  1.00 30.38  ? 195 ASN A CB  1 
ATOM   1365 C CG  . ASN A 1 181 ? 3.490   -9.064  -7.865  1.00 37.40  ? 195 ASN A CG  1 
ATOM   1366 O OD1 . ASN A 1 181 ? 3.092   -9.640  -8.891  1.00 55.92  ? 195 ASN A OD1 1 
ATOM   1367 N ND2 . ASN A 1 181 ? 4.684   -9.248  -7.386  1.00 36.09  ? 195 ASN A ND2 1 
ATOM   1368 N N   . LEU A 1 182 ? 1.672   -5.221  -6.062  1.00 22.90  ? 196 LEU A N   1 
ATOM   1369 C CA  . LEU A 1 182 ? 0.643   -4.203  -5.950  1.00 23.90  ? 196 LEU A CA  1 
ATOM   1370 C C   . LEU A 1 182 ? 1.150   -2.804  -6.329  1.00 23.30  ? 196 LEU A C   1 
ATOM   1371 O O   . LEU A 1 182 ? 0.395   -2.010  -6.897  1.00 23.48  ? 196 LEU A O   1 
ATOM   1372 C CB  . LEU A 1 182 ? 0.003   -4.205  -4.551  1.00 23.74  ? 196 LEU A CB  1 
ATOM   1373 C CG  . LEU A 1 182 ? -0.868  -5.426  -4.203  1.00 25.17  ? 196 LEU A CG  1 
ATOM   1374 C CD1 . LEU A 1 182 ? -1.240  -5.496  -2.723  1.00 25.72  ? 196 LEU A CD1 1 
ATOM   1375 C CD2 . LEU A 1 182 ? -2.117  -5.449  -5.055  1.00 27.77  ? 196 LEU A CD2 1 
ATOM   1376 N N   . ALA A 1 183 ? 2.419   -2.505  -6.023  1.00 23.08  ? 197 ALA A N   1 
ATOM   1377 C CA  . ALA A 1 183 ? 2.996   -1.190  -6.384  1.00 23.55  ? 197 ALA A CA  1 
ATOM   1378 C C   . ALA A 1 183 ? 3.019   -1.022  -7.904  1.00 22.65  ? 197 ALA A C   1 
ATOM   1379 O O   . ALA A 1 183 ? 2.642   0.026   -8.425  1.00 22.25  ? 197 ALA A O   1 
ATOM   1380 C CB  . ALA A 1 183 ? 4.399   -1.017  -5.796  1.00 24.42  ? 197 ALA A CB  1 
ATOM   1381 N N   . VAL A 1 184 ? 3.420   -2.080  -8.607  1.00 22.83  ? 198 VAL A N   1 
ATOM   1382 C CA  . VAL A 1 184 ? 3.412   -2.060  -10.078 1.00 24.33  ? 198 VAL A CA  1 
ATOM   1383 C C   . VAL A 1 184 ? 1.998   -1.893  -10.634 1.00 22.63  ? 198 VAL A C   1 
ATOM   1384 O O   . VAL A 1 184 ? 1.789   -1.092  -11.530 1.00 24.38  ? 198 VAL A O   1 
ATOM   1385 C CB  . VAL A 1 184 ? 4.094   -3.315  -10.666 1.00 25.04  ? 198 VAL A CB  1 
ATOM   1386 C CG1 . VAL A 1 184 ? 3.870   -3.389  -12.177 1.00 26.96  ? 198 VAL A CG1 1 
ATOM   1387 C CG2 . VAL A 1 184 ? 5.579   -3.303  -10.327 1.00 27.26  ? 198 VAL A CG2 1 
ATOM   1388 N N   . LEU A 1 185 ? 1.022   -2.628  -10.093 1.00 23.35  ? 199 LEU A N   1 
ATOM   1389 C CA  . LEU A 1 185 ? -0.361  -2.512  -10.522 1.00 22.15  ? 199 LEU A CA  1 
ATOM   1390 C C   . LEU A 1 185 ? -0.859  -1.058  -10.434 1.00 23.17  ? 199 LEU A C   1 
ATOM   1391 O O   . LEU A 1 185 ? -1.450  -0.541  -11.375 1.00 22.50  ? 199 LEU A O   1 
ATOM   1392 C CB  . LEU A 1 185 ? -1.271  -3.401  -9.668  1.00 24.17  ? 199 LEU A CB  1 
ATOM   1393 C CG  . LEU A 1 185 ? -2.777  -3.349  -9.947  1.00 25.04  ? 199 LEU A CG  1 
ATOM   1394 C CD1 . LEU A 1 185 ? -3.104  -3.670  -11.405 1.00 26.58  ? 199 LEU A CD1 1 
ATOM   1395 C CD2 . LEU A 1 185 ? -3.526  -4.274  -9.005  1.00 27.27  ? 199 LEU A CD2 1 
ATOM   1396 N N   . VAL A 1 186 ? -0.650  -0.431  -9.276  1.00 22.91  ? 200 VAL A N   1 
ATOM   1397 C CA  . VAL A 1 186 ? -1.095  0.952   -9.058  1.00 23.50  ? 200 VAL A CA  1 
ATOM   1398 C C   . VAL A 1 186 ? -0.408  1.911   -10.046 1.00 22.34  ? 200 VAL A C   1 
ATOM   1399 O O   . VAL A 1 186 ? -1.058  2.770   -10.627 1.00 22.31  ? 200 VAL A O   1 
ATOM   1400 C CB  . VAL A 1 186 ? -0.860  1.375   -7.593  1.00 24.89  ? 200 VAL A CB  1 
ATOM   1401 C CG1 . VAL A 1 186 ? -1.100  2.861   -7.414  1.00 26.35  ? 200 VAL A CG1 1 
ATOM   1402 C CG2 . VAL A 1 186 ? -1.814  0.603   -6.693  1.00 25.34  ? 200 VAL A CG2 1 
ATOM   1403 N N   . ALA A 1 187 ? 0.893   1.738   -10.238 1.00 22.69  ? 201 ALA A N   1 
ATOM   1404 C CA  . ALA A 1 187 ? 1.655   2.537   -11.204 1.00 23.46  ? 201 ALA A CA  1 
ATOM   1405 C C   . ALA A 1 187 ? 1.094   2.405   -12.629 1.00 24.30  ? 201 ALA A C   1 
ATOM   1406 O O   . ALA A 1 187 ? 0.924   3.415   -13.315 1.00 24.76  ? 201 ALA A O   1 
ATOM   1407 C CB  . ALA A 1 187 ? 3.116   2.153   -11.175 1.00 23.76  ? 201 ALA A CB  1 
ATOM   1408 N N   . PHE A 1 188 ? 0.827   1.176   -13.078 1.00 24.02  ? 202 PHE A N   1 
ATOM   1409 C CA  . PHE A 1 188 ? 0.212   0.978   -14.408 1.00 25.06  ? 202 PHE A CA  1 
ATOM   1410 C C   . PHE A 1 188 ? -1.139  1.685   -14.515 1.00 24.97  ? 202 PHE A C   1 
ATOM   1411 O O   . PHE A 1 188 ? -1.417  2.370   -15.503 1.00 22.91  ? 202 PHE A O   1 
ATOM   1412 C CB  . PHE A 1 188 ? -0.014  -0.501  -14.745 1.00 25.42  ? 202 PHE A CB  1 
ATOM   1413 C CG  . PHE A 1 188 ? 1.236   -1.314  -15.071 1.00 27.86  ? 202 PHE A CG  1 
ATOM   1414 C CD1 . PHE A 1 188 ? 2.493   -0.749  -15.277 1.00 28.58  ? 202 PHE A CD1 1 
ATOM   1415 C CD2 . PHE A 1 188 ? 1.116   -2.705  -15.214 1.00 29.65  ? 202 PHE A CD2 1 
ATOM   1416 C CE1 . PHE A 1 188 ? 3.597   -1.532  -15.591 1.00 29.47  ? 202 PHE A CE1 1 
ATOM   1417 C CE2 . PHE A 1 188 ? 2.224   -3.493  -15.546 1.00 29.66  ? 202 PHE A CE2 1 
ATOM   1418 C CZ  . PHE A 1 188 ? 3.465   -2.905  -15.739 1.00 30.67  ? 202 PHE A CZ  1 
ATOM   1419 N N   . ILE A 1 189 ? -2.003  1.507   -13.503 1.00 23.32  ? 203 ILE A N   1 
ATOM   1420 C CA  . ILE A 1 189 ? -3.345  2.060   -13.556 1.00 22.66  ? 203 ILE A CA  1 
ATOM   1421 C C   . ILE A 1 189 ? -3.296  3.577   -13.714 1.00 22.81  ? 203 ILE A C   1 
ATOM   1422 O O   . ILE A 1 189 ? -4.005  4.140   -14.552 1.00 24.33  ? 203 ILE A O   1 
ATOM   1423 C CB  . ILE A 1 189 ? -4.178  1.677   -12.291 1.00 21.65  ? 203 ILE A CB  1 
ATOM   1424 C CG1 . ILE A 1 189 ? -4.570  0.181   -12.336 1.00 22.69  ? 203 ILE A CG1 1 
ATOM   1425 C CG2 . ILE A 1 189 ? -5.421  2.551   -12.160 1.00 21.44  ? 203 ILE A CG2 1 
ATOM   1426 C CD1 . ILE A 1 189 ? -5.159  -0.368  -11.034 1.00 23.48  ? 203 ILE A CD1 1 
ATOM   1427 N N   . ILE A 1 190 ? -2.452  4.228   -12.915 1.00 22.73  ? 204 ILE A N   1 
ATOM   1428 C CA  . ILE A 1 190 ? -2.451  5.690   -12.835 1.00 24.07  ? 204 ILE A CA  1 
ATOM   1429 C C   . ILE A 1 190 ? -1.618  6.350   -13.949 1.00 24.01  ? 204 ILE A C   1 
ATOM   1430 O O   . ILE A 1 190 ? -2.007  7.401   -14.441 1.00 24.73  ? 204 ILE A O   1 
ATOM   1431 C CB  . ILE A 1 190 ? -1.989  6.177   -11.448 1.00 25.53  ? 204 ILE A CB  1 
ATOM   1432 C CG1 . ILE A 1 190 ? -3.016  5.720   -10.394 1.00 25.54  ? 204 ILE A CG1 1 
ATOM   1433 C CG2 . ILE A 1 190 ? -1.812  7.698   -11.424 1.00 28.12  ? 204 ILE A CG2 1 
ATOM   1434 C CD1 . ILE A 1 190 ? -2.593  5.993   -8.979  1.00 27.20  ? 204 ILE A CD1 1 
ATOM   1435 N N   . LEU A 1 191 ? -0.513  5.743   -14.336 1.00 23.78  ? 205 LEU A N   1 
ATOM   1436 C CA  . LEU A 1 191 ? 0.453   6.428   -15.217 1.00 25.00  ? 205 LEU A CA  1 
ATOM   1437 C C   . LEU A 1 191 ? 0.476   5.955   -16.667 1.00 28.04  ? 205 LEU A C   1 
ATOM   1438 O O   . LEU A 1 191 ? 1.136   6.608   -17.494 1.00 27.47  ? 205 LEU A O   1 
ATOM   1439 C CB  . LEU A 1 191 ? 1.847   6.317   -14.642 1.00 25.74  ? 205 LEU A CB  1 
ATOM   1440 C CG  . LEU A 1 191 ? 2.042   6.844   -13.217 1.00 27.12  ? 205 LEU A CG  1 
ATOM   1441 C CD1 . LEU A 1 191 ? 3.438   6.463   -12.779 1.00 26.74  ? 205 LEU A CD1 1 
ATOM   1442 C CD2 . LEU A 1 191 ? 1.807   8.343   -13.136 1.00 29.11  ? 205 LEU A CD2 1 
ATOM   1443 N N   . GLU A 1 192 ? -0.168  4.826   -16.994 1.00 27.60  ? 206 GLU A N   1 
ATOM   1444 C CA  . GLU A 1 192 ? -0.172  4.372   -18.413 1.00 31.05  ? 206 GLU A CA  1 
ATOM   1445 C C   . GLU A 1 192 ? -0.844  5.385   -19.333 1.00 31.25  ? 206 GLU A C   1 
ATOM   1446 O O   . GLU A 1 192 ? -1.822  6.050   -18.959 1.00 31.80  ? 206 GLU A O   1 
ATOM   1447 C CB  . GLU A 1 192 ? -0.831  2.995   -18.588 1.00 33.50  ? 206 GLU A CB  1 
ATOM   1448 C CG  . GLU A 1 192 ? -2.350  2.995   -18.478 1.00 36.49  ? 206 GLU A CG  1 
ATOM   1449 C CD  . GLU A 1 192 ? -2.999  1.661   -18.855 1.00 43.18  ? 206 GLU A CD  1 
ATOM   1450 O OE1 . GLU A 1 192 ? -2.370  0.855   -19.579 1.00 42.96  ? 206 GLU A OE1 1 
ATOM   1451 O OE2 . GLU A 1 192 ? -4.153  1.447   -18.419 1.00 48.72  ? 206 GLU A OE2 1 
ATOM   1452 N N   . LYS A 1 193 ? -0.306  5.519   -20.546 1.00 36.13  ? 207 LYS A N   1 
ATOM   1453 C CA  . LYS A 1 193 ? -0.918  6.361   -21.580 1.00 38.46  ? 207 LYS A CA  1 
ATOM   1454 C C   . LYS A 1 193 ? -1.288  7.751   -21.118 1.00 39.49  ? 207 LYS A C   1 
ATOM   1455 O O   . LYS A 1 193 ? -2.472  8.110   -21.094 1.00 41.17  ? 207 LYS A O   1 
ATOM   1456 C CB  . LYS A 1 193 ? -2.147  5.677   -22.175 1.00 45.28  ? 207 LYS A CB  1 
ATOM   1457 C CG  . LYS A 1 193 ? -1.875  4.288   -22.734 1.00 50.21  ? 207 LYS A CG  1 
ATOM   1458 C CD  . LYS A 1 193 ? -3.189  3.664   -23.197 1.00 57.42  ? 207 LYS A CD  1 
ATOM   1459 C CE  . LYS A 1 193 ? -3.168  2.141   -23.162 1.00 61.75  ? 207 LYS A CE  1 
ATOM   1460 N NZ  . LYS A 1 193 ? -4.560  1.612   -23.035 1.00 65.98  ? 207 LYS A NZ  1 
ATOM   1461 N N   . LYS A 1 194 ? -0.277  8.530   -20.743 1.00 41.60  ? 208 LYS A N   1 
ATOM   1462 C CA  . LYS A 1 194 ? -0.477  9.938   -20.384 1.00 50.30  ? 208 LYS A CA  1 
ATOM   1463 C C   . LYS A 1 194 ? 0.421   10.840  -21.228 1.00 51.50  ? 208 LYS A C   1 
ATOM   1464 O O   . LYS A 1 194 ? 1.617   10.558  -21.370 1.00 44.65  ? 208 LYS A O   1 
ATOM   1465 C CB  . LYS A 1 194 ? -0.217  10.189  -18.894 1.00 53.42  ? 208 LYS A CB  1 
ATOM   1466 C CG  . LYS A 1 194 ? -1.391  9.814   -17.991 1.00 59.20  ? 208 LYS A CG  1 
ATOM   1467 C CD  . LYS A 1 194 ? -1.631  10.847  -16.897 1.00 64.62  ? 208 LYS A CD  1 
ATOM   1468 C CE  . LYS A 1 194 ? -0.430  10.981  -15.979 1.00 66.90  ? 208 LYS A CE  1 
ATOM   1469 N NZ  . LYS A 1 194 ? -0.825  11.655  -14.716 1.00 71.64  ? 208 LYS A NZ  1 
ATOM   1470 N N   . PRO A 1 195 ? -0.155  11.925  -21.792 1.00 58.18  ? 209 PRO A N   1 
ATOM   1471 C CA  . PRO A 1 195 ? 0.673   12.940  -22.453 1.00 61.47  ? 209 PRO A CA  1 
ATOM   1472 C C   . PRO A 1 195 ? 1.650   13.620  -21.487 1.00 63.30  ? 209 PRO A C   1 
ATOM   1473 O O   . PRO A 1 195 ? 1.360   13.717  -20.292 1.00 65.91  ? 209 PRO A O   1 
ATOM   1474 C CB  . PRO A 1 195 ? -0.352  13.962  -22.971 1.00 62.04  ? 209 PRO A CB  1 
ATOM   1475 C CG  . PRO A 1 195 ? -1.651  13.238  -23.026 1.00 62.16  ? 209 PRO A CG  1 
ATOM   1476 C CD  . PRO A 1 195 ? -1.600  12.212  -21.937 1.00 60.73  ? 209 PRO A CD  1 
ATOM   1477 N N   . THR A 1 196 ? 2.792   14.066  -22.008 1.00 67.02  ? 210 THR A N   1 
ATOM   1478 C CA  . THR A 1 196 ? 3.750   14.877  -21.249 1.00 71.38  ? 210 THR A CA  1 
ATOM   1479 C C   . THR A 1 196 ? 3.439   16.367  -21.431 1.00 75.29  ? 210 THR A C   1 
ATOM   1480 O O   . THR A 1 196 ? 3.435   17.142  -20.470 1.00 78.05  ? 210 THR A O   1 
ATOM   1481 C CB  . THR A 1 196 ? 5.195   14.606  -21.707 1.00 72.79  ? 210 THR A CB  1 
ATOM   1482 O OG1 . THR A 1 196 ? 5.303   14.824  -23.118 1.00 74.58  ? 210 THR A OG1 1 
ATOM   1483 C CG2 . THR A 1 196 ? 5.589   13.176  -21.391 1.00 74.17  ? 210 THR A CG2 1 
HETATM 1484 C C   . ACT B 2 .   ? 14.519  -3.835  3.734   1.00 58.71  ? 301 ACT A C   1 
HETATM 1485 O O   . ACT B 2 .   ? 14.035  -2.993  4.540   1.00 57.90  ? 301 ACT A O   1 
HETATM 1486 O OXT . ACT B 2 .   ? 15.174  -3.493  2.727   1.00 48.72  ? 301 ACT A OXT 1 
HETATM 1487 C CH3 . ACT B 2 .   ? 14.319  -5.308  3.974   1.00 57.67  ? 301 ACT A CH3 1 
HETATM 1488 C C   . ACT C 2 .   ? -12.072 11.835  3.512   1.00 64.84  ? 302 ACT A C   1 
HETATM 1489 O O   . ACT C 2 .   ? -12.333 11.214  4.561   1.00 73.33  ? 302 ACT A O   1 
HETATM 1490 O OXT . ACT C 2 .   ? -11.053 12.546  3.415   1.00 66.24  ? 302 ACT A OXT 1 
HETATM 1491 C CH3 . ACT C 2 .   ? -13.008 11.717  2.352   1.00 65.13  ? 302 ACT A CH3 1 
HETATM 1492 S S   . DMS D 3 .   ? -0.421  13.245  12.085  1.00 65.19  ? 303 DMS A S   1 
HETATM 1493 O O   . DMS D 3 .   ? -0.243  13.952  10.766  1.00 42.20  ? 303 DMS A O   1 
HETATM 1494 C C1  . DMS D 3 .   ? -2.042  12.822  12.445  1.00 59.27  ? 303 DMS A C1  1 
HETATM 1495 C C2  . DMS D 3 .   ? 0.263   11.669  12.139  1.00 59.61  ? 303 DMS A C2  1 
HETATM 1496 S S   . DMS E 3 .   ? -5.416  17.672  0.569   1.00 60.30  ? 304 DMS A S   1 
HETATM 1497 O O   . DMS E 3 .   ? -4.036  17.123  0.485   1.00 42.64  ? 304 DMS A O   1 
HETATM 1498 C C1  . DMS E 3 .   ? -5.526  19.262  -0.049  1.00 56.37  ? 304 DMS A C1  1 
HETATM 1499 C C2  . DMS E 3 .   ? -6.364  16.918  -0.639  1.00 61.50  ? 304 DMS A C2  1 
HETATM 1500 N N1  . H3V F 4 .   ? 1.666   -4.112  7.610   0.48 33.31  ? 305 H3V A N1  1 
HETATM 1501 C C4  . H3V F 4 .   ? 2.552   -4.246  9.942   0.48 33.06  ? 305 H3V A C4  1 
HETATM 1502 C C5  . H3V F 4 .   ? 3.558   -3.631  10.585  0.48 32.50  ? 305 H3V A C5  1 
HETATM 1503 C C6  . H3V F 4 .   ? -0.051  -6.895  5.826   0.48 37.96  ? 305 H3V A C6  1 
HETATM 1504 C C7  . H3V F 4 .   ? 0.299   -7.495  4.625   0.48 39.51  ? 305 H3V A C7  1 
HETATM 1505 C C8  . H3V F 4 .   ? -0.087  -8.796  4.348   0.48 40.48  ? 305 H3V A C8  1 
HETATM 1506 C C10 . H3V F 4 .   ? -1.175  -8.925  6.459   0.48 41.86  ? 305 H3V A C10 1 
HETATM 1507 C C1  . H3V F 4 .   ? 0.360   -5.477  6.120   0.48 34.45  ? 305 H3V A C1  1 
HETATM 1508 C C2  . H3V F 4 .   ? 1.151   -5.346  7.402   0.48 36.54  ? 305 H3V A C2  1 
HETATM 1509 C C3  . H3V F 4 .   ? 2.537   -3.752  8.635   0.48 33.65  ? 305 H3V A C3  1 
HETATM 1510 O O1  . H3V F 4 .   ? 4.142   -2.786  9.710   0.48 35.17  ? 305 H3V A O1  1 
HETATM 1511 N N2  . H3V F 4 .   ? 3.466   -2.856  8.465   0.48 30.66  ? 305 H3V A N2  1 
HETATM 1512 O O2  . H3V F 4 .   ? 1.300   -6.281  8.188   0.48 37.93  ? 305 H3V A O2  1 
HETATM 1513 C C9  . H3V F 4 .   ? -0.820  -9.508  5.266   0.48 40.57  ? 305 H3V A C9  1 
HETATM 1514 C C11 . H3V F 4 .   ? -0.795  -7.622  6.740   0.48 39.05  ? 305 H3V A C11 1 
HETATM 1515 O O   . HOH G 5 .   ? -18.459 -11.538 -1.591  1.00 34.79  ? 401 HOH A O   1 
HETATM 1516 O O   . HOH G 5 .   ? 2.112   6.375   15.786  1.00 54.06  ? 402 HOH A O   1 
HETATM 1517 O O   . HOH G 5 .   ? 9.292   -10.464 -5.753  1.00 46.28  ? 403 HOH A O   1 
HETATM 1518 O O   . HOH G 5 .   ? -7.372  18.643  3.638   1.00 44.24  ? 404 HOH A O   1 
HETATM 1519 O O   . HOH G 5 .   ? -10.435 -11.664 11.492  1.00 61.25  ? 405 HOH A O   1 
HETATM 1520 O O   . HOH G 5 .   ? -20.661 -10.110 -1.811  1.00 152.74 ? 406 HOH A O   1 
HETATM 1521 O O   . HOH G 5 .   ? -0.413  0.417   -21.171 1.00 45.59  ? 407 HOH A O   1 
HETATM 1522 O O   . HOH G 5 .   ? -9.203  -19.723 -1.786  1.00 31.36  ? 408 HOH A O   1 
HETATM 1523 O O   . HOH G 5 .   ? 2.428   -8.880  -11.262 1.00 40.34  ? 409 HOH A O   1 
HETATM 1524 O O   . HOH G 5 .   ? 6.640   -10.879 -6.956  1.00 46.33  ? 410 HOH A O   1 
HETATM 1525 O O   . HOH G 5 .   ? -2.473  11.681  -12.051 1.00 35.50  ? 411 HOH A O   1 
HETATM 1526 O O   . HOH G 5 .   ? -7.699  -24.796 3.566   1.00 49.51  ? 412 HOH A O   1 
HETATM 1527 O O   . HOH G 5 .   ? -6.925  18.493  -7.660  1.00 42.94  ? 413 HOH A O   1 
HETATM 1528 O O   . HOH G 5 .   ? -2.393  13.753  -14.566 1.00 48.75  ? 414 HOH A O   1 
HETATM 1529 O O   . HOH G 5 .   ? -10.193 -15.538 10.946  1.00 45.25  ? 415 HOH A O   1 
HETATM 1530 O O   . HOH G 5 .   ? 9.589   -12.605 -8.669  1.00 64.35  ? 416 HOH A O   1 
HETATM 1531 O O   . HOH G 5 .   ? -14.740 -14.771 7.264   1.00 35.91  ? 417 HOH A O   1 
HETATM 1532 O O   . HOH G 5 .   ? 10.826  -0.833  15.551  1.00 48.89  ? 418 HOH A O   1 
HETATM 1533 O O   . HOH G 5 .   ? 8.732   -6.480  0.539   1.00 31.41  ? 419 HOH A O   1 
HETATM 1534 O O   . HOH G 5 .   ? -13.721 6.765   -13.538 1.00 39.63  ? 420 HOH A O   1 
HETATM 1535 O O   . HOH G 5 .   ? -11.900 12.298  -10.587 1.00 42.31  ? 421 HOH A O   1 
HETATM 1536 O O   . HOH G 5 .   ? 13.347  4.358   -12.086 1.00 47.99  ? 422 HOH A O   1 
HETATM 1537 O O   . HOH G 5 .   ? 9.740   5.911   -14.539 1.00 48.07  ? 423 HOH A O   1 
HETATM 1538 O O   . HOH G 5 .   ? -2.351  10.107  14.945  1.00 47.75  ? 424 HOH A O   1 
HETATM 1539 O O   . HOH G 5 .   ? 4.606   1.646   20.812  1.00 52.58  ? 425 HOH A O   1 
HETATM 1540 O O   . HOH G 5 .   ? 13.494  -1.599  -15.121 1.00 58.38  ? 426 HOH A O   1 
HETATM 1541 O O   . HOH G 5 .   ? -12.827 0.024   15.118  1.00 40.97  ? 427 HOH A O   1 
HETATM 1542 O O   . HOH G 5 .   ? 11.328  -6.216  2.004   1.00 39.74  ? 428 HOH A O   1 
HETATM 1543 O O   . HOH G 5 .   ? 15.221  6.884   3.971   1.00 38.50  ? 429 HOH A O   1 
HETATM 1544 O O   . HOH G 5 .   ? -6.382  -6.629  13.895  1.00 46.81  ? 430 HOH A O   1 
HETATM 1545 O O   . HOH G 5 .   ? -5.046  19.377  5.611   1.00 32.94  ? 431 HOH A O   1 
HETATM 1546 O O   . HOH G 5 .   ? -12.740 -0.082  12.465  1.00 35.09  ? 432 HOH A O   1 
HETATM 1547 O O   . HOH G 5 .   ? 16.840  -3.861  -13.382 1.00 53.82  ? 433 HOH A O   1 
HETATM 1548 O O   . HOH G 5 .   ? -14.254 6.607   -5.433  1.00 51.52  ? 434 HOH A O   1 
HETATM 1549 O O   . HOH G 5 .   ? 4.993   -8.422  0.359   1.00 33.87  ? 435 HOH A O   1 
HETATM 1550 O O   . HOH G 5 .   ? -10.008 -2.913  17.775  1.00 38.47  ? 436 HOH A O   1 
HETATM 1551 O O   . HOH G 5 .   ? -5.602  -15.567 9.857   1.00 66.67  ? 437 HOH A O   1 
HETATM 1552 O O   . HOH G 5 .   ? -10.179 -7.633  5.251   1.00 31.96  ? 438 HOH A O   1 
HETATM 1553 O O   . HOH G 5 .   ? -6.550  5.609   9.242   1.00 37.56  ? 439 HOH A O   1 
HETATM 1554 O O   . HOH G 5 .   ? 9.958   3.236   14.654  1.00 38.78  ? 440 HOH A O   1 
HETATM 1555 O O   . HOH G 5 .   ? 2.122   13.792  3.681   1.00 59.60  ? 441 HOH A O   1 
HETATM 1556 O O   . HOH G 5 .   ? 18.321  9.231   7.005   1.00 39.32  ? 442 HOH A O   1 
HETATM 1557 O O   . HOH G 5 .   ? -0.764  -8.734  9.761   1.00 69.94  ? 443 HOH A O   1 
HETATM 1558 O O   . HOH G 5 .   ? -19.589 -8.318  3.327   1.00 81.87  ? 444 HOH A O   1 
HETATM 1559 O O   . HOH G 5 .   ? -17.378 -8.109  4.670   1.00 59.60  ? 445 HOH A O   1 
HETATM 1560 O O   . HOH G 5 .   ? 12.446  7.152   0.370   1.00 58.92  ? 446 HOH A O   1 
HETATM 1561 O O   . HOH G 5 .   ? -20.572 -10.952 -5.089  1.00 40.48  ? 447 HOH A O   1 
HETATM 1562 O O   . HOH G 5 .   ? -2.356  18.669  -11.688 1.00 46.57  ? 448 HOH A O   1 
HETATM 1563 O O   . HOH G 5 .   ? -3.571  9.612   -13.872 1.00 34.25  ? 449 HOH A O   1 
HETATM 1564 O O   . HOH G 5 .   ? -15.477 2.012   6.473   1.00 45.16  ? 450 HOH A O   1 
HETATM 1565 O O   . HOH G 5 .   ? -11.534 1.895   10.941  1.00 32.90  ? 451 HOH A O   1 
HETATM 1566 O O   . HOH G 5 .   ? 18.704  1.194   -5.936  1.00 52.29  ? 452 HOH A O   1 
HETATM 1567 O O   . HOH G 5 .   ? -15.863 -6.956  11.363  1.00 33.51  ? 453 HOH A O   1 
HETATM 1568 O O   . HOH G 5 .   ? -0.647  14.184  -0.724  1.00 38.09  ? 454 HOH A O   1 
HETATM 1569 O O   . HOH G 5 .   ? -5.582  2.915   -16.540 1.00 31.33  ? 455 HOH A O   1 
HETATM 1570 O O   . HOH G 5 .   ? -10.230 -9.335  3.112   1.00 26.75  ? 456 HOH A O   1 
HETATM 1571 O O   . HOH G 5 .   ? 8.298   7.372   15.695  1.00 40.26  ? 457 HOH A O   1 
HETATM 1572 O O   . HOH G 5 .   ? -8.577  13.682  -0.591  1.00 38.93  ? 458 HOH A O   1 
HETATM 1573 O O   . HOH G 5 .   ? 5.064   11.116  6.462   1.00 47.91  ? 459 HOH A O   1 
HETATM 1574 O O   . HOH G 5 .   ? 15.090  1.401   7.684   1.00 50.07  ? 460 HOH A O   1 
HETATM 1575 O O   . HOH G 5 .   ? -7.001  12.901  1.482   1.00 37.26  ? 461 HOH A O   1 
HETATM 1576 O O   . HOH G 5 .   ? 7.407   -2.468  -14.399 1.00 37.18  ? 462 HOH A O   1 
HETATM 1577 O O   . HOH G 5 .   ? 2.525   9.011   -16.987 1.00 36.72  ? 463 HOH A O   1 
HETATM 1578 O O   . HOH G 5 .   ? 12.771  -2.930  14.698  1.00 48.08  ? 464 HOH A O   1 
HETATM 1579 O O   . HOH G 5 .   ? 3.437   10.370  -19.210 1.00 39.26  ? 465 HOH A O   1 
HETATM 1580 O O   . HOH G 5 .   ? -14.497 -7.177  -2.514  1.00 39.78  ? 466 HOH A O   1 
HETATM 1581 O O   . HOH G 5 .   ? -14.595 -0.229  -15.369 1.00 48.00  ? 467 HOH A O   1 
HETATM 1582 O O   . HOH G 5 .   ? 3.108   10.162  -23.747 1.00 35.93  ? 468 HOH A O   1 
HETATM 1583 O O   . HOH G 5 .   ? -11.545 8.003   5.733   1.00 40.23  ? 469 HOH A O   1 
HETATM 1584 O O   . HOH G 5 .   ? -4.564  17.545  -8.511  1.00 38.80  ? 470 HOH A O   1 
HETATM 1585 O O   . HOH G 5 .   ? 0.284   11.699  -12.086 1.00 48.20  ? 471 HOH A O   1 
HETATM 1586 O O   . HOH G 5 .   ? -13.937 -12.279 1.985   1.00 27.88  ? 472 HOH A O   1 
HETATM 1587 O O   . HOH G 5 .   ? -8.830  -9.929  14.720  1.00 44.82  ? 473 HOH A O   1 
HETATM 1588 O O   . HOH G 5 .   ? 13.427  -0.229  -17.329 1.00 56.58  ? 474 HOH A O   1 
HETATM 1589 O O   . HOH G 5 .   ? -12.366 7.548   2.873   1.00 40.88  ? 475 HOH A O   1 
HETATM 1590 O O   . HOH G 5 .   ? 8.501   10.388  -10.285 1.00 47.94  ? 476 HOH A O   1 
HETATM 1591 O O   . HOH G 5 .   ? -14.448 -0.028  -2.878  1.00 51.69  ? 477 HOH A O   1 
HETATM 1592 O O   . HOH G 5 .   ? -6.470  2.365   15.254  1.00 40.93  ? 478 HOH A O   1 
HETATM 1593 O O   . HOH G 5 .   ? -4.878  -14.104 -5.816  1.00 39.87  ? 479 HOH A O   1 
HETATM 1594 O O   . HOH G 5 .   ? -8.148  10.039  -15.650 1.00 47.54  ? 480 HOH A O   1 
HETATM 1595 O O   . HOH G 5 .   ? 13.618  8.800   -6.491  1.00 44.62  ? 481 HOH A O   1 
HETATM 1596 O O   . HOH G 5 .   ? -19.175 -1.451  2.911   1.00 61.46  ? 482 HOH A O   1 
HETATM 1597 O O   . HOH G 5 .   ? 2.840   11.199  -10.681 1.00 34.16  ? 483 HOH A O   1 
HETATM 1598 O O   . HOH G 5 .   ? -11.293 -13.147 9.362   1.00 35.98  ? 484 HOH A O   1 
HETATM 1599 O O   . HOH G 5 .   ? 5.836   9.354   -9.722  1.00 28.79  ? 485 HOH A O   1 
HETATM 1600 O O   . HOH G 5 .   ? 21.362  1.260   2.530   1.00 41.97  ? 486 HOH A O   1 
HETATM 1601 O O   . HOH G 5 .   ? -14.601 -21.201 5.679   1.00 54.01  ? 487 HOH A O   1 
HETATM 1602 O O   . HOH G 5 .   ? -3.962  16.505  8.016   1.00 40.90  ? 488 HOH A O   1 
HETATM 1603 O O   . HOH G 5 .   ? 10.742  8.854   2.436   1.00 34.52  ? 489 HOH A O   1 
HETATM 1604 O O   . HOH G 5 .   ? -11.671 -20.402 4.928   1.00 52.51  ? 490 HOH A O   1 
HETATM 1605 O O   . HOH G 5 .   ? -13.023 -7.683  -0.053  1.00 50.54  ? 491 HOH A O   1 
HETATM 1606 O O   . HOH G 5 .   ? -16.165 -5.137  3.149   1.00 37.26  ? 492 HOH A O   1 
HETATM 1607 O O   . HOH G 5 .   ? -2.949  -7.833  12.163  1.00 39.04  ? 493 HOH A O   1 
HETATM 1608 O O   . HOH G 5 .   ? 4.593   -11.714 -0.691  1.00 40.68  ? 494 HOH A O   1 
HETATM 1609 O O   . HOH G 5 .   ? -0.892  -19.584 -1.512  1.00 55.70  ? 495 HOH A O   1 
HETATM 1610 O O   . HOH G 5 .   ? -14.930 -1.866  2.431   1.00 37.47  ? 496 HOH A O   1 
HETATM 1611 O O   . HOH G 5 .   ? 14.033  10.826  3.550   1.00 38.92  ? 497 HOH A O   1 
HETATM 1612 O O   . HOH G 5 .   ? 4.691   -10.840 16.618  1.00 67.38  ? 498 HOH A O   1 
HETATM 1613 O O   . HOH G 5 .   ? -9.900  7.680   14.772  1.00 64.58  ? 499 HOH A O   1 
HETATM 1614 O O   . HOH G 5 .   ? -7.688  14.180  3.600   1.00 51.39  ? 500 HOH A O   1 
HETATM 1615 O O   . HOH G 5 .   ? 5.750   -7.578  3.615   1.00 63.40  ? 501 HOH A O   1 
HETATM 1616 O O   . HOH G 5 .   ? -9.954  -23.186 2.871   1.00 43.24  ? 502 HOH A O   1 
HETATM 1617 O O   . HOH G 5 .   ? 1.000   22.913  4.039   1.00 51.48  ? 503 HOH A O   1 
HETATM 1618 O O   . HOH G 5 .   ? 18.356  -3.148  1.442   1.00 62.25  ? 504 HOH A O   1 
HETATM 1619 O O   . HOH G 5 .   ? -0.339  5.201   16.411  1.00 49.88  ? 505 HOH A O   1 
HETATM 1620 O O   . HOH G 5 .   ? -16.676 -13.259 5.681   1.00 56.21  ? 506 HOH A O   1 
HETATM 1621 O O   . HOH G 5 .   ? 16.713  3.756   -6.805  1.00 43.77  ? 507 HOH A O   1 
HETATM 1622 O O   . HOH G 5 .   ? -10.143 3.790   12.177  1.00 52.86  ? 508 HOH A O   1 
HETATM 1623 O O   . HOH G 5 .   ? 10.779  12.048  -4.899  1.00 61.61  ? 509 HOH A O   1 
HETATM 1624 O O   . HOH G 5 .   ? 2.360   18.608  8.888   1.00 69.43  ? 510 HOH A O   1 
HETATM 1625 O O   . HOH G 5 .   ? 7.502   -9.076  1.025   1.00 47.96  ? 511 HOH A O   1 
HETATM 1626 O O   . HOH G 5 .   ? -9.041  11.277  14.776  1.00 64.81  ? 512 HOH A O   1 
HETATM 1627 O O   . HOH G 5 .   ? 4.016   -10.877 13.357  1.00 70.17  ? 513 HOH A O   1 
HETATM 1628 O O   . HOH G 5 .   ? -18.851 -5.898  5.781   1.00 56.01  ? 514 HOH A O   1 
HETATM 1629 O O   . HOH G 5 .   ? -10.235 11.553  12.054  1.00 54.85  ? 515 HOH A O   1 
HETATM 1630 O O   . HOH G 5 .   ? 2.058   20.479  3.000   1.00 53.83  ? 516 HOH A O   1 
HETATM 1631 O O   . HOH G 5 .   ? -4.553  3.563   16.836  1.00 53.34  ? 517 HOH A O   1 
HETATM 1632 O O   . HOH G 5 .   ? 13.193  -8.129  2.376   1.00 66.53  ? 518 HOH A O   1 
HETATM 1633 O O   . HOH G 5 .   ? 6.918   -1.416  -17.084 1.00 50.30  ? 519 HOH A O   1 
HETATM 1634 O O   . HOH G 5 .   ? -14.502 9.070   -11.944 1.00 62.94  ? 520 HOH A O   1 
HETATM 1635 O O   . HOH G 5 .   ? -9.080  3.507   14.551  1.00 60.61  ? 521 HOH A O   1 
HETATM 1636 O O   . HOH G 5 .   ? -7.012  -2.497  17.285  1.00 54.18  ? 522 HOH A O   1 
HETATM 1637 O O   . HOH G 5 .   ? -16.924 -10.850 6.160   1.00 63.81  ? 523 HOH A O   1 
HETATM 1638 O O   . HOH G 5 .   ? 5.420   13.332  -26.103 1.00 47.27  ? 524 HOH A O   1 
HETATM 1639 O O   . HOH G 5 .   ? -13.579 -10.515 13.004  1.00 49.75  ? 525 HOH A O   1 
HETATM 1640 O O   . HOH G 5 .   ? 10.916  5.312   13.236  1.00 41.97  ? 526 HOH A O   1 
HETATM 1641 O O   . HOH G 5 .   ? -14.926 -4.130  0.203   1.00 52.51  ? 527 HOH A O   1 
HETATM 1642 O O   . HOH G 5 .   ? -9.707  1.070   -17.670 1.00 47.64  ? 528 HOH A O   1 
HETATM 1643 O O   . HOH G 5 .   ? 12.675  11.470  -6.493  1.00 50.23  ? 529 HOH A O   1 
HETATM 1644 O O   . HOH G 5 .   ? 3.138   12.525  -25.145 1.00 49.94  ? 530 HOH A O   1 
HETATM 1645 O O   . HOH G 5 .   ? 18.693  14.974  -3.314  1.00 59.60  ? 531 HOH A O   1 
HETATM 1646 O O   . HOH G 5 .   ? -5.027  10.461  -16.075 1.00 59.72  ? 532 HOH A O   1 
HETATM 1647 O O   . HOH G 5 .   ? 12.461  -0.441  -20.145 1.00 69.00  ? 533 HOH A O   1 
HETATM 1648 O O   . HOH G 5 .   ? 0.997   -11.666 3.535   1.00 88.90  ? 534 HOH A O   1 
HETATM 1649 O O   . HOH G 5 .   ? -15.320 4.570   -13.101 1.00 56.57  ? 535 HOH A O   1 
HETATM 1650 O O   . HOH G 5 .   ? -3.766  -17.844 -5.924  1.00 44.13  ? 536 HOH A O   1 
HETATM 1651 O O   . HOH G 5 .   ? -13.938 -12.946 8.945   1.00 55.90  ? 537 HOH A O   1 
HETATM 1652 O O   . HOH G 5 .   ? 9.114   -12.630 -2.221  1.00 59.59  ? 538 HOH A O   1 
HETATM 1653 O O   . HOH G 5 .   ? -9.978  7.945   -16.484 1.00 50.94  ? 539 HOH A O   1 
HETATM 1654 O O   . HOH G 5 .   ? 23.194  10.237  -0.999  1.00 54.06  ? 540 HOH A O   1 
HETATM 1655 O O   . HOH G 5 .   ? -0.651  -13.881 7.703   1.00 61.01  ? 541 HOH A O   1 
HETATM 1656 O O   . HOH G 5 .   ? -0.313  -12.959 5.384   1.00 71.35  ? 542 HOH A O   1 
HETATM 1657 O O   . HOH G 5 .   ? -20.602 0.163   6.233   1.00 62.59  ? 543 HOH A O   1 
HETATM 1658 O O   . HOH G 5 .   ? -11.141 17.431  8.071   1.00 46.03  ? 544 HOH A O   1 
HETATM 1659 O O   . HOH G 5 .   ? 10.899  8.678   -10.348 1.00 50.33  ? 545 HOH A O   1 
HETATM 1660 O O   . HOH G 5 .   ? -13.725 1.903   -1.555  1.00 55.01  ? 546 HOH A O   1 
HETATM 1661 O O   . HOH G 5 .   ? 5.109   -13.608 -2.583  1.00 68.40  ? 547 HOH A O   1 
HETATM 1662 O O   . HOH G 5 .   ? -15.228 0.475   1.165   1.00 59.15  ? 548 HOH A O   1 
HETATM 1663 O O   . HOH G 5 .   ? 7.624   -11.502 0.122   1.00 55.77  ? 549 HOH A O   1 
HETATM 1664 O O   . HOH G 5 .   ? 1.786   -13.144 -3.600  1.00 66.50  ? 550 HOH A O   1 
HETATM 1665 O O   . HOH G 5 .   ? 3.009   -13.388 16.664  1.00 79.52  ? 551 HOH A O   1 
HETATM 1666 O O   . HOH G 5 .   ? 12.348  7.272   -8.783  1.00 44.63  ? 552 HOH A O   1 
HETATM 1667 O O   . HOH G 5 .   ? 4.984   10.306  -12.453 1.00 41.31  ? 553 HOH A O   1 
HETATM 1668 O O   . HOH G 5 .   ? 8.361   11.274  -12.756 1.00 55.72  ? 554 HOH A O   1 
HETATM 1669 O O   . HOH G 5 .   ? -7.144  0.639   17.072  1.00 47.09  ? 555 HOH A O   1 
HETATM 1670 O O   . HOH G 5 .   ? 2.716   -10.139 2.203   1.00 55.69  ? 556 HOH A O   1 
HETATM 1671 O O   . HOH G 5 .   ? -11.291 -1.657  19.754  1.00 55.89  ? 557 HOH A O   1 
HETATM 1672 O O   . HOH G 5 .   ? 14.111  5.958   -10.286 1.00 57.58  ? 558 HOH A O   1 
HETATM 1673 O O   . HOH G 5 .   ? -13.553 3.958   4.172   1.00 53.59  ? 559 HOH A O   1 
HETATM 1674 O O   . HOH G 5 .   ? 5.047   8.904   -15.107 1.00 37.27  ? 560 HOH A O   1 
HETATM 1675 O O   . HOH G 5 .   ? 9.327   9.795   -14.743 1.00 43.81  ? 561 HOH A O   1 
# 
loop_
_pdbx_poly_seq_scheme.asym_id 
_pdbx_poly_seq_scheme.entity_id 
_pdbx_poly_seq_scheme.seq_id 
_pdbx_poly_seq_scheme.mon_id 
_pdbx_poly_seq_scheme.ndb_seq_num 
_pdbx_poly_seq_scheme.pdb_seq_num 
_pdbx_poly_seq_scheme.auth_seq_num 
_pdbx_poly_seq_scheme.pdb_mon_id 
_pdbx_poly_seq_scheme.auth_mon_id 
_pdbx_poly_seq_scheme.pdb_strand_id 
_pdbx_poly_seq_scheme.pdb_ins_code 
_pdbx_poly_seq_scheme.hetero 
A 1 1   SER 1   15  15  SER SER A . n 
A 1 2   MET 2   16  16  MET MET A . n 
A 1 3   LEU 3   17  17  LEU LEU A . n 
A 1 4   ASP 4   18  18  ASP ASP A . n 
A 1 5   ASP 5   19  19  ASP ASP A . n 
A 1 6   ALA 6   20  20  ALA ALA A . n 
A 1 7   LYS 7   21  21  LYS LYS A . n 
A 1 8   ALA 8   22  22  ALA ALA A . n 
A 1 9   ARG 9   23  23  ARG ARG A . n 
A 1 10  LEU 10  24  24  LEU LEU A . n 
A 1 11  ARG 11  25  25  ARG ARG A . n 
A 1 12  LYS 12  26  26  LYS LYS A . n 
A 1 13  TYR 13  27  27  TYR TYR A . n 
A 1 14  ASP 14  28  28  ASP ASP A . n 
A 1 15  ILE 15  29  29  ILE ILE A . n 
A 1 16  GLY 16  30  30  GLY GLY A . n 
A 1 17  GLY 17  31  31  GLY GLY A . n 
A 1 18  LYS 18  32  32  LYS LYS A . n 
A 1 19  TYR 19  33  33  TYR TYR A . n 
A 1 20  SER 20  34  34  SER SER A . n 
A 1 21  HIS 21  35  35  HIS HIS A . n 
A 1 22  LEU 22  36  36  LEU LEU A . n 
A 1 23  PRO 23  37  37  PRO PRO A . n 
A 1 24  TYR 24  38  38  TYR TYR A . n 
A 1 25  ASN 25  39  39  ASN ASN A . n 
A 1 26  LYS 26  40  40  LYS LYS A . n 
A 1 27  TYR 27  41  41  TYR TYR A . n 
A 1 28  SER 28  42  42  SER SER A . n 
A 1 29  VAL 29  43  43  VAL VAL A . n 
A 1 30  LEU 30  44  44  LEU LEU A . n 
A 1 31  LEU 31  45  45  LEU LEU A . n 
A 1 32  PRO 32  46  46  PRO PRO A . n 
A 1 33  LEU 33  47  47  LEU LEU A . n 
A 1 34  VAL 34  48  48  VAL VAL A . n 
A 1 35  ALA 35  49  49  ALA ALA A . n 
A 1 36  LYS 36  50  50  LYS LYS A . n 
A 1 37  GLU 37  51  51  GLU GLU A . n 
A 1 38  GLY 38  52  52  GLY GLY A . n 
A 1 39  LYS 39  53  53  LYS LYS A . n 
A 1 40  LEU 40  54  54  LEU LEU A . n 
A 1 41  HIS 41  55  55  HIS HIS A . n 
A 1 42  LEU 42  56  56  LEU LEU A . n 
A 1 43  LEU 43  57  57  LEU LEU A . n 
A 1 44  PHE 44  58  58  PHE PHE A . n 
A 1 45  THR 45  59  59  THR THR A . n 
A 1 46  VAL 46  60  60  VAL VAL A . n 
A 1 47  ARG 47  61  61  ARG ARG A . n 
A 1 48  SER 48  62  62  SER SER A . n 
A 1 49  GLU 49  63  63  GLU GLU A . n 
A 1 50  LYS 50  64  64  LYS LYS A . n 
A 1 51  LEU 51  65  65  LEU LEU A . n 
A 1 52  ARG 52  66  66  ARG ARG A . n 
A 1 53  ARG 53  67  67  ARG ARG A . n 
A 1 54  ALA 54  68  68  ALA ALA A . n 
A 1 55  PRO 55  69  69  PRO PRO A . n 
A 1 56  GLY 56  70  70  GLY GLY A . n 
A 1 57  GLU 57  71  71  GLU GLU A . n 
A 1 58  VAL 58  72  72  VAL VAL A . n 
A 1 59  CYS 59  73  73  CYS CYS A . n 
A 1 60  PHE 60  74  74  PHE PHE A . n 
A 1 61  PRO 61  75  75  PRO PRO A . n 
A 1 62  GLY 62  76  76  GLY GLY A . n 
A 1 63  GLY 63  77  77  GLY GLY A . n 
A 1 64  LYS 64  78  78  LYS LYS A . n 
A 1 65  ARG 65  79  79  ARG ARG A . n 
A 1 66  ASP 66  80  80  ASP ASP A . n 
A 1 67  PRO 67  81  81  PRO PRO A . n 
A 1 68  THR 68  82  82  THR THR A . n 
A 1 69  ASP 69  83  83  ASP ASP A . n 
A 1 70  MET 70  84  84  MET MET A . n 
A 1 71  ASP 71  85  85  ASP ASP A . n 
A 1 72  ASP 72  86  86  ASP ASP A . n 
A 1 73  ALA 73  87  87  ALA ALA A . n 
A 1 74  ALA 74  88  88  ALA ALA A . n 
A 1 75  THR 75  89  89  THR THR A . n 
A 1 76  ALA 76  90  90  ALA ALA A . n 
A 1 77  LEU 77  91  91  LEU LEU A . n 
A 1 78  ARG 78  92  92  ARG ARG A . n 
A 1 79  GLU 79  93  93  GLU GLU A . n 
A 1 80  ALA 80  94  94  ALA ALA A . n 
A 1 81  GLN 81  95  95  GLN GLN A . n 
A 1 82  GLU 82  96  96  GLU GLU A . n 
A 1 83  GLU 83  97  97  GLU GLU A . n 
A 1 84  VAL 84  98  98  VAL VAL A . n 
A 1 85  GLY 85  99  99  GLY GLY A . n 
A 1 86  LEU 86  100 100 LEU LEU A . n 
A 1 87  ARG 87  101 101 ARG ARG A . n 
A 1 88  HYP 88  102 102 HYP HYP A . n 
A 1 89  HIS 89  103 103 HIS HIS A . n 
A 1 90  GLN 90  104 104 GLN GLN A . n 
A 1 91  VAL 91  105 105 VAL VAL A . n 
A 1 92  GLU 92  106 106 GLU GLU A . n 
A 1 93  VAL 93  107 107 VAL VAL A . n 
A 1 94  VAL 94  108 108 VAL VAL A . n 
A 1 95  CSO 95  109 109 CSO CSO A . n 
A 1 96  CYS 96  110 110 CYS CYS A . n 
A 1 97  LEU 97  111 111 LEU LEU A . n 
A 1 98  VAL 98  112 112 VAL VAL A . n 
A 1 99  PRO 99  113 113 PRO PRO A . n 
A 1 100 CYS 100 114 114 CYS CYS A . n 
A 1 101 LEU 101 115 115 LEU LEU A . n 
A 1 102 ILE 102 116 116 ILE ILE A . n 
A 1 103 ASP 103 117 117 ASP ASP A . n 
A 1 104 THR 104 118 118 THR THR A . n 
A 1 105 ASP 105 119 119 ASP ASP A . n 
A 1 106 THR 106 120 120 THR THR A . n 
A 1 107 LEU 107 121 121 LEU LEU A . n 
A 1 108 ILE 108 122 122 ILE ILE A . n 
A 1 109 THR 109 123 123 THR THR A . n 
A 1 110 PRO 110 124 124 PRO PRO A . n 
A 1 111 PHE 111 125 125 PHE PHE A . n 
A 1 112 VAL 112 126 126 VAL VAL A . n 
A 1 113 GLY 113 127 127 GLY GLY A . n 
A 1 114 LEU 114 128 128 LEU LEU A . n 
A 1 115 ILE 115 129 129 ILE ILE A . n 
A 1 116 ASP 116 130 130 ASP ASP A . n 
A 1 117 HIS 117 131 131 HIS HIS A . n 
A 1 118 ASN 118 132 132 ASN ASN A . n 
A 1 119 PHE 119 133 133 PHE PHE A . n 
A 1 120 GLN 120 134 134 GLN GLN A . n 
A 1 121 ALA 121 135 135 ALA ALA A . n 
A 1 122 GLN 122 136 136 GLN GLN A . n 
A 1 123 PRO 123 137 137 PRO PRO A . n 
A 1 124 ASN 124 138 138 ASN ASN A . n 
A 1 125 PRO 125 139 139 PRO PRO A . n 
A 1 126 ALA 126 140 140 ALA ALA A . n 
A 1 127 GLU 127 141 141 GLU GLU A . n 
A 1 128 VAL 128 142 142 VAL VAL A . n 
A 1 129 LYS 129 143 143 LYS LYS A . n 
A 1 130 ASP 130 144 144 ASP ASP A . n 
A 1 131 VAL 131 145 145 VAL VAL A . n 
A 1 132 PHE 132 146 146 PHE PHE A . n 
A 1 133 LEU 133 147 147 LEU LEU A . n 
A 1 134 VAL 134 148 148 VAL VAL A . n 
A 1 135 PRO 135 149 149 PRO PRO A . n 
A 1 136 LEU 136 150 150 LEU LEU A . n 
A 1 137 ALA 137 151 151 ALA ALA A . n 
A 1 138 TYR 138 152 152 TYR TYR A . n 
A 1 139 PHE 139 153 153 PHE PHE A . n 
A 1 140 LEU 140 154 154 LEU LEU A . n 
A 1 141 HIS 141 155 155 HIS HIS A . n 
A 1 142 PRO 142 156 156 PRO PRO A . n 
A 1 143 GLN 143 157 157 GLN GLN A . n 
A 1 144 VAL 144 158 158 VAL VAL A . n 
A 1 145 HIS 145 159 159 HIS HIS A . n 
A 1 146 ASP 146 160 160 ASP ASP A . n 
A 1 147 GLN 147 161 161 GLN GLN A . n 
A 1 148 HIS 148 162 ?   ?   ?   A . n 
A 1 149 TYR 149 163 ?   ?   ?   A . n 
A 1 150 VAL 150 164 ?   ?   ?   A . n 
A 1 151 THR 151 165 ?   ?   ?   A . n 
A 1 152 ARG 152 166 ?   ?   ?   A . n 
A 1 153 LEU 153 167 ?   ?   ?   A . n 
A 1 154 GLY 154 168 ?   ?   ?   A . n 
A 1 155 HIS 155 169 ?   ?   ?   A . n 
A 1 156 ARG 156 170 ?   ?   ?   A . n 
A 1 157 PHE 157 171 ?   ?   ?   A . n 
A 1 158 ILE 158 172 172 ILE ILE A . n 
A 1 159 ASN 159 173 173 ASN ASN A . n 
A 1 160 HIS 160 174 174 HIS HIS A . n 
A 1 161 ILE 161 175 175 ILE ILE A . n 
A 1 162 PHE 162 176 176 PHE PHE A . n 
A 1 163 GLU 163 177 177 GLU GLU A . n 
A 1 164 TYR 164 178 178 TYR TYR A . n 
A 1 165 THR 165 179 179 THR THR A . n 
A 1 166 ASN 166 180 180 ASN ASN A . n 
A 1 167 PRO 167 181 181 PRO PRO A . n 
A 1 168 GLU 168 182 182 GLU GLU A . n 
A 1 169 ASP 169 183 183 ASP ASP A . n 
A 1 170 GLY 170 184 184 GLY GLY A . n 
A 1 171 VAL 171 185 185 VAL VAL A . n 
A 1 172 THR 172 186 186 THR THR A . n 
A 1 173 TYR 173 187 187 TYR TYR A . n 
A 1 174 GLN 174 188 188 GLN GLN A . n 
A 1 175 ILE 175 189 189 ILE ILE A . n 
A 1 176 LYS 176 190 190 LYS LYS A . n 
A 1 177 GLY 177 191 191 GLY GLY A . n 
A 1 178 MET 178 192 192 MET MET A . n 
A 1 179 THR 179 193 193 THR THR A . n 
A 1 180 ALA 180 194 194 ALA ALA A . n 
A 1 181 ASN 181 195 195 ASN ASN A . n 
A 1 182 LEU 182 196 196 LEU LEU A . n 
A 1 183 ALA 183 197 197 ALA ALA A . n 
A 1 184 VAL 184 198 198 VAL VAL A . n 
A 1 185 LEU 185 199 199 LEU LEU A . n 
A 1 186 VAL 186 200 200 VAL VAL A . n 
A 1 187 ALA 187 201 201 ALA ALA A . n 
A 1 188 PHE 188 202 202 PHE PHE A . n 
A 1 189 ILE 189 203 203 ILE ILE A . n 
A 1 190 ILE 190 204 204 ILE ILE A . n 
A 1 191 LEU 191 205 205 LEU LEU A . n 
A 1 192 GLU 192 206 206 GLU GLU A . n 
A 1 193 LYS 193 207 207 LYS LYS A . n 
A 1 194 LYS 194 208 208 LYS LYS A . n 
A 1 195 PRO 195 209 209 PRO PRO A . n 
A 1 196 THR 196 210 210 THR THR A . n 
# 
loop_
_pdbx_nonpoly_scheme.asym_id 
_pdbx_nonpoly_scheme.entity_id 
_pdbx_nonpoly_scheme.mon_id 
_pdbx_nonpoly_scheme.ndb_seq_num 
_pdbx_nonpoly_scheme.pdb_seq_num 
_pdbx_nonpoly_scheme.auth_seq_num 
_pdbx_nonpoly_scheme.pdb_mon_id 
_pdbx_nonpoly_scheme.auth_mon_id 
_pdbx_nonpoly_scheme.pdb_strand_id 
_pdbx_nonpoly_scheme.pdb_ins_code 
B 2 ACT 1   301 1   ACT ACT A . 
C 2 ACT 1   302 2   ACT ACT A . 
D 3 DMS 1   303 1   DMS DMS A . 
E 3 DMS 1   304 2   DMS DMS A . 
F 4 H3V 1   305 1   H3V LIG A . 
G 5 HOH 1   401 9   HOH HOH A . 
G 5 HOH 2   402 69  HOH HOH A . 
G 5 HOH 3   403 124 HOH HOH A . 
G 5 HOH 4   404 143 HOH HOH A . 
G 5 HOH 5   405 157 HOH HOH A . 
G 5 HOH 6   406 202 HOH HOH A . 
G 5 HOH 7   407 94  HOH HOH A . 
G 5 HOH 8   408 53  HOH HOH A . 
G 5 HOH 9   409 64  HOH HOH A . 
G 5 HOH 10  410 125 HOH HOH A . 
G 5 HOH 11  411 101 HOH HOH A . 
G 5 HOH 12  412 72  HOH HOH A . 
G 5 HOH 13  413 199 HOH HOH A . 
G 5 HOH 14  414 166 HOH HOH A . 
G 5 HOH 15  415 140 HOH HOH A . 
G 5 HOH 16  416 162 HOH HOH A . 
G 5 HOH 17  417 36  HOH HOH A . 
G 5 HOH 18  418 48  HOH HOH A . 
G 5 HOH 19  419 97  HOH HOH A . 
G 5 HOH 20  420 109 HOH HOH A . 
G 5 HOH 21  421 113 HOH HOH A . 
G 5 HOH 22  422 117 HOH HOH A . 
G 5 HOH 23  423 197 HOH HOH A . 
G 5 HOH 24  424 35  HOH HOH A . 
G 5 HOH 25  425 61  HOH HOH A . 
G 5 HOH 26  426 118 HOH HOH A . 
G 5 HOH 27  427 19  HOH HOH A . 
G 5 HOH 28  428 102 HOH HOH A . 
G 5 HOH 29  429 134 HOH HOH A . 
G 5 HOH 30  430 79  HOH HOH A . 
G 5 HOH 31  431 13  HOH HOH A . 
G 5 HOH 32  432 6   HOH HOH A . 
G 5 HOH 33  433 139 HOH HOH A . 
G 5 HOH 34  434 49  HOH HOH A . 
G 5 HOH 35  435 20  HOH HOH A . 
G 5 HOH 36  436 26  HOH HOH A . 
G 5 HOH 37  437 141 HOH HOH A . 
G 5 HOH 38  438 14  HOH HOH A . 
G 5 HOH 39  439 39  HOH HOH A . 
G 5 HOH 40  440 15  HOH HOH A . 
G 5 HOH 41  441 58  HOH HOH A . 
G 5 HOH 42  442 116 HOH HOH A . 
G 5 HOH 43  443 51  HOH HOH A . 
G 5 HOH 44  444 203 HOH HOH A . 
G 5 HOH 45  445 75  HOH HOH A . 
G 5 HOH 46  446 179 HOH HOH A . 
G 5 HOH 47  447 25  HOH HOH A . 
G 5 HOH 48  448 137 HOH HOH A . 
G 5 HOH 49  449 99  HOH HOH A . 
G 5 HOH 50  450 34  HOH HOH A . 
G 5 HOH 51  451 1   HOH HOH A . 
G 5 HOH 52  452 158 HOH HOH A . 
G 5 HOH 53  453 10  HOH HOH A . 
G 5 HOH 54  454 108 HOH HOH A . 
G 5 HOH 55  455 105 HOH HOH A . 
G 5 HOH 56  456 8   HOH HOH A . 
G 5 HOH 57  457 110 HOH HOH A . 
G 5 HOH 58  458 85  HOH HOH A . 
G 5 HOH 59  459 159 HOH HOH A . 
G 5 HOH 60  460 80  HOH HOH A . 
G 5 HOH 61  461 28  HOH HOH A . 
G 5 HOH 62  462 104 HOH HOH A . 
G 5 HOH 63  463 45  HOH HOH A . 
G 5 HOH 64  464 46  HOH HOH A . 
G 5 HOH 65  465 24  HOH HOH A . 
G 5 HOH 66  466 38  HOH HOH A . 
G 5 HOH 67  467 146 HOH HOH A . 
G 5 HOH 68  468 12  HOH HOH A . 
G 5 HOH 69  469 22  HOH HOH A . 
G 5 HOH 70  470 193 HOH HOH A . 
G 5 HOH 71  471 127 HOH HOH A . 
G 5 HOH 72  472 2   HOH HOH A . 
G 5 HOH 73  473 42  HOH HOH A . 
G 5 HOH 74  474 167 HOH HOH A . 
G 5 HOH 75  475 37  HOH HOH A . 
G 5 HOH 76  476 106 HOH HOH A . 
G 5 HOH 77  477 62  HOH HOH A . 
G 5 HOH 78  478 55  HOH HOH A . 
G 5 HOH 79  479 7   HOH HOH A . 
G 5 HOH 80  480 153 HOH HOH A . 
G 5 HOH 81  481 103 HOH HOH A . 
G 5 HOH 82  482 78  HOH HOH A . 
G 5 HOH 83  483 170 HOH HOH A . 
G 5 HOH 84  484 17  HOH HOH A . 
G 5 HOH 85  485 98  HOH HOH A . 
G 5 HOH 86  486 154 HOH HOH A . 
G 5 HOH 87  487 152 HOH HOH A . 
G 5 HOH 88  488 27  HOH HOH A . 
G 5 HOH 89  489 96  HOH HOH A . 
G 5 HOH 90  490 194 HOH HOH A . 
G 5 HOH 91  491 59  HOH HOH A . 
G 5 HOH 92  492 31  HOH HOH A . 
G 5 HOH 93  493 56  HOH HOH A . 
G 5 HOH 94  494 30  HOH HOH A . 
G 5 HOH 95  495 43  HOH HOH A . 
G 5 HOH 96  496 21  HOH HOH A . 
G 5 HOH 97  497 200 HOH HOH A . 
G 5 HOH 98  498 201 HOH HOH A . 
G 5 HOH 99  499 182 HOH HOH A . 
G 5 HOH 100 500 145 HOH HOH A . 
G 5 HOH 101 501 208 HOH HOH A . 
G 5 HOH 102 502 138 HOH HOH A . 
G 5 HOH 103 503 155 HOH HOH A . 
G 5 HOH 104 504 186 HOH HOH A . 
G 5 HOH 105 505 5   HOH HOH A . 
G 5 HOH 106 506 149 HOH HOH A . 
G 5 HOH 107 507 121 HOH HOH A . 
G 5 HOH 108 508 191 HOH HOH A . 
G 5 HOH 109 509 176 HOH HOH A . 
G 5 HOH 110 510 71  HOH HOH A . 
G 5 HOH 111 511 18  HOH HOH A . 
G 5 HOH 112 512 88  HOH HOH A . 
G 5 HOH 113 513 206 HOH HOH A . 
G 5 HOH 114 514 63  HOH HOH A . 
G 5 HOH 115 515 111 HOH HOH A . 
G 5 HOH 116 516 122 HOH HOH A . 
G 5 HOH 117 517 66  HOH HOH A . 
G 5 HOH 118 518 150 HOH HOH A . 
G 5 HOH 119 519 147 HOH HOH A . 
G 5 HOH 120 520 126 HOH HOH A . 
G 5 HOH 121 521 169 HOH HOH A . 
G 5 HOH 122 522 50  HOH HOH A . 
G 5 HOH 123 523 173 HOH HOH A . 
G 5 HOH 124 524 174 HOH HOH A . 
G 5 HOH 125 525 129 HOH HOH A . 
G 5 HOH 126 526 16  HOH HOH A . 
G 5 HOH 127 527 44  HOH HOH A . 
G 5 HOH 128 528 119 HOH HOH A . 
G 5 HOH 129 529 184 HOH HOH A . 
G 5 HOH 130 530 57  HOH HOH A . 
G 5 HOH 131 531 204 HOH HOH A . 
G 5 HOH 132 532 161 HOH HOH A . 
G 5 HOH 133 533 177 HOH HOH A . 
G 5 HOH 134 534 133 HOH HOH A . 
G 5 HOH 135 535 168 HOH HOH A . 
G 5 HOH 136 536 23  HOH HOH A . 
G 5 HOH 137 537 144 HOH HOH A . 
G 5 HOH 138 538 178 HOH HOH A . 
G 5 HOH 139 539 123 HOH HOH A . 
G 5 HOH 140 540 172 HOH HOH A . 
G 5 HOH 141 541 163 HOH HOH A . 
G 5 HOH 142 542 142 HOH HOH A . 
G 5 HOH 143 543 205 HOH HOH A . 
G 5 HOH 144 544 29  HOH HOH A . 
G 5 HOH 145 545 192 HOH HOH A . 
G 5 HOH 146 546 190 HOH HOH A . 
G 5 HOH 147 547 185 HOH HOH A . 
G 5 HOH 148 548 132 HOH HOH A . 
G 5 HOH 149 549 52  HOH HOH A . 
G 5 HOH 150 550 195 HOH HOH A . 
G 5 HOH 151 551 207 HOH HOH A . 
G 5 HOH 152 552 188 HOH HOH A . 
G 5 HOH 153 553 171 HOH HOH A . 
G 5 HOH 154 554 148 HOH HOH A . 
G 5 HOH 155 555 131 HOH HOH A . 
G 5 HOH 156 556 54  HOH HOH A . 
G 5 HOH 157 557 165 HOH HOH A . 
G 5 HOH 158 558 130 HOH HOH A . 
G 5 HOH 159 559 164 HOH HOH A . 
G 5 HOH 160 560 68  HOH HOH A . 
G 5 HOH 161 561 115 HOH HOH A . 
# 
loop_
_pdbx_struct_mod_residue.id 
_pdbx_struct_mod_residue.label_asym_id 
_pdbx_struct_mod_residue.label_comp_id 
_pdbx_struct_mod_residue.label_seq_id 
_pdbx_struct_mod_residue.auth_asym_id 
_pdbx_struct_mod_residue.auth_comp_id 
_pdbx_struct_mod_residue.auth_seq_id 
_pdbx_struct_mod_residue.PDB_ins_code 
_pdbx_struct_mod_residue.parent_comp_id 
_pdbx_struct_mod_residue.details 
1 A HYP 88 A HYP 102 ? PRO 'modified residue' 
2 A CSO 95 A CSO 109 ? CYS 'modified residue' 
# 
_pdbx_struct_assembly.id                   1 
_pdbx_struct_assembly.details              author_and_software_defined_assembly 
_pdbx_struct_assembly.method_details       PISA 
_pdbx_struct_assembly.oligomeric_details   monomeric 
_pdbx_struct_assembly.oligomeric_count     1 
# 
_pdbx_struct_assembly_gen.assembly_id       1 
_pdbx_struct_assembly_gen.oper_expression   1 
_pdbx_struct_assembly_gen.asym_id_list      A,B,C,D,E,F,G 
# 
loop_
_pdbx_struct_assembly_prop.biol_id 
_pdbx_struct_assembly_prop.type 
_pdbx_struct_assembly_prop.value 
_pdbx_struct_assembly_prop.details 
1 'ABSA (A^2)' 750   ? 
1 MORE         4     ? 
1 'SSA (A^2)'  10330 ? 
# 
_pdbx_struct_oper_list.id                   1 
_pdbx_struct_oper_list.type                 'identity operation' 
_pdbx_struct_oper_list.name                 1_555 
_pdbx_struct_oper_list.symmetry_operation   x,y,z 
_pdbx_struct_oper_list.matrix[1][1]         1.0000000000 
_pdbx_struct_oper_list.matrix[1][2]         0.0000000000 
_pdbx_struct_oper_list.matrix[1][3]         0.0000000000 
_pdbx_struct_oper_list.vector[1]            0.0000000000 
_pdbx_struct_oper_list.matrix[2][1]         0.0000000000 
_pdbx_struct_oper_list.matrix[2][2]         1.0000000000 
_pdbx_struct_oper_list.matrix[2][3]         0.0000000000 
_pdbx_struct_oper_list.vector[2]            0.0000000000 
_pdbx_struct_oper_list.matrix[3][1]         0.0000000000 
_pdbx_struct_oper_list.matrix[3][2]         0.0000000000 
_pdbx_struct_oper_list.matrix[3][3]         1.0000000000 
_pdbx_struct_oper_list.vector[3]            0.0000000000 
# 
loop_
_pdbx_audit_revision_history.ordinal 
_pdbx_audit_revision_history.data_content_type 
_pdbx_audit_revision_history.major_revision 
_pdbx_audit_revision_history.minor_revision 
_pdbx_audit_revision_history.revision_date 
1 'Structure model' 1 0 2019-03-27 
2 'Structure model' 1 1 2023-11-15 
# 
_pdbx_audit_revision_details.ordinal             1 
_pdbx_audit_revision_details.revision_ordinal    1 
_pdbx_audit_revision_details.data_content_type   'Structure model' 
_pdbx_audit_revision_details.provider            repository 
_pdbx_audit_revision_details.type                'Initial release' 
_pdbx_audit_revision_details.description         ? 
_pdbx_audit_revision_details.details             ? 
# 
loop_
_pdbx_audit_revision_group.ordinal 
_pdbx_audit_revision_group.revision_ordinal 
_pdbx_audit_revision_group.data_content_type 
_pdbx_audit_revision_group.group 
1 2 'Structure model' 'Data collection'     
2 2 'Structure model' 'Database references' 
# 
loop_
_pdbx_audit_revision_category.ordinal 
_pdbx_audit_revision_category.revision_ordinal 
_pdbx_audit_revision_category.data_content_type 
_pdbx_audit_revision_category.category 
1 2 'Structure model' chem_comp_atom 
2 2 'Structure model' chem_comp_bond 
3 2 'Structure model' database_2     
# 
loop_
_pdbx_audit_revision_item.ordinal 
_pdbx_audit_revision_item.revision_ordinal 
_pdbx_audit_revision_item.data_content_type 
_pdbx_audit_revision_item.item 
1 2 'Structure model' '_database_2.pdbx_DOI'                
2 2 'Structure model' '_database_2.pdbx_database_accession' 
# 
_phasing.method   MR 
# 
loop_
_software.pdbx_ordinal 
_software.name 
_software.version 
_software.date 
_software.type 
_software.contact_author 
_software.contact_author_email 
_software.classification 
_software.location 
_software.language 
_software.citation_id 
1 REFMAC      5.8.0189 ?               program 'Garib N. Murshudov' garib@ysbl.york.ac.uk    refinement        
http://www.ccp4.ac.uk/dist/html/refmac5.html        Fortran_77 ? 
2 Aimless     0.5.32   29/03/17        program 'Phil Evans'         ?                        'data scaling'    
http://www.mrc-lmb.cam.ac.uk/harry/pre/aimless.html ?          ? 
3 PDB_EXTRACT 3.23     'SEP. 23, 2016' package PDB                  deposit@deposit.rcsb.org 'data extraction' 
http://sw-tools.pdb.org/apps/PDB_EXTRACT/           C++        ? 
4 XDS         .        ?               program ?                    ?                        'data reduction'  ? ?          ? 
5 REFMAC      .        ?               program ?                    ?                        phasing           ? ?          ? 
# 
_pdbx_validate_torsion.id              1 
_pdbx_validate_torsion.PDB_model_num   1 
_pdbx_validate_torsion.auth_comp_id    THR 
_pdbx_validate_torsion.auth_asym_id    A 
_pdbx_validate_torsion.auth_seq_id     118 
_pdbx_validate_torsion.PDB_ins_code    ? 
_pdbx_validate_torsion.label_alt_id    ? 
_pdbx_validate_torsion.phi             73.01 
_pdbx_validate_torsion.psi             -20.33 
# 
loop_
_pdbx_unobs_or_zero_occ_atoms.id 
_pdbx_unobs_or_zero_occ_atoms.PDB_model_num 
_pdbx_unobs_or_zero_occ_atoms.polymer_flag 
_pdbx_unobs_or_zero_occ_atoms.occupancy_flag 
_pdbx_unobs_or_zero_occ_atoms.auth_asym_id 
_pdbx_unobs_or_zero_occ_atoms.auth_comp_id 
_pdbx_unobs_or_zero_occ_atoms.auth_seq_id 
_pdbx_unobs_or_zero_occ_atoms.PDB_ins_code 
_pdbx_unobs_or_zero_occ_atoms.auth_atom_id 
_pdbx_unobs_or_zero_occ_atoms.label_alt_id 
_pdbx_unobs_or_zero_occ_atoms.label_asym_id 
_pdbx_unobs_or_zero_occ_atoms.label_comp_id 
_pdbx_unobs_or_zero_occ_atoms.label_seq_id 
_pdbx_unobs_or_zero_occ_atoms.label_atom_id 
1 1 Y 1 A GLN 161 ? CG  ? A GLN 147 CG  
2 1 Y 1 A GLN 161 ? CD  ? A GLN 147 CD  
3 1 Y 1 A GLN 161 ? OE1 ? A GLN 147 OE1 
4 1 Y 1 A GLN 161 ? NE2 ? A GLN 147 NE2 
# 
loop_
_pdbx_unobs_or_zero_occ_residues.id 
_pdbx_unobs_or_zero_occ_residues.PDB_model_num 
_pdbx_unobs_or_zero_occ_residues.polymer_flag 
_pdbx_unobs_or_zero_occ_residues.occupancy_flag 
_pdbx_unobs_or_zero_occ_residues.auth_asym_id 
_pdbx_unobs_or_zero_occ_residues.auth_comp_id 
_pdbx_unobs_or_zero_occ_residues.auth_seq_id 
_pdbx_unobs_or_zero_occ_residues.PDB_ins_code 
_pdbx_unobs_or_zero_occ_residues.label_asym_id 
_pdbx_unobs_or_zero_occ_residues.label_comp_id 
_pdbx_unobs_or_zero_occ_residues.label_seq_id 
1  1 Y 1 A HIS 162 ? A HIS 148 
2  1 Y 1 A TYR 163 ? A TYR 149 
3  1 Y 1 A VAL 164 ? A VAL 150 
4  1 Y 1 A THR 165 ? A THR 151 
5  1 Y 1 A ARG 166 ? A ARG 152 
6  1 Y 1 A LEU 167 ? A LEU 153 
7  1 Y 1 A GLY 168 ? A GLY 154 
8  1 Y 1 A HIS 169 ? A HIS 155 
9  1 Y 1 A ARG 170 ? A ARG 156 
10 1 Y 1 A PHE 171 ? A PHE 157 
# 
loop_
_chem_comp_atom.comp_id 
_chem_comp_atom.atom_id 
_chem_comp_atom.type_symbol 
_chem_comp_atom.pdbx_aromatic_flag 
_chem_comp_atom.pdbx_stereo_config 
_chem_comp_atom.pdbx_ordinal 
ACT C    C N N 1   
ACT O    O N N 2   
ACT OXT  O N N 3   
ACT CH3  C N N 4   
ACT H1   H N N 5   
ACT H2   H N N 6   
ACT H3   H N N 7   
ALA N    N N N 8   
ALA CA   C N S 9   
ALA C    C N N 10  
ALA O    O N N 11  
ALA CB   C N N 12  
ALA OXT  O N N 13  
ALA H    H N N 14  
ALA H2   H N N 15  
ALA HA   H N N 16  
ALA HB1  H N N 17  
ALA HB2  H N N 18  
ALA HB3  H N N 19  
ALA HXT  H N N 20  
ARG N    N N N 21  
ARG CA   C N S 22  
ARG C    C N N 23  
ARG O    O N N 24  
ARG CB   C N N 25  
ARG CG   C N N 26  
ARG CD   C N N 27  
ARG NE   N N N 28  
ARG CZ   C N N 29  
ARG NH1  N N N 30  
ARG NH2  N N N 31  
ARG OXT  O N N 32  
ARG H    H N N 33  
ARG H2   H N N 34  
ARG HA   H N N 35  
ARG HB2  H N N 36  
ARG HB3  H N N 37  
ARG HG2  H N N 38  
ARG HG3  H N N 39  
ARG HD2  H N N 40  
ARG HD3  H N N 41  
ARG HE   H N N 42  
ARG HH11 H N N 43  
ARG HH12 H N N 44  
ARG HH21 H N N 45  
ARG HH22 H N N 46  
ARG HXT  H N N 47  
ASN N    N N N 48  
ASN CA   C N S 49  
ASN C    C N N 50  
ASN O    O N N 51  
ASN CB   C N N 52  
ASN CG   C N N 53  
ASN OD1  O N N 54  
ASN ND2  N N N 55  
ASN OXT  O N N 56  
ASN H    H N N 57  
ASN H2   H N N 58  
ASN HA   H N N 59  
ASN HB2  H N N 60  
ASN HB3  H N N 61  
ASN HD21 H N N 62  
ASN HD22 H N N 63  
ASN HXT  H N N 64  
ASP N    N N N 65  
ASP CA   C N S 66  
ASP C    C N N 67  
ASP O    O N N 68  
ASP CB   C N N 69  
ASP CG   C N N 70  
ASP OD1  O N N 71  
ASP OD2  O N N 72  
ASP OXT  O N N 73  
ASP H    H N N 74  
ASP H2   H N N 75  
ASP HA   H N N 76  
ASP HB2  H N N 77  
ASP HB3  H N N 78  
ASP HD2  H N N 79  
ASP HXT  H N N 80  
CSO N    N N N 81  
CSO CA   C N R 82  
CSO CB   C N N 83  
CSO SG   S N N 84  
CSO C    C N N 85  
CSO O    O N N 86  
CSO OXT  O N N 87  
CSO OD   O N N 88  
CSO H    H N N 89  
CSO H2   H N N 90  
CSO HA   H N N 91  
CSO HB2  H N N 92  
CSO HB3  H N N 93  
CSO HXT  H N N 94  
CSO HD   H N N 95  
CYS N    N N N 96  
CYS CA   C N R 97  
CYS C    C N N 98  
CYS O    O N N 99  
CYS CB   C N N 100 
CYS SG   S N N 101 
CYS OXT  O N N 102 
CYS H    H N N 103 
CYS H2   H N N 104 
CYS HA   H N N 105 
CYS HB2  H N N 106 
CYS HB3  H N N 107 
CYS HG   H N N 108 
CYS HXT  H N N 109 
DMS S    S N N 110 
DMS O    O N N 111 
DMS C1   C N N 112 
DMS C2   C N N 113 
DMS H11  H N N 114 
DMS H12  H N N 115 
DMS H13  H N N 116 
DMS H21  H N N 117 
DMS H22  H N N 118 
DMS H23  H N N 119 
GLN N    N N N 120 
GLN CA   C N S 121 
GLN C    C N N 122 
GLN O    O N N 123 
GLN CB   C N N 124 
GLN CG   C N N 125 
GLN CD   C N N 126 
GLN OE1  O N N 127 
GLN NE2  N N N 128 
GLN OXT  O N N 129 
GLN H    H N N 130 
GLN H2   H N N 131 
GLN HA   H N N 132 
GLN HB2  H N N 133 
GLN HB3  H N N 134 
GLN HG2  H N N 135 
GLN HG3  H N N 136 
GLN HE21 H N N 137 
GLN HE22 H N N 138 
GLN HXT  H N N 139 
GLU N    N N N 140 
GLU CA   C N S 141 
GLU C    C N N 142 
GLU O    O N N 143 
GLU CB   C N N 144 
GLU CG   C N N 145 
GLU CD   C N N 146 
GLU OE1  O N N 147 
GLU OE2  O N N 148 
GLU OXT  O N N 149 
GLU H    H N N 150 
GLU H2   H N N 151 
GLU HA   H N N 152 
GLU HB2  H N N 153 
GLU HB3  H N N 154 
GLU HG2  H N N 155 
GLU HG3  H N N 156 
GLU HE2  H N N 157 
GLU HXT  H N N 158 
GLY N    N N N 159 
GLY CA   C N N 160 
GLY C    C N N 161 
GLY O    O N N 162 
GLY OXT  O N N 163 
GLY H    H N N 164 
GLY H2   H N N 165 
GLY HA2  H N N 166 
GLY HA3  H N N 167 
GLY HXT  H N N 168 
H3V N1   N N N 169 
H3V C4   C Y N 170 
H3V C5   C Y N 171 
H3V C6   C Y N 172 
H3V C7   C Y N 173 
H3V C8   C Y N 174 
H3V C10  C Y N 175 
H3V C1   C N N 176 
H3V C2   C N N 177 
H3V C3   C Y N 178 
H3V O1   O Y N 179 
H3V N2   N Y N 180 
H3V O2   O N N 181 
H3V C9   C Y N 182 
H3V C11  C Y N 183 
H3V H1   H N N 184 
H3V H2   H N N 185 
H3V H3   H N N 186 
H3V H4   H N N 187 
H3V H5   H N N 188 
H3V H6   H N N 189 
H3V H7   H N N 190 
H3V H8   H N N 191 
H3V H9   H N N 192 
H3V H10  H N N 193 
HIS N    N N N 194 
HIS CA   C N S 195 
HIS C    C N N 196 
HIS O    O N N 197 
HIS CB   C N N 198 
HIS CG   C Y N 199 
HIS ND1  N Y N 200 
HIS CD2  C Y N 201 
HIS CE1  C Y N 202 
HIS NE2  N Y N 203 
HIS OXT  O N N 204 
HIS H    H N N 205 
HIS H2   H N N 206 
HIS HA   H N N 207 
HIS HB2  H N N 208 
HIS HB3  H N N 209 
HIS HD1  H N N 210 
HIS HD2  H N N 211 
HIS HE1  H N N 212 
HIS HE2  H N N 213 
HIS HXT  H N N 214 
HOH O    O N N 215 
HOH H1   H N N 216 
HOH H2   H N N 217 
HYP N    N N N 218 
HYP CA   C N S 219 
HYP C    C N N 220 
HYP O    O N N 221 
HYP CB   C N N 222 
HYP CG   C N R 223 
HYP CD   C N N 224 
HYP OD1  O N N 225 
HYP OXT  O N N 226 
HYP H    H N N 227 
HYP HA   H N N 228 
HYP HB2  H N N 229 
HYP HB3  H N N 230 
HYP HG   H N N 231 
HYP HD22 H N N 232 
HYP HD23 H N N 233 
HYP HD1  H N N 234 
HYP HXT  H N N 235 
ILE N    N N N 236 
ILE CA   C N S 237 
ILE C    C N N 238 
ILE O    O N N 239 
ILE CB   C N S 240 
ILE CG1  C N N 241 
ILE CG2  C N N 242 
ILE CD1  C N N 243 
ILE OXT  O N N 244 
ILE H    H N N 245 
ILE H2   H N N 246 
ILE HA   H N N 247 
ILE HB   H N N 248 
ILE HG12 H N N 249 
ILE HG13 H N N 250 
ILE HG21 H N N 251 
ILE HG22 H N N 252 
ILE HG23 H N N 253 
ILE HD11 H N N 254 
ILE HD12 H N N 255 
ILE HD13 H N N 256 
ILE HXT  H N N 257 
LEU N    N N N 258 
LEU CA   C N S 259 
LEU C    C N N 260 
LEU O    O N N 261 
LEU CB   C N N 262 
LEU CG   C N N 263 
LEU CD1  C N N 264 
LEU CD2  C N N 265 
LEU OXT  O N N 266 
LEU H    H N N 267 
LEU H2   H N N 268 
LEU HA   H N N 269 
LEU HB2  H N N 270 
LEU HB3  H N N 271 
LEU HG   H N N 272 
LEU HD11 H N N 273 
LEU HD12 H N N 274 
LEU HD13 H N N 275 
LEU HD21 H N N 276 
LEU HD22 H N N 277 
LEU HD23 H N N 278 
LEU HXT  H N N 279 
LYS N    N N N 280 
LYS CA   C N S 281 
LYS C    C N N 282 
LYS O    O N N 283 
LYS CB   C N N 284 
LYS CG   C N N 285 
LYS CD   C N N 286 
LYS CE   C N N 287 
LYS NZ   N N N 288 
LYS OXT  O N N 289 
LYS H    H N N 290 
LYS H2   H N N 291 
LYS HA   H N N 292 
LYS HB2  H N N 293 
LYS HB3  H N N 294 
LYS HG2  H N N 295 
LYS HG3  H N N 296 
LYS HD2  H N N 297 
LYS HD3  H N N 298 
LYS HE2  H N N 299 
LYS HE3  H N N 300 
LYS HZ1  H N N 301 
LYS HZ2  H N N 302 
LYS HZ3  H N N 303 
LYS HXT  H N N 304 
MET N    N N N 305 
MET CA   C N S 306 
MET C    C N N 307 
MET O    O N N 308 
MET CB   C N N 309 
MET CG   C N N 310 
MET SD   S N N 311 
MET CE   C N N 312 
MET OXT  O N N 313 
MET H    H N N 314 
MET H2   H N N 315 
MET HA   H N N 316 
MET HB2  H N N 317 
MET HB3  H N N 318 
MET HG2  H N N 319 
MET HG3  H N N 320 
MET HE1  H N N 321 
MET HE2  H N N 322 
MET HE3  H N N 323 
MET HXT  H N N 324 
PHE N    N N N 325 
PHE CA   C N S 326 
PHE C    C N N 327 
PHE O    O N N 328 
PHE CB   C N N 329 
PHE CG   C Y N 330 
PHE CD1  C Y N 331 
PHE CD2  C Y N 332 
PHE CE1  C Y N 333 
PHE CE2  C Y N 334 
PHE CZ   C Y N 335 
PHE OXT  O N N 336 
PHE H    H N N 337 
PHE H2   H N N 338 
PHE HA   H N N 339 
PHE HB2  H N N 340 
PHE HB3  H N N 341 
PHE HD1  H N N 342 
PHE HD2  H N N 343 
PHE HE1  H N N 344 
PHE HE2  H N N 345 
PHE HZ   H N N 346 
PHE HXT  H N N 347 
PRO N    N N N 348 
PRO CA   C N S 349 
PRO C    C N N 350 
PRO O    O N N 351 
PRO CB   C N N 352 
PRO CG   C N N 353 
PRO CD   C N N 354 
PRO OXT  O N N 355 
PRO H    H N N 356 
PRO HA   H N N 357 
PRO HB2  H N N 358 
PRO HB3  H N N 359 
PRO HG2  H N N 360 
PRO HG3  H N N 361 
PRO HD2  H N N 362 
PRO HD3  H N N 363 
PRO HXT  H N N 364 
SER N    N N N 365 
SER CA   C N S 366 
SER C    C N N 367 
SER O    O N N 368 
SER CB   C N N 369 
SER OG   O N N 370 
SER OXT  O N N 371 
SER H    H N N 372 
SER H2   H N N 373 
SER HA   H N N 374 
SER HB2  H N N 375 
SER HB3  H N N 376 
SER HG   H N N 377 
SER HXT  H N N 378 
THR N    N N N 379 
THR CA   C N S 380 
THR C    C N N 381 
THR O    O N N 382 
THR CB   C N R 383 
THR OG1  O N N 384 
THR CG2  C N N 385 
THR OXT  O N N 386 
THR H    H N N 387 
THR H2   H N N 388 
THR HA   H N N 389 
THR HB   H N N 390 
THR HG1  H N N 391 
THR HG21 H N N 392 
THR HG22 H N N 393 
THR HG23 H N N 394 
THR HXT  H N N 395 
TYR N    N N N 396 
TYR CA   C N S 397 
TYR C    C N N 398 
TYR O    O N N 399 
TYR CB   C N N 400 
TYR CG   C Y N 401 
TYR CD1  C Y N 402 
TYR CD2  C Y N 403 
TYR CE1  C Y N 404 
TYR CE2  C Y N 405 
TYR CZ   C Y N 406 
TYR OH   O N N 407 
TYR OXT  O N N 408 
TYR H    H N N 409 
TYR H2   H N N 410 
TYR HA   H N N 411 
TYR HB2  H N N 412 
TYR HB3  H N N 413 
TYR HD1  H N N 414 
TYR HD2  H N N 415 
TYR HE1  H N N 416 
TYR HE2  H N N 417 
TYR HH   H N N 418 
TYR HXT  H N N 419 
VAL N    N N N 420 
VAL CA   C N S 421 
VAL C    C N N 422 
VAL O    O N N 423 
VAL CB   C N N 424 
VAL CG1  C N N 425 
VAL CG2  C N N 426 
VAL OXT  O N N 427 
VAL H    H N N 428 
VAL H2   H N N 429 
VAL HA   H N N 430 
VAL HB   H N N 431 
VAL HG11 H N N 432 
VAL HG12 H N N 433 
VAL HG13 H N N 434 
VAL HG21 H N N 435 
VAL HG22 H N N 436 
VAL HG23 H N N 437 
VAL HXT  H N N 438 
# 
loop_
_chem_comp_bond.comp_id 
_chem_comp_bond.atom_id_1 
_chem_comp_bond.atom_id_2 
_chem_comp_bond.value_order 
_chem_comp_bond.pdbx_aromatic_flag 
_chem_comp_bond.pdbx_stereo_config 
_chem_comp_bond.pdbx_ordinal 
ACT C   O    doub N N 1   
ACT C   OXT  sing N N 2   
ACT C   CH3  sing N N 3   
ACT CH3 H1   sing N N 4   
ACT CH3 H2   sing N N 5   
ACT CH3 H3   sing N N 6   
ALA N   CA   sing N N 7   
ALA N   H    sing N N 8   
ALA N   H2   sing N N 9   
ALA CA  C    sing N N 10  
ALA CA  CB   sing N N 11  
ALA CA  HA   sing N N 12  
ALA C   O    doub N N 13  
ALA C   OXT  sing N N 14  
ALA CB  HB1  sing N N 15  
ALA CB  HB2  sing N N 16  
ALA CB  HB3  sing N N 17  
ALA OXT HXT  sing N N 18  
ARG N   CA   sing N N 19  
ARG N   H    sing N N 20  
ARG N   H2   sing N N 21  
ARG CA  C    sing N N 22  
ARG CA  CB   sing N N 23  
ARG CA  HA   sing N N 24  
ARG C   O    doub N N 25  
ARG C   OXT  sing N N 26  
ARG CB  CG   sing N N 27  
ARG CB  HB2  sing N N 28  
ARG CB  HB3  sing N N 29  
ARG CG  CD   sing N N 30  
ARG CG  HG2  sing N N 31  
ARG CG  HG3  sing N N 32  
ARG CD  NE   sing N N 33  
ARG CD  HD2  sing N N 34  
ARG CD  HD3  sing N N 35  
ARG NE  CZ   sing N N 36  
ARG NE  HE   sing N N 37  
ARG CZ  NH1  sing N N 38  
ARG CZ  NH2  doub N N 39  
ARG NH1 HH11 sing N N 40  
ARG NH1 HH12 sing N N 41  
ARG NH2 HH21 sing N N 42  
ARG NH2 HH22 sing N N 43  
ARG OXT HXT  sing N N 44  
ASN N   CA   sing N N 45  
ASN N   H    sing N N 46  
ASN N   H2   sing N N 47  
ASN CA  C    sing N N 48  
ASN CA  CB   sing N N 49  
ASN CA  HA   sing N N 50  
ASN C   O    doub N N 51  
ASN C   OXT  sing N N 52  
ASN CB  CG   sing N N 53  
ASN CB  HB2  sing N N 54  
ASN CB  HB3  sing N N 55  
ASN CG  OD1  doub N N 56  
ASN CG  ND2  sing N N 57  
ASN ND2 HD21 sing N N 58  
ASN ND2 HD22 sing N N 59  
ASN OXT HXT  sing N N 60  
ASP N   CA   sing N N 61  
ASP N   H    sing N N 62  
ASP N   H2   sing N N 63  
ASP CA  C    sing N N 64  
ASP CA  CB   sing N N 65  
ASP CA  HA   sing N N 66  
ASP C   O    doub N N 67  
ASP C   OXT  sing N N 68  
ASP CB  CG   sing N N 69  
ASP CB  HB2  sing N N 70  
ASP CB  HB3  sing N N 71  
ASP CG  OD1  doub N N 72  
ASP CG  OD2  sing N N 73  
ASP OD2 HD2  sing N N 74  
ASP OXT HXT  sing N N 75  
CSO N   CA   sing N N 76  
CSO N   H    sing N N 77  
CSO N   H2   sing N N 78  
CSO CA  CB   sing N N 79  
CSO CA  C    sing N N 80  
CSO CA  HA   sing N N 81  
CSO CB  SG   sing N N 82  
CSO CB  HB2  sing N N 83  
CSO CB  HB3  sing N N 84  
CSO SG  OD   sing N N 85  
CSO C   O    doub N N 86  
CSO C   OXT  sing N N 87  
CSO OXT HXT  sing N N 88  
CSO OD  HD   sing N N 89  
CYS N   CA   sing N N 90  
CYS N   H    sing N N 91  
CYS N   H2   sing N N 92  
CYS CA  C    sing N N 93  
CYS CA  CB   sing N N 94  
CYS CA  HA   sing N N 95  
CYS C   O    doub N N 96  
CYS C   OXT  sing N N 97  
CYS CB  SG   sing N N 98  
CYS CB  HB2  sing N N 99  
CYS CB  HB3  sing N N 100 
CYS SG  HG   sing N N 101 
CYS OXT HXT  sing N N 102 
DMS S   O    doub N N 103 
DMS S   C1   sing N N 104 
DMS S   C2   sing N N 105 
DMS C1  H11  sing N N 106 
DMS C1  H12  sing N N 107 
DMS C1  H13  sing N N 108 
DMS C2  H21  sing N N 109 
DMS C2  H22  sing N N 110 
DMS C2  H23  sing N N 111 
GLN N   CA   sing N N 112 
GLN N   H    sing N N 113 
GLN N   H2   sing N N 114 
GLN CA  C    sing N N 115 
GLN CA  CB   sing N N 116 
GLN CA  HA   sing N N 117 
GLN C   O    doub N N 118 
GLN C   OXT  sing N N 119 
GLN CB  CG   sing N N 120 
GLN CB  HB2  sing N N 121 
GLN CB  HB3  sing N N 122 
GLN CG  CD   sing N N 123 
GLN CG  HG2  sing N N 124 
GLN CG  HG3  sing N N 125 
GLN CD  OE1  doub N N 126 
GLN CD  NE2  sing N N 127 
GLN NE2 HE21 sing N N 128 
GLN NE2 HE22 sing N N 129 
GLN OXT HXT  sing N N 130 
GLU N   CA   sing N N 131 
GLU N   H    sing N N 132 
GLU N   H2   sing N N 133 
GLU CA  C    sing N N 134 
GLU CA  CB   sing N N 135 
GLU CA  HA   sing N N 136 
GLU C   O    doub N N 137 
GLU C   OXT  sing N N 138 
GLU CB  CG   sing N N 139 
GLU CB  HB2  sing N N 140 
GLU CB  HB3  sing N N 141 
GLU CG  CD   sing N N 142 
GLU CG  HG2  sing N N 143 
GLU CG  HG3  sing N N 144 
GLU CD  OE1  doub N N 145 
GLU CD  OE2  sing N N 146 
GLU OE2 HE2  sing N N 147 
GLU OXT HXT  sing N N 148 
GLY N   CA   sing N N 149 
GLY N   H    sing N N 150 
GLY N   H2   sing N N 151 
GLY CA  C    sing N N 152 
GLY CA  HA2  sing N N 153 
GLY CA  HA3  sing N N 154 
GLY C   O    doub N N 155 
GLY C   OXT  sing N N 156 
GLY OXT HXT  sing N N 157 
H3V C4  C5   doub Y N 158 
H3V C4  C3   sing Y N 159 
H3V C5  O1   sing Y N 160 
H3V C10 C11  doub Y N 161 
H3V C10 C9   sing Y N 162 
H3V C11 C6   sing Y N 163 
H3V O2  C2   doub N N 164 
H3V C3  N1   sing N N 165 
H3V C3  N2   doub Y N 166 
H3V C9  C8   doub Y N 167 
H3V O1  N2   sing Y N 168 
H3V C2  N1   sing N N 169 
H3V C2  C1   sing N N 170 
H3V C6  C1   sing N N 171 
H3V C6  C7   doub Y N 172 
H3V C8  C7   sing Y N 173 
H3V N1  H1   sing N N 174 
H3V C4  H2   sing N N 175 
H3V C5  H3   sing N N 176 
H3V C7  H4   sing N N 177 
H3V C8  H5   sing N N 178 
H3V C10 H6   sing N N 179 
H3V C1  H7   sing N N 180 
H3V C1  H8   sing N N 181 
H3V C9  H9   sing N N 182 
H3V C11 H10  sing N N 183 
HIS N   CA   sing N N 184 
HIS N   H    sing N N 185 
HIS N   H2   sing N N 186 
HIS CA  C    sing N N 187 
HIS CA  CB   sing N N 188 
HIS CA  HA   sing N N 189 
HIS C   O    doub N N 190 
HIS C   OXT  sing N N 191 
HIS CB  CG   sing N N 192 
HIS CB  HB2  sing N N 193 
HIS CB  HB3  sing N N 194 
HIS CG  ND1  sing Y N 195 
HIS CG  CD2  doub Y N 196 
HIS ND1 CE1  doub Y N 197 
HIS ND1 HD1  sing N N 198 
HIS CD2 NE2  sing Y N 199 
HIS CD2 HD2  sing N N 200 
HIS CE1 NE2  sing Y N 201 
HIS CE1 HE1  sing N N 202 
HIS NE2 HE2  sing N N 203 
HIS OXT HXT  sing N N 204 
HOH O   H1   sing N N 205 
HOH O   H2   sing N N 206 
HYP N   CA   sing N N 207 
HYP N   CD   sing N N 208 
HYP N   H    sing N N 209 
HYP CA  C    sing N N 210 
HYP CA  CB   sing N N 211 
HYP CA  HA   sing N N 212 
HYP C   O    doub N N 213 
HYP C   OXT  sing N N 214 
HYP CB  CG   sing N N 215 
HYP CB  HB2  sing N N 216 
HYP CB  HB3  sing N N 217 
HYP CG  CD   sing N N 218 
HYP CG  OD1  sing N N 219 
HYP CG  HG   sing N N 220 
HYP CD  HD22 sing N N 221 
HYP CD  HD23 sing N N 222 
HYP OD1 HD1  sing N N 223 
HYP OXT HXT  sing N N 224 
ILE N   CA   sing N N 225 
ILE N   H    sing N N 226 
ILE N   H2   sing N N 227 
ILE CA  C    sing N N 228 
ILE CA  CB   sing N N 229 
ILE CA  HA   sing N N 230 
ILE C   O    doub N N 231 
ILE C   OXT  sing N N 232 
ILE CB  CG1  sing N N 233 
ILE CB  CG2  sing N N 234 
ILE CB  HB   sing N N 235 
ILE CG1 CD1  sing N N 236 
ILE CG1 HG12 sing N N 237 
ILE CG1 HG13 sing N N 238 
ILE CG2 HG21 sing N N 239 
ILE CG2 HG22 sing N N 240 
ILE CG2 HG23 sing N N 241 
ILE CD1 HD11 sing N N 242 
ILE CD1 HD12 sing N N 243 
ILE CD1 HD13 sing N N 244 
ILE OXT HXT  sing N N 245 
LEU N   CA   sing N N 246 
LEU N   H    sing N N 247 
LEU N   H2   sing N N 248 
LEU CA  C    sing N N 249 
LEU CA  CB   sing N N 250 
LEU CA  HA   sing N N 251 
LEU C   O    doub N N 252 
LEU C   OXT  sing N N 253 
LEU CB  CG   sing N N 254 
LEU CB  HB2  sing N N 255 
LEU CB  HB3  sing N N 256 
LEU CG  CD1  sing N N 257 
LEU CG  CD2  sing N N 258 
LEU CG  HG   sing N N 259 
LEU CD1 HD11 sing N N 260 
LEU CD1 HD12 sing N N 261 
LEU CD1 HD13 sing N N 262 
LEU CD2 HD21 sing N N 263 
LEU CD2 HD22 sing N N 264 
LEU CD2 HD23 sing N N 265 
LEU OXT HXT  sing N N 266 
LYS N   CA   sing N N 267 
LYS N   H    sing N N 268 
LYS N   H2   sing N N 269 
LYS CA  C    sing N N 270 
LYS CA  CB   sing N N 271 
LYS CA  HA   sing N N 272 
LYS C   O    doub N N 273 
LYS C   OXT  sing N N 274 
LYS CB  CG   sing N N 275 
LYS CB  HB2  sing N N 276 
LYS CB  HB3  sing N N 277 
LYS CG  CD   sing N N 278 
LYS CG  HG2  sing N N 279 
LYS CG  HG3  sing N N 280 
LYS CD  CE   sing N N 281 
LYS CD  HD2  sing N N 282 
LYS CD  HD3  sing N N 283 
LYS CE  NZ   sing N N 284 
LYS CE  HE2  sing N N 285 
LYS CE  HE3  sing N N 286 
LYS NZ  HZ1  sing N N 287 
LYS NZ  HZ2  sing N N 288 
LYS NZ  HZ3  sing N N 289 
LYS OXT HXT  sing N N 290 
MET N   CA   sing N N 291 
MET N   H    sing N N 292 
MET N   H2   sing N N 293 
MET CA  C    sing N N 294 
MET CA  CB   sing N N 295 
MET CA  HA   sing N N 296 
MET C   O    doub N N 297 
MET C   OXT  sing N N 298 
MET CB  CG   sing N N 299 
MET CB  HB2  sing N N 300 
MET CB  HB3  sing N N 301 
MET CG  SD   sing N N 302 
MET CG  HG2  sing N N 303 
MET CG  HG3  sing N N 304 
MET SD  CE   sing N N 305 
MET CE  HE1  sing N N 306 
MET CE  HE2  sing N N 307 
MET CE  HE3  sing N N 308 
MET OXT HXT  sing N N 309 
PHE N   CA   sing N N 310 
PHE N   H    sing N N 311 
PHE N   H2   sing N N 312 
PHE CA  C    sing N N 313 
PHE CA  CB   sing N N 314 
PHE CA  HA   sing N N 315 
PHE C   O    doub N N 316 
PHE C   OXT  sing N N 317 
PHE CB  CG   sing N N 318 
PHE CB  HB2  sing N N 319 
PHE CB  HB3  sing N N 320 
PHE CG  CD1  doub Y N 321 
PHE CG  CD2  sing Y N 322 
PHE CD1 CE1  sing Y N 323 
PHE CD1 HD1  sing N N 324 
PHE CD2 CE2  doub Y N 325 
PHE CD2 HD2  sing N N 326 
PHE CE1 CZ   doub Y N 327 
PHE CE1 HE1  sing N N 328 
PHE CE2 CZ   sing Y N 329 
PHE CE2 HE2  sing N N 330 
PHE CZ  HZ   sing N N 331 
PHE OXT HXT  sing N N 332 
PRO N   CA   sing N N 333 
PRO N   CD   sing N N 334 
PRO N   H    sing N N 335 
PRO CA  C    sing N N 336 
PRO CA  CB   sing N N 337 
PRO CA  HA   sing N N 338 
PRO C   O    doub N N 339 
PRO C   OXT  sing N N 340 
PRO CB  CG   sing N N 341 
PRO CB  HB2  sing N N 342 
PRO CB  HB3  sing N N 343 
PRO CG  CD   sing N N 344 
PRO CG  HG2  sing N N 345 
PRO CG  HG3  sing N N 346 
PRO CD  HD2  sing N N 347 
PRO CD  HD3  sing N N 348 
PRO OXT HXT  sing N N 349 
SER N   CA   sing N N 350 
SER N   H    sing N N 351 
SER N   H2   sing N N 352 
SER CA  C    sing N N 353 
SER CA  CB   sing N N 354 
SER CA  HA   sing N N 355 
SER C   O    doub N N 356 
SER C   OXT  sing N N 357 
SER CB  OG   sing N N 358 
SER CB  HB2  sing N N 359 
SER CB  HB3  sing N N 360 
SER OG  HG   sing N N 361 
SER OXT HXT  sing N N 362 
THR N   CA   sing N N 363 
THR N   H    sing N N 364 
THR N   H2   sing N N 365 
THR CA  C    sing N N 366 
THR CA  CB   sing N N 367 
THR CA  HA   sing N N 368 
THR C   O    doub N N 369 
THR C   OXT  sing N N 370 
THR CB  OG1  sing N N 371 
THR CB  CG2  sing N N 372 
THR CB  HB   sing N N 373 
THR OG1 HG1  sing N N 374 
THR CG2 HG21 sing N N 375 
THR CG2 HG22 sing N N 376 
THR CG2 HG23 sing N N 377 
THR OXT HXT  sing N N 378 
TYR N   CA   sing N N 379 
TYR N   H    sing N N 380 
TYR N   H2   sing N N 381 
TYR CA  C    sing N N 382 
TYR CA  CB   sing N N 383 
TYR CA  HA   sing N N 384 
TYR C   O    doub N N 385 
TYR C   OXT  sing N N 386 
TYR CB  CG   sing N N 387 
TYR CB  HB2  sing N N 388 
TYR CB  HB3  sing N N 389 
TYR CG  CD1  doub Y N 390 
TYR CG  CD2  sing Y N 391 
TYR CD1 CE1  sing Y N 392 
TYR CD1 HD1  sing N N 393 
TYR CD2 CE2  doub Y N 394 
TYR CD2 HD2  sing N N 395 
TYR CE1 CZ   doub Y N 396 
TYR CE1 HE1  sing N N 397 
TYR CE2 CZ   sing Y N 398 
TYR CE2 HE2  sing N N 399 
TYR CZ  OH   sing N N 400 
TYR OH  HH   sing N N 401 
TYR OXT HXT  sing N N 402 
VAL N   CA   sing N N 403 
VAL N   H    sing N N 404 
VAL N   H2   sing N N 405 
VAL CA  C    sing N N 406 
VAL CA  CB   sing N N 407 
VAL CA  HA   sing N N 408 
VAL C   O    doub N N 409 
VAL C   OXT  sing N N 410 
VAL CB  CG1  sing N N 411 
VAL CB  CG2  sing N N 412 
VAL CB  HB   sing N N 413 
VAL CG1 HG11 sing N N 414 
VAL CG1 HG12 sing N N 415 
VAL CG1 HG13 sing N N 416 
VAL CG2 HG21 sing N N 417 
VAL CG2 HG22 sing N N 418 
VAL CG2 HG23 sing N N 419 
VAL OXT HXT  sing N N 420 
# 
_pdbx_deposit_group.group_id            G_1002045 
_pdbx_deposit_group.group_description   
;human NUDT7 screened against the 3D-Fragment Consortium Library by X-ray Crystallography at the XChem facility of Diamond Light Source beamline I04-1
;
_pdbx_deposit_group.group_title         'PanDDA analysis group deposition of models with modelled events (e.g. bound ligands)' 
_pdbx_deposit_group.group_type          'changed state' 
# 
loop_
_pdbx_entity_nonpoly.entity_id 
_pdbx_entity_nonpoly.name 
_pdbx_entity_nonpoly.comp_id 
2 'ACETATE ION'                           ACT 
3 'DIMETHYL SULFOXIDE'                    DMS 
4 'N-(1,2-oxazol-3-yl)-2-phenylacetamide' H3V 
5 water                                   HOH 
# 
_pdbx_related_exp_data_set.ordinal              1 
_pdbx_related_exp_data_set.data_reference       10.5281/zenodo.1244111 
_pdbx_related_exp_data_set.metadata_reference   10.5281/zenodo.1244111 
_pdbx_related_exp_data_set.data_set_type        'other data' 
_pdbx_related_exp_data_set.details              'Complete PanDDA analysis' 
# 
